data_8GH5
# 
_entry.id   8GH5 
# 
_audit_conform.dict_name       mmcif_pdbx.dic 
_audit_conform.dict_version    5.380 
_audit_conform.dict_location   http://mmcif.pdb.org/dictionaries/ascii/mmcif_pdbx.dic 
# 
loop_
_database_2.database_id 
_database_2.database_code 
_database_2.pdbx_database_accession 
_database_2.pdbx_DOI 
PDB   8GH5         pdb_00008gh5 10.2210/pdb8gh5/pdb 
WWPDB D_1000272906 ?            ?                   
# 
_pdbx_database_status.status_code                     REL 
_pdbx_database_status.status_code_sf                  REL 
_pdbx_database_status.status_code_mr                  ? 
_pdbx_database_status.entry_id                        8GH5 
_pdbx_database_status.recvd_initial_deposition_date   2023-03-09 
_pdbx_database_status.SG_entry                        N 
_pdbx_database_status.deposit_site                    RCSB 
_pdbx_database_status.process_site                    RCSB 
_pdbx_database_status.status_code_cs                  ? 
_pdbx_database_status.status_code_nmr_data            ? 
_pdbx_database_status.methods_development_category    ? 
_pdbx_database_status.pdb_format_compatible           Y 
# 
loop_
_audit_author.name 
_audit_author.pdbx_ordinal 
_audit_author.identifier_ORCID 
'Zhang, C.'     1 0000-0003-3342-7003 
'Paluzzi, V.E.' 2 ?                   
'Sha, R.'       3 0000-0002-0807-734X 
'Jonoska, N.'   4 ?                   
'Mao, C.'       5 0000-0001-7516-8666 
# 
_citation.abstract                  ? 
_citation.abstract_id_CAS           ? 
_citation.book_id_ISBN              ? 
_citation.book_publisher            ? 
_citation.book_publisher_city       ? 
_citation.book_title                ? 
_citation.coordinate_linkage        ? 
_citation.country                   ? 
_citation.database_id_Medline       ? 
_citation.details                   ? 
_citation.id                        primary 
_citation.journal_abbrev            'Adv Mater' 
_citation.journal_id_ASTM           ? 
_citation.journal_id_CSD            ? 
_citation.journal_id_ISSN           1521-4095 
_citation.journal_full              ? 
_citation.journal_issue             ? 
_citation.journal_volume            35 
_citation.language                  ? 
_citation.page_first                e2302345 
_citation.page_last                 e2302345 
_citation.title                     'Implementing Logic Gates by DNA Crystal Engineering.' 
_citation.year                      2023 
_citation.database_id_CSD           ? 
_citation.pdbx_database_id_DOI      10.1002/adma.202302345 
_citation.pdbx_database_id_PubMed   37220213 
_citation.pdbx_database_id_patent   ? 
_citation.unpublished_flag          ? 
# 
loop_
_citation_author.citation_id 
_citation_author.name 
_citation_author.ordinal 
_citation_author.identifier_ORCID 
primary 'Zhang, C.'     1 ?                   
primary 'Paluzzi, V.E.' 2 ?                   
primary 'Sha, R.'       3 ?                   
primary 'Jonoska, N.'   4 ?                   
primary 'Mao, C.'       5 0000-0001-7516-8666 
# 
_cell.angle_alpha                  90.000 
_cell.angle_alpha_esd              ? 
_cell.angle_beta                   90.000 
_cell.angle_beta_esd               ? 
_cell.angle_gamma                  90.000 
_cell.angle_gamma_esd              ? 
_cell.entry_id                     8GH5 
_cell.details                      ? 
_cell.formula_units_Z              ? 
_cell.length_a                     51.260 
_cell.length_a_esd                 ? 
_cell.length_b                     51.238 
_cell.length_b_esd                 ? 
_cell.length_c                     105.514 
_cell.length_c_esd                 ? 
_cell.volume                       277128.288 
_cell.volume_esd                   ? 
_cell.Z_PDB                        16 
_cell.reciprocal_angle_alpha       ? 
_cell.reciprocal_angle_beta        ? 
_cell.reciprocal_angle_gamma       ? 
_cell.reciprocal_angle_alpha_esd   ? 
_cell.reciprocal_angle_beta_esd    ? 
_cell.reciprocal_angle_gamma_esd   ? 
_cell.reciprocal_length_a          ? 
_cell.reciprocal_length_b          ? 
_cell.reciprocal_length_c          ? 
_cell.reciprocal_length_a_esd      ? 
_cell.reciprocal_length_b_esd      ? 
_cell.reciprocal_length_c_esd      ? 
_cell.pdbx_unique_axis             ? 
_cell.pdbx_esd_method              ? 
# 
_symmetry.entry_id                         8GH5 
_symmetry.cell_setting                     ? 
_symmetry.Int_Tables_number                20 
_symmetry.space_group_name_Hall            'C 2c 2' 
_symmetry.space_group_name_H-M             'C 2 2 21' 
_symmetry.pdbx_full_space_group_name_H-M   ? 
# 
loop_
_entity.id 
_entity.type 
_entity.src_method 
_entity.pdbx_description 
_entity.formula_weight 
_entity.pdbx_number_of_molecules 
_entity.pdbx_ec 
_entity.pdbx_mutation 
_entity.pdbx_fragment 
_entity.details 
1 polymer syn 
;DNA (5'-D(*AP*GP*AP*CP*G)-3')
;
1529.050 1 ? ? ? ? 
2 polymer syn 
;DNA (5'-D(P*CP*GP*TP*GP*GP*A)-3')
;
1849.241 2 ? ? ? ? 
3 polymer syn 
;DNA (5'-D(P*TP*CP*CP*GP*A)-3')
;
1480.012 1 ? ? ? ? 
4 polymer syn 
;DNA (5'-D(*CP*TP*AP*CP*G)-3')
;
1480.012 1 ? ? ? ? 
5 polymer syn 
;DNA (5'-D(P*TP*CP*CP*TP*C)-3')
;
1430.974 1 ? ? ? ? 
# 
loop_
_entity_poly.entity_id 
_entity_poly.type 
_entity_poly.nstd_linkage 
_entity_poly.nstd_monomer 
_entity_poly.pdbx_seq_one_letter_code 
_entity_poly.pdbx_seq_one_letter_code_can 
_entity_poly.pdbx_strand_id 
_entity_poly.pdbx_target_identifier 
1 polydeoxyribonucleotide no no '(DA)(DG)(DA)(DC)(DG)'     AGACG  A   ? 
2 polydeoxyribonucleotide no no '(DC)(DG)(DT)(DG)(DG)(DA)' CGTGGA B,E ? 
3 polydeoxyribonucleotide no no '(DT)(DC)(DC)(DG)(DA)'     TCCGA  C   ? 
4 polydeoxyribonucleotide no no '(DC)(DT)(DA)(DC)(DG)'     CTACG  D   ? 
5 polydeoxyribonucleotide no no '(DT)(DC)(DC)(DT)(DC)'     TCCTC  F   ? 
# 
loop_
_entity_poly_seq.entity_id 
_entity_poly_seq.num 
_entity_poly_seq.mon_id 
_entity_poly_seq.hetero 
1 1 DA n 
1 2 DG n 
1 3 DA n 
1 4 DC n 
1 5 DG n 
2 1 DC n 
2 2 DG n 
2 3 DT n 
2 4 DG n 
2 5 DG n 
2 6 DA n 
3 1 DT n 
3 2 DC n 
3 3 DC n 
3 4 DG n 
3 5 DA n 
4 1 DC n 
4 2 DT n 
4 3 DA n 
4 4 DC n 
4 5 DG n 
5 1 DT n 
5 2 DC n 
5 3 DC n 
5 4 DT n 
5 5 DC n 
# 
loop_
_pdbx_entity_src_syn.entity_id 
_pdbx_entity_src_syn.pdbx_src_id 
_pdbx_entity_src_syn.pdbx_alt_source_flag 
_pdbx_entity_src_syn.pdbx_beg_seq_num 
_pdbx_entity_src_syn.pdbx_end_seq_num 
_pdbx_entity_src_syn.organism_scientific 
_pdbx_entity_src_syn.organism_common_name 
_pdbx_entity_src_syn.ncbi_taxonomy_id 
_pdbx_entity_src_syn.details 
1 1 sample 1 5 'synthetic construct' ? 32630 ? 
2 1 sample 1 6 'synthetic construct' ? 32630 ? 
3 1 sample 1 5 'synthetic construct' ? 32630 ? 
4 1 sample 1 5 'synthetic construct' ? 32630 ? 
5 1 sample 1 5 'synthetic construct' ? 32630 ? 
# 
loop_
_struct_ref.id 
_struct_ref.db_name 
_struct_ref.db_code 
_struct_ref.pdbx_db_accession 
_struct_ref.pdbx_db_isoform 
_struct_ref.entity_id 
_struct_ref.pdbx_seq_one_letter_code 
_struct_ref.pdbx_align_begin 
1 PDB 8GH5 8GH5 ? 1 ? 1 
2 PDB 8GH5 8GH5 ? 2 ? 1 
3 PDB 8GH5 8GH5 ? 3 ? 1 
4 PDB 8GH5 8GH5 ? 4 ? 1 
5 PDB 8GH5 8GH5 ? 5 ? 1 
# 
loop_
_struct_ref_seq.align_id 
_struct_ref_seq.ref_id 
_struct_ref_seq.pdbx_PDB_id_code 
_struct_ref_seq.pdbx_strand_id 
_struct_ref_seq.seq_align_beg 
_struct_ref_seq.pdbx_seq_align_beg_ins_code 
_struct_ref_seq.seq_align_end 
_struct_ref_seq.pdbx_seq_align_end_ins_code 
_struct_ref_seq.pdbx_db_accession 
_struct_ref_seq.db_align_beg 
_struct_ref_seq.pdbx_db_align_beg_ins_code 
_struct_ref_seq.db_align_end 
_struct_ref_seq.pdbx_db_align_end_ins_code 
_struct_ref_seq.pdbx_auth_seq_align_beg 
_struct_ref_seq.pdbx_auth_seq_align_end 
1 1 8GH5 A 1 ? 5 ? 8GH5 1 ? 5 ? 1 5 
2 2 8GH5 B 1 ? 6 ? 8GH5 1 ? 6 ? 1 6 
3 3 8GH5 C 1 ? 5 ? 8GH5 1 ? 5 ? 1 5 
4 4 8GH5 D 1 ? 5 ? 8GH5 1 ? 5 ? 1 5 
5 2 8GH5 E 1 ? 6 ? 8GH5 1 ? 6 ? 1 6 
6 5 8GH5 F 1 ? 5 ? 8GH5 1 ? 5 ? 1 5 
# 
loop_
_chem_comp.id 
_chem_comp.type 
_chem_comp.mon_nstd_flag 
_chem_comp.name 
_chem_comp.pdbx_synonyms 
_chem_comp.formula 
_chem_comp.formula_weight 
DA 'DNA linking' y "2'-DEOXYADENOSINE-5'-MONOPHOSPHATE" ? 'C10 H14 N5 O6 P' 331.222 
DC 'DNA linking' y "2'-DEOXYCYTIDINE-5'-MONOPHOSPHATE"  ? 'C9 H14 N3 O7 P'  307.197 
DG 'DNA linking' y "2'-DEOXYGUANOSINE-5'-MONOPHOSPHATE" ? 'C10 H14 N5 O7 P' 347.221 
DT 'DNA linking' y "THYMIDINE-5'-MONOPHOSPHATE"         ? 'C10 H15 N2 O8 P' 322.208 
# 
_exptl.absorpt_coefficient_mu     ? 
_exptl.absorpt_correction_T_max   ? 
_exptl.absorpt_correction_T_min   ? 
_exptl.absorpt_correction_type    ? 
_exptl.absorpt_process_details    ? 
_exptl.entry_id                   8GH5 
_exptl.crystals_number            1 
_exptl.details                    ? 
_exptl.method                     'X-RAY DIFFRACTION' 
_exptl.method_details             ? 
# 
_exptl_crystal.colour                       ? 
_exptl_crystal.density_diffrn               ? 
_exptl_crystal.density_Matthews             3.60 
_exptl_crystal.density_method               ? 
_exptl_crystal.density_percent_sol          65.85 
_exptl_crystal.description                  ? 
_exptl_crystal.F_000                        ? 
_exptl_crystal.id                           1 
_exptl_crystal.preparation                  ? 
_exptl_crystal.size_max                     ? 
_exptl_crystal.size_mid                     ? 
_exptl_crystal.size_min                     ? 
_exptl_crystal.size_rad                     ? 
_exptl_crystal.colour_lustre                ? 
_exptl_crystal.colour_modifier              ? 
_exptl_crystal.colour_primary               ? 
_exptl_crystal.density_meas                 ? 
_exptl_crystal.density_meas_esd             ? 
_exptl_crystal.density_meas_gt              ? 
_exptl_crystal.density_meas_lt              ? 
_exptl_crystal.density_meas_temp            ? 
_exptl_crystal.density_meas_temp_esd        ? 
_exptl_crystal.density_meas_temp_gt         ? 
_exptl_crystal.density_meas_temp_lt         ? 
_exptl_crystal.pdbx_crystal_image_url       ? 
_exptl_crystal.pdbx_crystal_image_format    ? 
_exptl_crystal.pdbx_mosaicity               ? 
_exptl_crystal.pdbx_mosaicity_esd           ? 
_exptl_crystal.pdbx_mosaic_method           ? 
_exptl_crystal.pdbx_mosaic_block_size       ? 
_exptl_crystal.pdbx_mosaic_block_size_esd   ? 
# 
_exptl_crystal_grow.apparatus       ? 
_exptl_crystal_grow.atmosphere      ? 
_exptl_crystal_grow.crystal_id      1 
_exptl_crystal_grow.details         ? 
_exptl_crystal_grow.method          'VAPOR DIFFUSION, HANGING DROP' 
_exptl_crystal_grow.method_ref      ? 
_exptl_crystal_grow.pH              ? 
_exptl_crystal_grow.pressure        ? 
_exptl_crystal_grow.pressure_esd    ? 
_exptl_crystal_grow.seeding         ? 
_exptl_crystal_grow.seeding_ref     ? 
_exptl_crystal_grow.temp_details    ? 
_exptl_crystal_grow.temp_esd        ? 
_exptl_crystal_grow.time            ? 
_exptl_crystal_grow.pdbx_details    
'10 uM of each motif, 5 mM magnesium sulfate hydrate, 5 mM HEPES sodium, 0.16 M lithium sulfate monohydrate, pH 7.0' 
_exptl_crystal_grow.pdbx_pH_range   ? 
_exptl_crystal_grow.temp            295 
# 
_diffrn.ambient_environment              ? 
_diffrn.ambient_temp                     100 
_diffrn.ambient_temp_details             ? 
_diffrn.ambient_temp_esd                 ? 
_diffrn.crystal_id                       1 
_diffrn.crystal_support                  ? 
_diffrn.crystal_treatment                ? 
_diffrn.details                          ? 
_diffrn.id                               1 
_diffrn.ambient_pressure                 ? 
_diffrn.ambient_pressure_esd             ? 
_diffrn.ambient_pressure_gt              ? 
_diffrn.ambient_pressure_lt              ? 
_diffrn.ambient_temp_gt                  ? 
_diffrn.ambient_temp_lt                  ? 
_diffrn.pdbx_serial_crystal_experiment   N 
# 
_diffrn_detector.details                      ? 
_diffrn_detector.detector                     PIXEL 
_diffrn_detector.diffrn_id                    1 
_diffrn_detector.type                         'DECTRIS EIGER X 16M' 
_diffrn_detector.area_resol_mean              ? 
_diffrn_detector.dtime                        ? 
_diffrn_detector.pdbx_frames_total            ? 
_diffrn_detector.pdbx_collection_time_total   ? 
_diffrn_detector.pdbx_collection_date         2022-06-11 
_diffrn_detector.pdbx_frequency               ? 
_diffrn_detector.id                           ? 
_diffrn_detector.number_of_axes               ? 
# 
_diffrn_radiation.collimation                      ? 
_diffrn_radiation.diffrn_id                        1 
_diffrn_radiation.filter_edge                      ? 
_diffrn_radiation.inhomogeneity                    ? 
_diffrn_radiation.monochromator                    ? 
_diffrn_radiation.polarisn_norm                    ? 
_diffrn_radiation.polarisn_ratio                   ? 
_diffrn_radiation.probe                            ? 
_diffrn_radiation.type                             ? 
_diffrn_radiation.xray_symbol                      ? 
_diffrn_radiation.wavelength_id                    1 
_diffrn_radiation.pdbx_monochromatic_or_laue_m_l   M 
_diffrn_radiation.pdbx_wavelength_list             ? 
_diffrn_radiation.pdbx_wavelength                  ? 
_diffrn_radiation.pdbx_diffrn_protocol             'SINGLE WAVELENGTH' 
_diffrn_radiation.pdbx_analyzer                    ? 
_diffrn_radiation.pdbx_scattering_type             x-ray 
# 
_diffrn_radiation_wavelength.id           1 
_diffrn_radiation_wavelength.wavelength   1.0332 
_diffrn_radiation_wavelength.wt           1.0 
# 
_diffrn_source.current                     ? 
_diffrn_source.details                     ? 
_diffrn_source.diffrn_id                   1 
_diffrn_source.power                       ? 
_diffrn_source.size                        ? 
_diffrn_source.source                      SYNCHROTRON 
_diffrn_source.target                      ? 
_diffrn_source.type                        'APS BEAMLINE 23-ID-B' 
_diffrn_source.voltage                     ? 
_diffrn_source.take-off_angle              ? 
_diffrn_source.pdbx_wavelength_list        1.0332 
_diffrn_source.pdbx_wavelength             ? 
_diffrn_source.pdbx_synchrotron_beamline   23-ID-B 
_diffrn_source.pdbx_synchrotron_site       APS 
# 
_reflns.B_iso_Wilson_estimate                          ? 
_reflns.entry_id                                       8GH5 
_reflns.data_reduction_details                         ? 
_reflns.data_reduction_method                          ? 
_reflns.d_resolution_high                              2.640 
_reflns.d_resolution_low                               52.757 
_reflns.details                                        ? 
_reflns.limit_h_max                                    ? 
_reflns.limit_h_min                                    ? 
_reflns.limit_k_max                                    ? 
_reflns.limit_k_min                                    ? 
_reflns.limit_l_max                                    ? 
_reflns.limit_l_min                                    ? 
_reflns.number_all                                     ? 
_reflns.number_obs                                     3246 
_reflns.observed_criterion                             ? 
_reflns.observed_criterion_F_max                       ? 
_reflns.observed_criterion_F_min                       ? 
_reflns.observed_criterion_I_max                       ? 
_reflns.observed_criterion_I_min                       ? 
_reflns.observed_criterion_sigma_F                     ? 
_reflns.observed_criterion_sigma_I                     ? 
_reflns.percent_possible_obs                           82.8 
_reflns.R_free_details                                 ? 
_reflns.Rmerge_F_all                                   ? 
_reflns.Rmerge_F_obs                                   ? 
_reflns.Friedel_coverage                               ? 
_reflns.number_gt                                      ? 
_reflns.threshold_expression                           ? 
_reflns.pdbx_redundancy                                5.9 
_reflns.pdbx_netI_over_av_sigmaI                       ? 
_reflns.pdbx_netI_over_sigmaI                          7.4 
_reflns.pdbx_res_netI_over_av_sigmaI_2                 ? 
_reflns.pdbx_res_netI_over_sigmaI_2                    ? 
_reflns.pdbx_chi_squared                               ? 
_reflns.pdbx_scaling_rejects                           ? 
_reflns.pdbx_d_res_high_opt                            ? 
_reflns.pdbx_d_res_low_opt                             ? 
_reflns.pdbx_d_res_opt_method                          ? 
_reflns.phase_calculation_details                      ? 
_reflns.pdbx_Rrim_I_all                                ? 
_reflns.pdbx_Rpim_I_all                                ? 
_reflns.pdbx_d_opt                                     ? 
_reflns.pdbx_number_measured_all                       ? 
_reflns.pdbx_diffrn_id                                 1 
_reflns.pdbx_ordinal                                   1 
_reflns.pdbx_CC_half                                   0.996 
_reflns.pdbx_CC_star                                   ? 
_reflns.pdbx_R_split                                   ? 
_reflns.pdbx_Rmerge_I_obs                              ? 
_reflns.pdbx_Rmerge_I_all                              ? 
_reflns.pdbx_Rsym_value                                ? 
_reflns.pdbx_CC_split_method                           ? 
_reflns.pdbx_aniso_diffraction_limit_axis_1_ortho[1]   ? 
_reflns.pdbx_aniso_diffraction_limit_axis_1_ortho[2]   ? 
_reflns.pdbx_aniso_diffraction_limit_axis_1_ortho[3]   ? 
_reflns.pdbx_aniso_diffraction_limit_axis_2_ortho[1]   ? 
_reflns.pdbx_aniso_diffraction_limit_axis_2_ortho[2]   ? 
_reflns.pdbx_aniso_diffraction_limit_axis_2_ortho[3]   ? 
_reflns.pdbx_aniso_diffraction_limit_axis_3_ortho[1]   ? 
_reflns.pdbx_aniso_diffraction_limit_axis_3_ortho[2]   ? 
_reflns.pdbx_aniso_diffraction_limit_axis_3_ortho[3]   ? 
_reflns.pdbx_aniso_diffraction_limit_1                 ? 
_reflns.pdbx_aniso_diffraction_limit_2                 ? 
_reflns.pdbx_aniso_diffraction_limit_3                 ? 
_reflns.pdbx_aniso_B_tensor_eigenvector_1_ortho[1]     ? 
_reflns.pdbx_aniso_B_tensor_eigenvector_1_ortho[2]     ? 
_reflns.pdbx_aniso_B_tensor_eigenvector_1_ortho[3]     ? 
_reflns.pdbx_aniso_B_tensor_eigenvector_2_ortho[1]     ? 
_reflns.pdbx_aniso_B_tensor_eigenvector_2_ortho[2]     ? 
_reflns.pdbx_aniso_B_tensor_eigenvector_2_ortho[3]     ? 
_reflns.pdbx_aniso_B_tensor_eigenvector_3_ortho[1]     ? 
_reflns.pdbx_aniso_B_tensor_eigenvector_3_ortho[2]     ? 
_reflns.pdbx_aniso_B_tensor_eigenvector_3_ortho[3]     ? 
_reflns.pdbx_aniso_B_tensor_eigenvalue_1               ? 
_reflns.pdbx_aniso_B_tensor_eigenvalue_2               ? 
_reflns.pdbx_aniso_B_tensor_eigenvalue_3               ? 
_reflns.pdbx_orthogonalization_convention              ? 
_reflns.pdbx_percent_possible_ellipsoidal              ? 
_reflns.pdbx_percent_possible_spherical                ? 
_reflns.pdbx_percent_possible_ellipsoidal_anomalous    ? 
_reflns.pdbx_percent_possible_spherical_anomalous      ? 
_reflns.pdbx_redundancy_anomalous                      ? 
_reflns.pdbx_CC_half_anomalous                         ? 
_reflns.pdbx_absDiff_over_sigma_anomalous              ? 
_reflns.pdbx_percent_possible_anomalous                ? 
_reflns.pdbx_observed_signal_threshold                 ? 
_reflns.pdbx_signal_type                               ? 
_reflns.pdbx_signal_details                            ? 
_reflns.pdbx_signal_software_id                        ? 
# 
_reflns_shell.d_res_high                                    2.640 
_reflns_shell.d_res_low                                     3.133 
_reflns_shell.meanI_over_sigI_all                           ? 
_reflns_shell.meanI_over_sigI_obs                           1.3 
_reflns_shell.number_measured_all                           ? 
_reflns_shell.number_measured_obs                           ? 
_reflns_shell.number_possible                               ? 
_reflns_shell.number_unique_all                             ? 
_reflns_shell.number_unique_obs                             196 
_reflns_shell.percent_possible_obs                          ? 
_reflns_shell.Rmerge_F_all                                  ? 
_reflns_shell.Rmerge_F_obs                                  ? 
_reflns_shell.meanI_over_sigI_gt                            ? 
_reflns_shell.meanI_over_uI_all                             ? 
_reflns_shell.meanI_over_uI_gt                              ? 
_reflns_shell.number_measured_gt                            ? 
_reflns_shell.number_unique_gt                              ? 
_reflns_shell.percent_possible_gt                           ? 
_reflns_shell.Rmerge_F_gt                                   ? 
_reflns_shell.Rmerge_I_gt                                   ? 
_reflns_shell.pdbx_redundancy                               ? 
_reflns_shell.pdbx_chi_squared                              ? 
_reflns_shell.pdbx_netI_over_sigmaI_all                     ? 
_reflns_shell.pdbx_netI_over_sigmaI_obs                     ? 
_reflns_shell.pdbx_Rrim_I_all                               ? 
_reflns_shell.pdbx_Rpim_I_all                               ? 
_reflns_shell.pdbx_rejects                                  ? 
_reflns_shell.pdbx_ordinal                                  1 
_reflns_shell.pdbx_diffrn_id                                1 
_reflns_shell.pdbx_CC_half                                  0.810 
_reflns_shell.pdbx_CC_star                                  ? 
_reflns_shell.pdbx_R_split                                  ? 
_reflns_shell.percent_possible_all                          ? 
_reflns_shell.Rmerge_I_all                                  ? 
_reflns_shell.Rmerge_I_obs                                  ? 
_reflns_shell.pdbx_Rsym_value                               ? 
_reflns_shell.pdbx_percent_possible_ellipsoidal             ? 
_reflns_shell.pdbx_percent_possible_spherical               ? 
_reflns_shell.pdbx_percent_possible_ellipsoidal_anomalous   ? 
_reflns_shell.pdbx_percent_possible_spherical_anomalous     ? 
_reflns_shell.pdbx_redundancy_anomalous                     ? 
_reflns_shell.pdbx_CC_half_anomalous                        ? 
_reflns_shell.pdbx_absDiff_over_sigma_anomalous             ? 
_reflns_shell.pdbx_percent_possible_anomalous               ? 
# 
_refine.aniso_B[1][1]                            ? 
_refine.aniso_B[1][2]                            ? 
_refine.aniso_B[1][3]                            ? 
_refine.aniso_B[2][2]                            ? 
_refine.aniso_B[2][3]                            ? 
_refine.aniso_B[3][3]                            ? 
_refine.B_iso_max                                ? 
_refine.B_iso_mean                               66.80 
_refine.B_iso_min                                ? 
_refine.correlation_coeff_Fo_to_Fc               ? 
_refine.correlation_coeff_Fo_to_Fc_free          ? 
_refine.details                                  ? 
_refine.diff_density_max                         ? 
_refine.diff_density_max_esd                     ? 
_refine.diff_density_min                         ? 
_refine.diff_density_min_esd                     ? 
_refine.diff_density_rms                         ? 
_refine.diff_density_rms_esd                     ? 
_refine.entry_id                                 8GH5 
_refine.pdbx_refine_id                           'X-RAY DIFFRACTION' 
_refine.ls_abs_structure_details                 ? 
_refine.ls_abs_structure_Flack                   ? 
_refine.ls_abs_structure_Flack_esd               ? 
_refine.ls_abs_structure_Rogers                  ? 
_refine.ls_abs_structure_Rogers_esd              ? 
_refine.ls_d_res_high                            2.64 
_refine.ls_d_res_low                             36.24 
_refine.ls_extinction_coef                       ? 
_refine.ls_extinction_coef_esd                   ? 
_refine.ls_extinction_expression                 ? 
_refine.ls_extinction_method                     ? 
_refine.ls_goodness_of_fit_all                   ? 
_refine.ls_goodness_of_fit_all_esd               ? 
_refine.ls_goodness_of_fit_obs                   ? 
_refine.ls_goodness_of_fit_obs_esd               ? 
_refine.ls_hydrogen_treatment                    ? 
_refine.ls_matrix_type                           ? 
_refine.ls_number_constraints                    ? 
_refine.ls_number_parameters                     ? 
_refine.ls_number_reflns_all                     ? 
_refine.ls_number_reflns_obs                     3246 
_refine.ls_number_reflns_R_free                  158 
_refine.ls_number_reflns_R_work                  3088 
_refine.ls_number_restraints                     ? 
_refine.ls_percent_reflns_obs                    41.01 
_refine.ls_percent_reflns_R_free                 4.87 
_refine.ls_R_factor_all                          ? 
_refine.ls_R_factor_obs                          0.2295 
_refine.ls_R_factor_R_free                       0.2844 
_refine.ls_R_factor_R_free_error                 ? 
_refine.ls_R_factor_R_free_error_details         ? 
_refine.ls_R_factor_R_work                       0.2259 
_refine.ls_R_Fsqd_factor_obs                     ? 
_refine.ls_R_I_factor_obs                        ? 
_refine.ls_redundancy_reflns_all                 ? 
_refine.ls_redundancy_reflns_obs                 ? 
_refine.ls_restrained_S_all                      ? 
_refine.ls_restrained_S_obs                      ? 
_refine.ls_shift_over_esd_max                    ? 
_refine.ls_shift_over_esd_mean                   ? 
_refine.ls_structure_factor_coef                 ? 
_refine.ls_weighting_details                     ? 
_refine.ls_weighting_scheme                      ? 
_refine.ls_wR_factor_all                         ? 
_refine.ls_wR_factor_obs                         ? 
_refine.ls_wR_factor_R_free                      ? 
_refine.ls_wR_factor_R_work                      ? 
_refine.occupancy_max                            ? 
_refine.occupancy_min                            ? 
_refine.solvent_model_details                    'FLAT BULK SOLVENT MODEL' 
_refine.solvent_model_param_bsol                 ? 
_refine.solvent_model_param_ksol                 ? 
_refine.pdbx_R_complete                          ? 
_refine.ls_R_factor_gt                           ? 
_refine.ls_goodness_of_fit_gt                    ? 
_refine.ls_goodness_of_fit_ref                   ? 
_refine.ls_shift_over_su_max                     ? 
_refine.ls_shift_over_su_max_lt                  ? 
_refine.ls_shift_over_su_mean                    ? 
_refine.ls_shift_over_su_mean_lt                 ? 
_refine.pdbx_ls_sigma_I                          ? 
_refine.pdbx_ls_sigma_F                          1.33 
_refine.pdbx_ls_sigma_Fsqd                       ? 
_refine.pdbx_data_cutoff_high_absF               ? 
_refine.pdbx_data_cutoff_high_rms_absF           ? 
_refine.pdbx_data_cutoff_low_absF                ? 
_refine.pdbx_isotropic_thermal_model             ? 
_refine.pdbx_ls_cross_valid_method               'FREE R-VALUE' 
_refine.pdbx_method_to_determine_struct          'MOLECULAR REPLACEMENT' 
_refine.pdbx_starting_model                      'PDB entry 8EP8' 
_refine.pdbx_stereochemistry_target_values       'GeoStd + Monomer Library + CDL v1.2' 
_refine.pdbx_R_Free_selection_details            ? 
_refine.pdbx_stereochem_target_val_spec_case     ? 
_refine.pdbx_overall_ESU_R                       ? 
_refine.pdbx_overall_ESU_R_Free                  ? 
_refine.pdbx_solvent_vdw_probe_radii             1.1000 
_refine.pdbx_solvent_ion_probe_radii             ? 
_refine.pdbx_solvent_shrinkage_radii             0.9000 
_refine.pdbx_real_space_R                        ? 
_refine.pdbx_density_correlation                 ? 
_refine.pdbx_pd_number_of_powder_patterns        ? 
_refine.pdbx_pd_number_of_points                 ? 
_refine.pdbx_pd_meas_number_of_points            ? 
_refine.pdbx_pd_proc_ls_prof_R_factor            ? 
_refine.pdbx_pd_proc_ls_prof_wR_factor           ? 
_refine.pdbx_pd_Marquardt_correlation_coeff      ? 
_refine.pdbx_pd_Fsqrd_R_factor                   ? 
_refine.pdbx_pd_ls_matrix_band_width             ? 
_refine.pdbx_overall_phase_error                 24.6423 
_refine.pdbx_overall_SU_R_free_Cruickshank_DPI   ? 
_refine.pdbx_overall_SU_R_free_Blow_DPI          ? 
_refine.pdbx_overall_SU_R_Blow_DPI               ? 
_refine.pdbx_TLS_residual_ADP_flag               ? 
_refine.pdbx_diffrn_id                           1 
_refine.overall_SU_B                             ? 
_refine.overall_SU_ML                            0.4263 
_refine.overall_SU_R_Cruickshank_DPI             ? 
_refine.overall_SU_R_free                        ? 
_refine.overall_FOM_free_R_set                   ? 
_refine.overall_FOM_work_R_set                   ? 
_refine.pdbx_average_fsc_overall                 ? 
_refine.pdbx_average_fsc_work                    ? 
_refine.pdbx_average_fsc_free                    ? 
# 
_refine_hist.pdbx_refine_id                   'X-RAY DIFFRACTION' 
_refine_hist.cycle_id                         LAST 
_refine_hist.details                          ? 
_refine_hist.d_res_high                       2.64 
_refine_hist.d_res_low                        36.24 
_refine_hist.number_atoms_solvent             0 
_refine_hist.number_atoms_total               650 
_refine_hist.number_reflns_all                ? 
_refine_hist.number_reflns_obs                ? 
_refine_hist.number_reflns_R_free             ? 
_refine_hist.number_reflns_R_work             ? 
_refine_hist.R_factor_all                     ? 
_refine_hist.R_factor_obs                     ? 
_refine_hist.R_factor_R_free                  ? 
_refine_hist.R_factor_R_work                  ? 
_refine_hist.pdbx_number_residues_total       ? 
_refine_hist.pdbx_B_iso_mean_ligand           ? 
_refine_hist.pdbx_B_iso_mean_solvent          ? 
_refine_hist.pdbx_number_atoms_protein        0 
_refine_hist.pdbx_number_atoms_nucleic_acid   650 
_refine_hist.pdbx_number_atoms_ligand         0 
_refine_hist.pdbx_number_atoms_lipid          ? 
_refine_hist.pdbx_number_atoms_carb           ? 
_refine_hist.pdbx_pseudo_atom_details         ? 
# 
loop_
_refine_ls_restr.pdbx_refine_id 
_refine_ls_restr.criterion 
_refine_ls_restr.dev_ideal 
_refine_ls_restr.dev_ideal_target 
_refine_ls_restr.number 
_refine_ls_restr.rejects 
_refine_ls_restr.type 
_refine_ls_restr.weight 
_refine_ls_restr.pdbx_restraint_function 
'X-RAY DIFFRACTION' ? 0.0116  ? 724  ? f_bond_d           ? ? 
'X-RAY DIFFRACTION' ? 1.3082  ? 1104 ? f_angle_d          ? ? 
'X-RAY DIFFRACTION' ? 0.0646  ? 126  ? f_chiral_restr     ? ? 
'X-RAY DIFFRACTION' ? 0.0088  ? 32   ? f_plane_restr      ? ? 
'X-RAY DIFFRACTION' ? 39.2773 ? 300  ? f_dihedral_angle_d ? ? 
# 
_refine_ls_shell.pdbx_refine_id                   'X-RAY DIFFRACTION' 
_refine_ls_shell.d_res_high                       2.64 
_refine_ls_shell.d_res_low                        36.24 
_refine_ls_shell.number_reflns_all                ? 
_refine_ls_shell.number_reflns_obs                ? 
_refine_ls_shell.number_reflns_R_free             158 
_refine_ls_shell.number_reflns_R_work             3088 
_refine_ls_shell.percent_reflns_obs               41.01 
_refine_ls_shell.percent_reflns_R_free            ? 
_refine_ls_shell.R_factor_all                     ? 
_refine_ls_shell.R_factor_obs                     ? 
_refine_ls_shell.R_factor_R_free_error            ? 
_refine_ls_shell.R_factor_R_work                  0.2259 
_refine_ls_shell.redundancy_reflns_all            ? 
_refine_ls_shell.redundancy_reflns_obs            ? 
_refine_ls_shell.wR_factor_all                    ? 
_refine_ls_shell.wR_factor_obs                    ? 
_refine_ls_shell.wR_factor_R_free                 ? 
_refine_ls_shell.wR_factor_R_work                 ? 
_refine_ls_shell.pdbx_R_complete                  ? 
_refine_ls_shell.pdbx_total_number_of_bins_used   ? 
_refine_ls_shell.pdbx_phase_error                 ? 
_refine_ls_shell.pdbx_fsc_work                    ? 
_refine_ls_shell.pdbx_fsc_free                    ? 
_refine_ls_shell.R_factor_R_free                  0.2844 
# 
_struct.entry_id                     8GH5 
_struct.title                        'Implementing Logic Gates in DNA Crystal Engineering' 
_struct.pdbx_model_details           ? 
_struct.pdbx_formula_weight          ? 
_struct.pdbx_formula_weight_method   ? 
_struct.pdbx_model_type_details      ? 
_struct.pdbx_CASP_flag               N 
# 
_struct_keywords.entry_id        8GH5 
_struct_keywords.text            'Two Motifs per Asymmetric Unit, DNA' 
_struct_keywords.pdbx_keywords   DNA 
# 
loop_
_struct_asym.id 
_struct_asym.pdbx_blank_PDB_chainid_flag 
_struct_asym.pdbx_modified 
_struct_asym.entity_id 
_struct_asym.details 
A N N 1 ? 
B N N 2 ? 
C N N 3 ? 
D N N 4 ? 
E N N 2 ? 
F N N 5 ? 
# 
loop_
_struct_conn.id 
_struct_conn.conn_type_id 
_struct_conn.pdbx_leaving_atom_flag 
_struct_conn.pdbx_PDB_id 
_struct_conn.ptnr1_label_asym_id 
_struct_conn.ptnr1_label_comp_id 
_struct_conn.ptnr1_label_seq_id 
_struct_conn.ptnr1_label_atom_id 
_struct_conn.pdbx_ptnr1_label_alt_id 
_struct_conn.pdbx_ptnr1_PDB_ins_code 
_struct_conn.pdbx_ptnr1_standard_comp_id 
_struct_conn.ptnr1_symmetry 
_struct_conn.ptnr2_label_asym_id 
_struct_conn.ptnr2_label_comp_id 
_struct_conn.ptnr2_label_seq_id 
_struct_conn.ptnr2_label_atom_id 
_struct_conn.pdbx_ptnr2_label_alt_id 
_struct_conn.pdbx_ptnr2_PDB_ins_code 
_struct_conn.ptnr1_auth_asym_id 
_struct_conn.ptnr1_auth_comp_id 
_struct_conn.ptnr1_auth_seq_id 
_struct_conn.ptnr2_auth_asym_id 
_struct_conn.ptnr2_auth_comp_id 
_struct_conn.ptnr2_auth_seq_id 
_struct_conn.ptnr2_symmetry 
_struct_conn.pdbx_ptnr3_label_atom_id 
_struct_conn.pdbx_ptnr3_label_seq_id 
_struct_conn.pdbx_ptnr3_label_comp_id 
_struct_conn.pdbx_ptnr3_label_asym_id 
_struct_conn.pdbx_ptnr3_label_alt_id 
_struct_conn.pdbx_ptnr3_PDB_ins_code 
_struct_conn.details 
_struct_conn.pdbx_dist_value 
_struct_conn.pdbx_value_order 
_struct_conn.pdbx_role 
hydrog1  hydrog ? ? A DA 3 N1 ? ? ? 1_555 B DT 3 N3 ? ? A DA 3 B DT 3 1_555 ? ? ? ? ? ? WATSON-CRICK ? ? ? 
hydrog2  hydrog ? ? A DA 3 N6 ? ? ? 1_555 B DT 3 O4 ? ? A DA 3 B DT 3 1_555 ? ? ? ? ? ? WATSON-CRICK ? ? ? 
hydrog3  hydrog ? ? A DC 4 N3 ? ? ? 1_555 B DG 2 N1 ? ? A DC 4 B DG 2 1_555 ? ? ? ? ? ? WATSON-CRICK ? ? ? 
hydrog4  hydrog ? ? A DC 4 N4 ? ? ? 1_555 B DG 2 O6 ? ? A DC 4 B DG 2 1_555 ? ? ? ? ? ? WATSON-CRICK ? ? ? 
hydrog5  hydrog ? ? A DC 4 O2 ? ? ? 1_555 B DG 2 N2 ? ? A DC 4 B DG 2 1_555 ? ? ? ? ? ? WATSON-CRICK ? ? ? 
hydrog6  hydrog ? ? A DG 5 N1 ? ? ? 1_555 B DC 1 N3 ? ? A DG 5 B DC 1 1_555 ? ? ? ? ? ? WATSON-CRICK ? ? ? 
hydrog7  hydrog ? ? A DG 5 N2 ? ? ? 1_555 B DC 1 O2 ? ? A DG 5 B DC 1 1_555 ? ? ? ? ? ? WATSON-CRICK ? ? ? 
hydrog8  hydrog ? ? A DG 5 O6 ? ? ? 1_555 B DC 1 N4 ? ? A DG 5 B DC 1 1_555 ? ? ? ? ? ? WATSON-CRICK ? ? ? 
hydrog9  hydrog ? ? B DG 4 N1 ? ? ? 1_555 C DC 3 N3 ? ? B DG 4 C DC 3 1_555 ? ? ? ? ? ? WATSON-CRICK ? ? ? 
hydrog10 hydrog ? ? B DG 4 N2 ? ? ? 1_555 C DC 3 O2 ? ? B DG 4 C DC 3 1_555 ? ? ? ? ? ? WATSON-CRICK ? ? ? 
hydrog11 hydrog ? ? B DG 4 O6 ? ? ? 1_555 C DC 3 N4 ? ? B DG 4 C DC 3 1_555 ? ? ? ? ? ? WATSON-CRICK ? ? ? 
hydrog12 hydrog ? ? B DG 5 N1 ? ? ? 1_555 C DC 2 N3 ? ? B DG 5 C DC 2 1_555 ? ? ? ? ? ? WATSON-CRICK ? ? ? 
hydrog13 hydrog ? ? B DG 5 N2 ? ? ? 1_555 C DC 2 O2 ? ? B DG 5 C DC 2 1_555 ? ? ? ? ? ? WATSON-CRICK ? ? ? 
hydrog14 hydrog ? ? B DG 5 O6 ? ? ? 1_555 C DC 2 N4 ? ? B DG 5 C DC 2 1_555 ? ? ? ? ? ? WATSON-CRICK ? ? ? 
hydrog15 hydrog ? ? B DA 6 N1 ? ? ? 1_555 C DT 1 N3 ? ? B DA 6 C DT 1 1_555 ? ? ? ? ? ? WATSON-CRICK ? ? ? 
hydrog16 hydrog ? ? B DA 6 N6 ? ? ? 1_555 C DT 1 O4 ? ? B DA 6 C DT 1 1_555 ? ? ? ? ? ? WATSON-CRICK ? ? ? 
hydrog17 hydrog ? ? C DG 4 N1 ? ? ? 1_555 F DC 5 N3 ? ? C DG 4 F DC 5 1_555 ? ? ? ? ? ? WATSON-CRICK ? ? ? 
hydrog18 hydrog ? ? C DG 4 N2 ? ? ? 1_555 F DC 5 O2 ? ? C DG 4 F DC 5 1_555 ? ? ? ? ? ? WATSON-CRICK ? ? ? 
hydrog19 hydrog ? ? C DG 4 O6 ? ? ? 1_555 F DC 5 N4 ? ? C DG 4 F DC 5 1_555 ? ? ? ? ? ? WATSON-CRICK ? ? ? 
hydrog20 hydrog ? ? C DA 5 N1 ? ? ? 1_555 F DT 4 N3 ? ? C DA 5 F DT 4 1_555 ? ? ? ? ? ? WATSON-CRICK ? ? ? 
hydrog21 hydrog ? ? C DA 5 N6 ? ? ? 1_555 F DT 4 O4 ? ? C DA 5 F DT 4 1_555 ? ? ? ? ? ? WATSON-CRICK ? ? ? 
hydrog22 hydrog ? ? D DA 3 N1 ? ? ? 1_555 E DT 3 N3 ? ? D DA 3 E DT 3 1_555 ? ? ? ? ? ? 'DA-DT PAIR' ? ? ? 
hydrog23 hydrog ? ? D DC 4 N3 ? ? ? 1_555 E DG 2 N1 ? ? D DC 4 E DG 2 1_555 ? ? ? ? ? ? WATSON-CRICK ? ? ? 
hydrog24 hydrog ? ? D DC 4 N4 ? ? ? 1_555 E DG 2 O6 ? ? D DC 4 E DG 2 1_555 ? ? ? ? ? ? WATSON-CRICK ? ? ? 
hydrog25 hydrog ? ? D DC 4 O2 ? ? ? 1_555 E DG 2 N2 ? ? D DC 4 E DG 2 1_555 ? ? ? ? ? ? WATSON-CRICK ? ? ? 
hydrog26 hydrog ? ? D DG 5 N1 ? ? ? 1_555 E DC 1 N3 ? ? D DG 5 E DC 1 1_555 ? ? ? ? ? ? WATSON-CRICK ? ? ? 
hydrog27 hydrog ? ? D DG 5 N2 ? ? ? 1_555 E DC 1 O2 ? ? D DG 5 E DC 1 1_555 ? ? ? ? ? ? WATSON-CRICK ? ? ? 
hydrog28 hydrog ? ? D DG 5 O6 ? ? ? 1_555 E DC 1 N4 ? ? D DG 5 E DC 1 1_555 ? ? ? ? ? ? WATSON-CRICK ? ? ? 
hydrog29 hydrog ? ? E DG 4 N1 ? ? ? 1_555 F DC 3 N3 ? ? E DG 4 F DC 3 1_555 ? ? ? ? ? ? WATSON-CRICK ? ? ? 
hydrog30 hydrog ? ? E DG 4 N2 ? ? ? 1_555 F DC 3 O2 ? ? E DG 4 F DC 3 1_555 ? ? ? ? ? ? WATSON-CRICK ? ? ? 
hydrog31 hydrog ? ? E DG 4 O6 ? ? ? 1_555 F DC 3 N4 ? ? E DG 4 F DC 3 1_555 ? ? ? ? ? ? WATSON-CRICK ? ? ? 
hydrog32 hydrog ? ? E DG 5 N1 ? ? ? 1_555 F DC 2 N3 ? ? E DG 5 F DC 2 1_555 ? ? ? ? ? ? WATSON-CRICK ? ? ? 
hydrog33 hydrog ? ? E DG 5 N2 ? ? ? 1_555 F DC 2 O2 ? ? E DG 5 F DC 2 1_555 ? ? ? ? ? ? WATSON-CRICK ? ? ? 
hydrog34 hydrog ? ? E DG 5 O6 ? ? ? 1_555 F DC 2 N4 ? ? E DG 5 F DC 2 1_555 ? ? ? ? ? ? WATSON-CRICK ? ? ? 
hydrog35 hydrog ? ? E DA 6 N1 ? ? ? 1_555 F DT 1 N3 ? ? E DA 6 F DT 1 1_555 ? ? ? ? ? ? WATSON-CRICK ? ? ? 
hydrog36 hydrog ? ? E DA 6 N6 ? ? ? 1_555 F DT 1 O4 ? ? E DA 6 F DT 1 1_555 ? ? ? ? ? ? WATSON-CRICK ? ? ? 
# 
_struct_conn_type.id          hydrog 
_struct_conn_type.criteria    ? 
_struct_conn_type.reference   ? 
# 
_atom_sites.entry_id                    8GH5 
_atom_sites.Cartn_transf_matrix[1][1]   ? 
_atom_sites.Cartn_transf_matrix[1][2]   ? 
_atom_sites.Cartn_transf_matrix[1][3]   ? 
_atom_sites.Cartn_transf_matrix[2][1]   ? 
_atom_sites.Cartn_transf_matrix[2][2]   ? 
_atom_sites.Cartn_transf_matrix[2][3]   ? 
_atom_sites.Cartn_transf_matrix[3][1]   ? 
_atom_sites.Cartn_transf_matrix[3][2]   ? 
_atom_sites.Cartn_transf_matrix[3][3]   ? 
_atom_sites.Cartn_transf_vector[1]      ? 
_atom_sites.Cartn_transf_vector[2]      ? 
_atom_sites.Cartn_transf_vector[3]      ? 
_atom_sites.fract_transf_matrix[1][1]   0.00377732 
_atom_sites.fract_transf_matrix[1][2]   -0.00882100 
_atom_sites.fract_transf_matrix[1][3]   -0.01698481 
_atom_sites.fract_transf_matrix[2][1]   0.01524966 
_atom_sites.fract_transf_matrix[2][2]   0.01186150 
_atom_sites.fract_transf_matrix[2][3]   -0.00276879 
_atom_sites.fract_transf_matrix[3][1]   0.00562263 
_atom_sites.fract_transf_matrix[3][2]   -0.00618679 
_atom_sites.fract_transf_matrix[3][3]   0.00446353 
_atom_sites.fract_transf_vector[1]      -0.151499 
_atom_sites.fract_transf_vector[2]      -0.343730 
_atom_sites.fract_transf_vector[3]      0.124870 
_atom_sites.solution_primary            ? 
_atom_sites.solution_secondary          ? 
_atom_sites.solution_hydrogens          ? 
_atom_sites.special_details             ? 
# 
loop_
_atom_type.symbol 
_atom_type.scat_dispersion_real 
_atom_type.scat_dispersion_imag 
_atom_type.scat_Cromer_Mann_a1 
_atom_type.scat_Cromer_Mann_a2 
_atom_type.scat_Cromer_Mann_a3 
_atom_type.scat_Cromer_Mann_a4 
_atom_type.scat_Cromer_Mann_b1 
_atom_type.scat_Cromer_Mann_b2 
_atom_type.scat_Cromer_Mann_b3 
_atom_type.scat_Cromer_Mann_b4 
_atom_type.scat_Cromer_Mann_c 
_atom_type.scat_source 
_atom_type.scat_dispersion_source 
C ? ? 3.54356 2.42580 ? ? 25.62398 1.50364  ? ? 0.0 
;2-Gaussian fit: Grosse-Kunstleve RW, Sauter NK, Adams PD: Newsletter of the IUCr Commission on Crystallographic Computing 2004, 3, 22-31.
;
? 
N ? ? 4.01032 2.96436 ? ? 19.97189 1.75589  ? ? 0.0 
;2-Gaussian fit: Grosse-Kunstleve RW, Sauter NK, Adams PD: Newsletter of the IUCr Commission on Crystallographic Computing 2004, 3, 22-31.
;
? 
O ? ? 7.96527 ?       ? ? 9.05267  ?        ? ? 0.0 
;1-Gaussian fit: Grosse-Kunstleve RW, Sauter NK, Adams PD: Newsletter of the IUCr Commission on Crystallographic Computing 2004, 3, 22-31.
;
? 
P ? ? 9.51135 5.44231 ? ? 1.42069  35.72801 ? ? 0.0 
;2-Gaussian fit: Grosse-Kunstleve RW, Sauter NK, Adams PD: Newsletter of the IUCr Commission on Crystallographic Computing 2004, 3, 22-31.
;
? 
# 
loop_
_atom_site.group_PDB 
_atom_site.id 
_atom_site.type_symbol 
_atom_site.label_atom_id 
_atom_site.label_alt_id 
_atom_site.label_comp_id 
_atom_site.label_asym_id 
_atom_site.label_entity_id 
_atom_site.label_seq_id 
_atom_site.pdbx_PDB_ins_code 
_atom_site.Cartn_x 
_atom_site.Cartn_y 
_atom_site.Cartn_z 
_atom_site.occupancy 
_atom_site.B_iso_or_equiv 
_atom_site.pdbx_formal_charge 
_atom_site.auth_seq_id 
_atom_site.auth_comp_id 
_atom_site.auth_asym_id 
_atom_site.auth_atom_id 
_atom_site.pdbx_PDB_model_num 
ATOM 1   O "O5'" . DA A 1 1 ? 20.21909  6.58493   -16.91173 1.000 46.13800  ? 1 DA A "O5'" 1 
ATOM 2   C "C5'" . DA A 1 1 ? 20.42233  7.94979   -17.25714 1.000 53.59139  ? 1 DA A "C5'" 1 
ATOM 3   C "C4'" . DA A 1 1 ? 20.34922  8.85404   -16.02598 1.000 56.00443  ? 1 DA A "C4'" 1 
ATOM 4   O "O4'" . DA A 1 1 ? 18.96660  9.20988   -15.73075 1.000 49.46825  ? 1 DA A "O4'" 1 
ATOM 5   C "C3'" . DA A 1 1 ? 20.88002  8.25023   -14.74116 1.000 56.93619  ? 1 DA A "C3'" 1 
ATOM 6   O "O3'" . DA A 1 1 ? 22.34340  8.40141   -14.67394 1.000 57.79076  ? 1 DA A "O3'" 1 
ATOM 7   C "C2'" . DA A 1 1 ? 20.13468  9.07690   -13.67712 1.000 51.49959  ? 1 DA A "C2'" 1 
ATOM 8   C "C1'" . DA A 1 1 ? 18.79825  9.36501   -14.33176 1.000 43.92246  ? 1 DA A "C1'" 1 
ATOM 9   N N9    . DA A 1 1 ? 17.76547  8.45733   -13.94050 1.000 40.73874  ? 1 DA A N9    1 
ATOM 10  C C8    . DA A 1 1 ? 17.40364  7.33099   -14.59456 1.000 45.68181  ? 1 DA A C8    1 
ATOM 11  N N7    . DA A 1 1 ? 16.41124  6.68975   -14.03685 1.000 48.13473  ? 1 DA A N7    1 
ATOM 12  C C5    . DA A 1 1 ? 16.09542  7.45980   -12.93574 1.000 45.98515  ? 1 DA A C5    1 
ATOM 13  C C6    . DA A 1 1 ? 15.11361  7.32228   -11.92555 1.000 45.65419  ? 1 DA A C6    1 
ATOM 14  N N6    . DA A 1 1 ? 14.24153  6.31343   -11.87776 1.000 45.18172  ? 1 DA A N6    1 
ATOM 15  N N1    . DA A 1 1 ? 15.06385  8.26980   -10.97096 1.000 46.24018  ? 1 DA A N1    1 
ATOM 16  C C2    . DA A 1 1 ? 15.94136  9.28293   -11.03446 1.000 50.45137  ? 1 DA A C2    1 
ATOM 17  N N3    . DA A 1 1 ? 16.90573  9.51647   -11.93783 1.000 49.69100  ? 1 DA A N3    1 
ATOM 18  C C4    . DA A 1 1 ? 16.92637  8.55899   -12.86634 1.000 44.75778  ? 1 DA A C4    1 
ATOM 19  P P     . DG A 1 2 ? 23.14423  8.36506   -13.26179 1.000 66.08855  ? 2 DG A P     1 
ATOM 20  O OP1   . DG A 1 2 ? 24.58048  8.51563   -13.60685 1.000 58.20460  ? 2 DG A OP1   1 
ATOM 21  O OP2   . DG A 1 2 ? 22.79665  7.16700   -12.44696 1.000 53.00080  ? 2 DG A OP2   1 
ATOM 22  O "O5'" . DG A 1 2 ? 22.60295  9.68435   -12.51578 1.000 56.31406  ? 2 DG A "O5'" 1 
ATOM 23  C "C5'" . DG A 1 2 ? 23.09716  10.04524  -11.28269 1.000 56.74599  ? 2 DG A "C5'" 1 
ATOM 24  C "C4'" . DG A 1 2 ? 22.02585  10.03212  -10.20922 1.000 51.33741  ? 2 DG A "C4'" 1 
ATOM 25  O "O4'" . DG A 1 2 ? 20.85085  9.34599   -10.62850 1.000 40.08546  ? 2 DG A "O4'" 1 
ATOM 26  C "C3'" . DG A 1 2 ? 22.45246  9.28386   -8.97519  1.000 54.96994  ? 2 DG A "C3'" 1 
ATOM 27  O "O3'" . DG A 1 2 ? 23.09110  10.14732  -8.12299  1.000 51.62326  ? 2 DG A "O3'" 1 
ATOM 28  C "C2'" . DG A 1 2 ? 21.14425  8.77833   -8.36935  1.000 52.86168  ? 2 DG A "C2'" 1 
ATOM 29  C "C1'" . DG A 1 2 ? 20.14712  9.01017   -9.46081  1.000 41.61277  ? 2 DG A "C1'" 1 
ATOM 30  N N9    . DG A 1 2 ? 19.30263  7.87942   -9.70923  1.000 45.57119  ? 2 DG A N9    1 
ATOM 31  C C8    . DG A 1 2 ? 19.32037  7.00748   -10.78173 1.000 51.06882  ? 2 DG A C8    1 
ATOM 32  N N7    . DG A 1 2 ? 18.35874  6.11227   -10.74900 1.000 49.80924  ? 2 DG A N7    1 
ATOM 33  C C5    . DG A 1 2 ? 17.66675  6.42873   -9.58120  1.000 53.21586  ? 2 DG A C5    1 
ATOM 34  C C6    . DG A 1 2 ? 16.50650  5.83848   -9.00374  1.000 53.44354  ? 2 DG A C6    1 
ATOM 35  O O6    . DG A 1 2 ? 15.83628  4.86763   -9.41172  1.000 49.43392  ? 2 DG A O6    1 
ATOM 36  N N1    . DG A 1 2 ? 16.14479  6.49204   -7.82390  1.000 54.42926  ? 2 DG A N1    1 
ATOM 37  C C2    . DG A 1 2 ? 16.81787  7.57695   -7.27789  1.000 55.99623  ? 2 DG A C2    1 
ATOM 38  N N2    . DG A 1 2 ? 16.32034  8.07625   -6.13772  1.000 60.26085  ? 2 DG A N2    1 
ATOM 39  N N3    . DG A 1 2 ? 17.89483  8.13250   -7.81156  1.000 51.14508  ? 2 DG A N3    1 
ATOM 40  C C4    . DG A 1 2 ? 18.25866  7.51315   -8.94283  1.000 50.27850  ? 2 DG A C4    1 
ATOM 41  P P     . DA A 1 3 ? 23.92614  9.54778   -6.91242  1.000 56.74885  ? 3 DA A P     1 
ATOM 42  O OP1   . DA A 1 3 ? 24.82375  10.66696  -6.53562  1.000 73.28931  ? 3 DA A OP1   1 
ATOM 43  O OP2   . DA A 1 3 ? 24.49788  8.22798   -7.29291  1.000 51.85494  ? 3 DA A OP2   1 
ATOM 44  O "O5'" . DA A 1 3 ? 22.81951  9.22923   -5.80205  1.000 54.77194  ? 3 DA A "O5'" 1 
ATOM 45  C "C5'" . DA A 1 3 ? 21.87237  10.20776  -5.38969  1.000 52.24453  ? 3 DA A "C5'" 1 
ATOM 46  C "C4'" . DA A 1 3 ? 21.10717  9.65566   -4.21625  1.000 60.19296  ? 3 DA A "C4'" 1 
ATOM 47  O "O4'" . DA A 1 3 ? 20.09402  8.71958   -4.68481  1.000 59.57034  ? 3 DA A "O4'" 1 
ATOM 48  C "C3'" . DA A 1 3 ? 21.96924  8.85437   -3.24349  1.000 69.19759  ? 3 DA A "C3'" 1 
ATOM 49  O "O3'" . DA A 1 3 ? 21.45505  8.99917   -1.94076  1.000 80.97932  ? 3 DA A "O3'" 1 
ATOM 50  C "C2'" . DA A 1 3 ? 21.80237  7.41889   -3.73975  1.000 63.12682  ? 3 DA A "C2'" 1 
ATOM 51  C "C1'" . DA A 1 3 ? 20.33253  7.43025   -4.12458  1.000 61.99015  ? 3 DA A "C1'" 1 
ATOM 52  N N9    . DA A 1 3 ? 19.97245  6.39752   -5.10940  1.000 61.75415  ? 3 DA A N9    1 
ATOM 53  C C8    . DA A 1 3 ? 20.65999  6.06598   -6.25641  1.000 60.03268  ? 3 DA A C8    1 
ATOM 54  N N7    . DA A 1 3 ? 20.10321  5.09979   -6.95598  1.000 51.67523  ? 3 DA A N7    1 
ATOM 55  C C5    . DA A 1 3 ? 18.98479  4.76882   -6.21899  1.000 51.77110  ? 3 DA A C5    1 
ATOM 56  C C6    . DA A 1 3 ? 17.99278  3.81716   -6.42428  1.000 50.92324  ? 3 DA A C6    1 
ATOM 57  N N6    . DA A 1 3 ? 17.99367  3.00668   -7.48114  1.000 53.74431  ? 3 DA A N6    1 
ATOM 58  N N1    . DA A 1 3 ? 16.99131  3.73001   -5.50660  1.000 50.24607  ? 3 DA A N1    1 
ATOM 59  C C2    . DA A 1 3 ? 17.01308  4.55046   -4.44524  1.000 50.62143  ? 3 DA A C2    1 
ATOM 60  N N3    . DA A 1 3 ? 17.91058  5.48823   -4.13359  1.000 53.17251  ? 3 DA A N3    1 
ATOM 61  C C4    . DA A 1 3 ? 18.88012  5.55066   -5.07389  1.000 56.68542  ? 3 DA A C4    1 
ATOM 62  P P     . DC A 1 4 ? 22.33711  8.57199   -0.67049  1.000 92.74922  ? 4 DC A P     1 
ATOM 63  O OP1   . DC A 1 4 ? 22.19652  9.69933   0.28031   1.000 92.08172  ? 4 DC A OP1   1 
ATOM 64  O OP2   . DC A 1 4 ? 23.67712  8.10429   -1.15541  1.000 75.92868  ? 4 DC A OP2   1 
ATOM 65  O "O5'" . DC A 1 4 ? 21.53956  7.33477   -0.03772  1.000 75.62038  ? 4 DC A "O5'" 1 
ATOM 66  C "C5'" . DC A 1 4 ? 20.14338  7.21868   -0.21771  1.000 67.80635  ? 4 DC A "C5'" 1 
ATOM 67  C "C4'" . DC A 1 4 ? 19.69735  5.82284   0.16347   1.000 69.42588  ? 4 DC A "C4'" 1 
ATOM 68  O "O4'" . DC A 1 4 ? 19.37071  5.04247   -1.02889  1.000 64.23425  ? 4 DC A "O4'" 1 
ATOM 69  C "C3'" . DC A 1 4 ? 20.75032  5.00247   0.90044   1.000 73.18198  ? 4 DC A "C3'" 1 
ATOM 70  O "O3'" . DC A 1 4 ? 20.11255  4.23921   1.90413   1.000 73.56383  ? 4 DC A "O3'" 1 
ATOM 71  C "C2'" . DC A 1 4 ? 21.29467  4.09759   -0.21055  1.000 66.18388  ? 4 DC A "C2'" 1 
ATOM 72  C "C1'" . DC A 1 4 ? 20.00055  3.78600   -0.92057  1.000 61.53224  ? 4 DC A "C1'" 1 
ATOM 73  N N1    . DC A 1 4 ? 20.16032  3.23187   -2.26539  1.000 58.32046  ? 4 DC A N1    1 
ATOM 74  C C2    . DC A 1 4 ? 19.19322  2.34959   -2.75009  1.000 56.98076  ? 4 DC A C2    1 
ATOM 75  O O2    . DC A 1 4 ? 18.24329  2.05657   -2.01191  1.000 55.89962  ? 4 DC A O2    1 
ATOM 76  N N3    . DC A 1 4 ? 19.32922  1.84884   -4.01656  1.000 59.20417  ? 4 DC A N3    1 
ATOM 77  C C4    . DC A 1 4 ? 20.39924  2.22125   -4.77119  1.000 59.36237  ? 4 DC A C4    1 
ATOM 78  N N4    . DC A 1 4 ? 20.51738  1.71825   -6.00433  1.000 59.31622  ? 4 DC A N4    1 
ATOM 79  C C5    . DC A 1 4 ? 21.39006  3.12691   -4.28045  1.000 60.23830  ? 4 DC A C5    1 
ATOM 80  C C6    . DC A 1 4 ? 21.22883  3.60486   -3.03581  1.000 61.47777  ? 4 DC A C6    1 
ATOM 81  P P     . DG A 1 5 ? 20.69118  4.22418   3.39807   1.000 71.47795  ? 5 DG A P     1 
ATOM 82  O OP1   . DG A 1 5 ? 20.69750  5.65720   3.78613   1.000 70.54160  ? 5 DG A OP1   1 
ATOM 83  O OP2   . DG A 1 5 ? 21.96970  3.45450   3.45732   1.000 61.13668  ? 5 DG A OP2   1 
ATOM 84  O "O5'" . DG A 1 5 ? 19.57027  3.39632   4.19238   1.000 66.51979  ? 5 DG A "O5'" 1 
ATOM 85  C "C5'" . DG A 1 5 ? 18.37644  3.01566   3.52613   1.000 62.15724  ? 5 DG A "C5'" 1 
ATOM 86  C "C4'" . DG A 1 5 ? 18.07551  1.53948   3.73569   1.000 65.75680  ? 5 DG A "C4'" 1 
ATOM 87  O "O4'" . DG A 1 5 ? 18.23956  0.84647   2.47703   1.000 64.32927  ? 5 DG A "O4'" 1 
ATOM 88  C "C3'" . DG A 1 5 ? 18.99079  0.80729   4.72040   1.000 67.27015  ? 5 DG A "C3'" 1 
ATOM 89  O "O3'" . DG A 1 5 ? 18.32011  -0.34048  5.27252   1.000 72.94895  ? 5 DG A "O3'" 1 
ATOM 90  C "C2'" . DG A 1 5 ? 20.12771  0.38056   3.81753   1.000 61.44894  ? 5 DG A "C2'" 1 
ATOM 91  C "C1'" . DG A 1 5 ? 19.36747  -0.00086  2.54953   1.000 63.12125  ? 5 DG A "C1'" 1 
ATOM 92  N N9    . DG A 1 5 ? 20.16813  0.16991   1.34831   1.000 62.10548  ? 5 DG A N9    1 
ATOM 93  C C8    . DG A 1 5 ? 21.27217  0.96550   1.20634   1.000 64.53897  ? 5 DG A C8    1 
ATOM 94  N N7    . DG A 1 5 ? 21.80094  0.91068   0.02134   1.000 60.91240  ? 5 DG A N7    1 
ATOM 95  C C5    . DG A 1 5 ? 21.00637  0.02059   -0.65679  1.000 55.16435  ? 5 DG A C5    1 
ATOM 96  C C6    . DG A 1 5 ? 21.10761  -0.43357  -1.96672  1.000 57.10834  ? 5 DG A C6    1 
ATOM 97  O O6    . DG A 1 5 ? 21.96489  -0.12145  -2.81727  1.000 61.12118  ? 5 DG A O6    1 
ATOM 98  N N1    . DG A 1 5 ? 20.08869  -1.33706  -2.27406  1.000 55.53287  ? 5 DG A N1    1 
ATOM 99  C C2    . DG A 1 5 ? 19.10932  -1.74519  -1.39964  1.000 51.85025  ? 5 DG A C2    1 
ATOM 100 N N2    . DG A 1 5 ? 18.22123  -2.63181  -1.85842  1.000 49.77017  ? 5 DG A N2    1 
ATOM 101 N N3    . DG A 1 5 ? 19.01542  -1.32367  -0.15972  1.000 53.87519  ? 5 DG A N3    1 
ATOM 102 C C4    . DG A 1 5 ? 19.99222  -0.44955  0.14209   1.000 56.46300  ? 5 DG A C4    1 
ATOM 103 P P     . DC B 2 1 ? 19.63165  -7.57061  -10.33012 1.000 76.33006  ? 1 DC B P     1 
ATOM 104 O OP1   . DC B 2 1 ? 19.53573  -8.21189  -11.65679 1.000 85.26865  ? 1 DC B OP1   1 
ATOM 105 O OP2   . DC B 2 1 ? 19.55384  -6.10055  -10.19204 1.000 70.67913  ? 1 DC B OP2   1 
ATOM 106 O "O5'" . DC B 2 1 ? 18.45874  -8.18135  -9.45601  1.000 64.60690  ? 1 DC B "O5'" 1 
ATOM 107 C "C5'" . DC B 2 1 ? 18.66502  -8.34500  -8.09171  1.000 66.66845  ? 1 DC B "C5'" 1 
ATOM 108 C "C4'" . DC B 2 1 ? 17.86608  -7.32233  -7.30718  1.000 69.94662  ? 1 DC B "C4'" 1 
ATOM 109 O "O4'" . DC B 2 1 ? 18.74755  -6.33803  -6.71439  1.000 67.30797  ? 1 DC B "O4'" 1 
ATOM 110 C "C3'" . DC B 2 1 ? 16.81900  -6.52720  -8.10233  1.000 63.68344  ? 1 DC B "C3'" 1 
ATOM 111 O "O3'" . DC B 2 1 ? 15.57457  -6.60106  -7.40750  1.000 64.57325  ? 1 DC B "O3'" 1 
ATOM 112 C "C2'" . DC B 2 1 ? 17.38479  -5.09714  -8.07994  1.000 61.92958  ? 1 DC B "C2'" 1 
ATOM 113 C "C1'" . DC B 2 1 ? 18.07696  -5.11033  -6.73385  1.000 61.11085  ? 1 DC B "C1'" 1 
ATOM 114 N N1    . DC B 2 1 ? 19.07644  -4.05177  -6.50039  1.000 58.23306  ? 1 DC B N1    1 
ATOM 115 C C2    . DC B 2 1 ? 19.12797  -3.45375  -5.24026  1.000 56.51553  ? 1 DC B C2    1 
ATOM 116 O O2    . DC B 2 1 ? 18.30141  -3.80537  -4.37886  1.000 53.19275  ? 1 DC B O2    1 
ATOM 117 N N3    . DC B 2 1 ? 20.07308  -2.50615  -4.99982  1.000 59.18071  ? 1 DC B N3    1 
ATOM 118 C C4    . DC B 2 1 ? 20.94426  -2.17292  -5.95976  1.000 58.77830  ? 1 DC B C4    1 
ATOM 119 N N4    . DC B 2 1 ? 21.86028  -1.23234  -5.67842  1.000 58.19386  ? 1 DC B N4    1 
ATOM 120 C C5    . DC B 2 1 ? 20.90706  -2.78456  -7.25227  1.000 58.48939  ? 1 DC B C5    1 
ATOM 121 C C6    . DC B 2 1 ? 19.97432  -3.71985  -7.47148  1.000 59.29564  ? 1 DC B C6    1 
ATOM 122 P P     . DG B 2 2 ? 14.17392  -6.51545  -8.19343  1.000 77.91495  ? 2 DG B P     1 
ATOM 123 O OP1   . DG B 2 2 ? 13.65950  -7.89035  -8.37698  1.000 78.49924  ? 2 DG B OP1   1 
ATOM 124 O OP2   . DG B 2 2 ? 14.38130  -5.68802  -9.40025  1.000 76.79476  ? 2 DG B OP2   1 
ATOM 125 O "O5'" . DG B 2 2 ? 13.22130  -5.71644  -7.17470  1.000 68.79986  ? 2 DG B "O5'" 1 
ATOM 126 C "C5'" . DG B 2 2 ? 12.69769  -6.38147  -6.03360  1.000 64.80519  ? 2 DG B "C5'" 1 
ATOM 127 C "C4'" . DG B 2 2 ? 12.37819  -5.40779  -4.90112  1.000 64.01721  ? 2 DG B "C4'" 1 
ATOM 128 O "O4'" . DG B 2 2 ? 13.49191  -4.50799  -4.64585  1.000 60.12232  ? 2 DG B "O4'" 1 
ATOM 129 C "C3'" . DG B 2 2 ? 11.19559  -4.47486  -5.09540  1.000 62.05334  ? 2 DG B "C3'" 1 
ATOM 130 O "O3'" . DG B 2 2 ? 10.84691  -4.03617  -3.78529  1.000 66.52208  ? 2 DG B "O3'" 1 
ATOM 131 C "C2'" . DG B 2 2 ? 11.85885  -3.34045  -5.87436  1.000 54.03222  ? 2 DG B "C2'" 1 
ATOM 132 C "C1'" . DG B 2 2 ? 13.13185  -3.18759  -5.03716  1.000 56.97375  ? 2 DG B "C1'" 1 
ATOM 133 N N9    . DG B 2 2 ? 14.28225  -2.65161  -5.73703  1.000 56.95216  ? 2 DG B N9    1 
ATOM 134 C C8    . DG B 2 2 ? 14.69601  -2.96676  -7.01068  1.000 57.66838  ? 2 DG B C8    1 
ATOM 135 N N7    . DG B 2 2 ? 15.81432  -2.37689  -7.35591  1.000 59.04460  ? 2 DG B N7    1 
ATOM 136 C C5    . DG B 2 2 ? 16.18023  -1.64589  -6.22370  1.000 57.51631  ? 2 DG B C5    1 
ATOM 137 C C6    . DG B 2 2 ? 17.30933  -0.80992  -5.99637  1.000 53.73380  ? 2 DG B C6    1 
ATOM 138 O O6    . DG B 2 2 ? 18.23404  -0.54215  -6.78099  1.000 54.92077  ? 2 DG B O6    1 
ATOM 139 N N1    . DG B 2 2 ? 17.29570  -0.26190  -4.71711  1.000 48.47601  ? 2 DG B N1    1 
ATOM 140 C C2    . DG B 2 2 ? 16.31445  -0.49607  -3.78205  1.000 48.37325  ? 2 DG B C2    1 
ATOM 141 N N2    . DG B 2 2 ? 16.46837  0.10282   -2.60258  1.000 50.22134  ? 2 DG B N2    1 
ATOM 142 N N3    . DG B 2 2 ? 15.25622  -1.28041  -3.97582  1.000 46.87002  ? 2 DG B N3    1 
ATOM 143 C C4    . DG B 2 2 ? 15.25336  -1.81826  -5.21199  1.000 54.60097  ? 2 DG B C4    1 
ATOM 144 P P     . DT B 2 3 ? 9.33372   -3.83599  -3.28778  1.000 57.81434  ? 3 DT B P     1 
ATOM 145 O OP1   . DT B 2 3 ? 9.19422   -4.59718  -2.02316  1.000 54.31937  ? 3 DT B OP1   1 
ATOM 146 O OP2   . DT B 2 3 ? 8.39586   -4.04740  -4.42297  1.000 52.93341  ? 3 DT B OP2   1 
ATOM 147 O "O5'" . DT B 2 3 ? 9.37853   -2.31129  -2.80290  1.000 67.10305  ? 3 DT B "O5'" 1 
ATOM 148 C "C5'" . DT B 2 3 ? 10.47688  -1.87851  -1.95555  1.000 60.83704  ? 3 DT B "C5'" 1 
ATOM 149 C "C4'" . DT B 2 3 ? 10.75330  -0.38303  -2.10382  1.000 55.48347  ? 3 DT B "C4'" 1 
ATOM 150 O "O4'" . DT B 2 3 ? 11.91662  -0.16551  -2.93824  1.000 51.03465  ? 3 DT B "O4'" 1 
ATOM 151 C "C3'" . DT B 2 3 ? 9.62025   0.43767   -2.73267  1.000 59.26008  ? 3 DT B "C3'" 1 
ATOM 152 O "O3'" . DT B 2 3 ? 9.16149   1.42118   -1.80231  1.000 64.50317  ? 3 DT B "O3'" 1 
ATOM 153 C "C2'" . DT B 2 3 ? 10.27917  1.09184   -3.95980  1.000 54.54703  ? 3 DT B "C2'" 1 
ATOM 154 C "C1'" . DT B 2 3 ? 11.75148  1.05102   -3.59078  1.000 47.63326  ? 3 DT B "C1'" 1 
ATOM 155 N N1    . DT B 2 3 ? 12.66977  1.11229   -4.76364  1.000 46.31533  ? 3 DT B N1    1 
ATOM 156 C C2    . DT B 2 3 ? 13.89646  1.69964   -4.62560  1.000 48.36138  ? 3 DT B C2    1 
ATOM 157 O O2    . DT B 2 3 ? 14.28429  2.16243   -3.59057  1.000 57.25578  ? 3 DT B O2    1 
ATOM 158 N N3    . DT B 2 3 ? 14.65823  1.72361   -5.74575  1.000 43.54496  ? 3 DT B N3    1 
ATOM 159 C C4    . DT B 2 3 ? 14.31089  1.24817   -6.97501  1.000 44.89252  ? 3 DT B C4    1 
ATOM 160 O O4    . DT B 2 3 ? 15.04285  1.32391   -7.93584  1.000 47.50517  ? 3 DT B O4    1 
ATOM 161 C C5    . DT B 2 3 ? 13.02183  0.65190   -7.06165  1.000 47.45731  ? 3 DT B C5    1 
ATOM 162 C C7    . DT B 2 3 ? 12.55629  0.09905   -8.36397  1.000 55.16877  ? 3 DT B C7    1 
ATOM 163 C C6    . DT B 2 3 ? 12.26495  0.60849   -5.96320  1.000 48.85621  ? 3 DT B C6    1 
ATOM 164 P P     . DG B 2 4 ? 7.91440   1.13953   -0.82173  1.000 60.33922  ? 4 DG B P     1 
ATOM 165 O OP1   . DG B 2 4 ? 6.79371   1.94626   -1.38186  1.000 47.32040  ? 4 DG B OP1   1 
ATOM 166 O OP2   . DG B 2 4 ? 8.40735   1.33700   0.57233   1.000 59.35081  ? 4 DG B OP2   1 
ATOM 167 O "O5'" . DG B 2 4 ? 7.64646   -0.43884  -0.93534  1.000 60.61055  ? 4 DG B "O5'" 1 
ATOM 168 C "C5'" . DG B 2 4 ? 6.32114   -0.95645  -0.89607  1.000 65.27285  ? 4 DG B "C5'" 1 
ATOM 169 C "C4'" . DG B 2 4 ? 5.90478   -1.38329  0.49679   1.000 67.82048  ? 4 DG B "C4'" 1 
ATOM 170 O "O4'" . DG B 2 4 ? 4.70762   -2.20969  0.39809   1.000 68.66326  ? 4 DG B "O4'" 1 
ATOM 171 C "C3'" . DG B 2 4 ? 6.92251   -2.23488  1.21786   1.000 67.05692  ? 4 DG B "C3'" 1 
ATOM 172 O "O3'" . DG B 2 4 ? 6.79722   -2.07852  2.60127   1.000 64.60572  ? 4 DG B "O3'" 1 
ATOM 173 C "C2'" . DG B 2 4 ? 6.54907   -3.65344  0.77487   1.000 71.68757  ? 4 DG B "C2'" 1 
ATOM 174 C "C1'" . DG B 2 4 ? 5.03178   -3.57510  0.60493   1.000 73.07581  ? 4 DG B "C1'" 1 
ATOM 175 N N9    . DG B 2 4 ? 4.55972   -4.35775  -0.53967  1.000 75.71476  ? 4 DG B N9    1 
ATOM 176 C C8    . DG B 2 4 ? 5.09252   -4.35257  -1.80245  1.000 75.58860  ? 4 DG B C8    1 
ATOM 177 N N7    . DG B 2 4 ? 4.48906   -5.16556  -2.62635  1.000 82.18792  ? 4 DG B N7    1 
ATOM 178 C C5    . DG B 2 4 ? 3.49690   -5.77123  -1.85505  1.000 78.79799  ? 4 DG B C5    1 
ATOM 179 C C6    . DG B 2 4 ? 2.52900   -6.75562  -2.20951  1.000 70.73729  ? 4 DG B C6    1 
ATOM 180 O O6    . DG B 2 4 ? 2.35189   -7.29179  -3.30380  1.000 69.10197  ? 4 DG B O6    1 
ATOM 181 N N1    . DG B 2 4 ? 1.71799   -7.09775  -1.14053  1.000 67.64485  ? 4 DG B N1    1 
ATOM 182 C C2    . DG B 2 4 ? 1.82811   -6.55263  0.11004   1.000 74.78398  ? 4 DG B C2    1 
ATOM 183 N N2    . DG B 2 4 ? 0.96731   -6.99055  1.02581   1.000 77.02960  ? 4 DG B N2    1 
ATOM 184 N N3    . DG B 2 4 ? 2.72326   -5.62933  0.45691   1.000 80.12269  ? 4 DG B N3    1 
ATOM 185 C C4    . DG B 2 4 ? 3.52520   -5.28789  -0.57013  1.000 78.26415  ? 4 DG B C4    1 
ATOM 186 P P     . DG B 2 5 ? 7.58620   -3.08883  3.56605   1.000 78.85017  ? 5 DG B P     1 
ATOM 187 O OP1   . DG B 2 5 ? 7.71685   -2.49186  4.90946   1.000 84.51448  ? 5 DG B OP1   1 
ATOM 188 O OP2   . DG B 2 5 ? 8.79796   -3.49124  2.81952   1.000 80.08651  ? 5 DG B OP2   1 
ATOM 189 O "O5'" . DG B 2 5 ? 6.60365   -4.33062  3.71951   1.000 69.25598  ? 5 DG B "O5'" 1 
ATOM 190 C "C5'" . DG B 2 5 ? 5.29196   -4.10806  4.15362   1.000 70.75109  ? 5 DG B "C5'" 1 
ATOM 191 C "C4'" . DG B 2 5 ? 4.76442   -5.31323  4.88102   1.000 71.80371  ? 5 DG B "C4'" 1 
ATOM 192 O "O4'" . DG B 2 5 ? 4.13782   -6.21579  3.93604   1.000 77.48946  ? 5 DG B "O4'" 1 
ATOM 193 C "C3'" . DG B 2 5 ? 5.80721   -6.14734  5.60447   1.000 74.80706  ? 5 DG B "C3'" 1 
ATOM 194 O "O3'" . DG B 2 5 ? 5.16004   -6.80415  6.67252   1.000 76.86520  ? 5 DG B "O3'" 1 
ATOM 195 C "C2'" . DG B 2 5 ? 6.23789   -7.13170  4.51759   1.000 77.37403  ? 5 DG B "C2'" 1 
ATOM 196 C "C1'" . DG B 2 5 ? 4.91313   -7.40441  3.80536   1.000 79.29426  ? 5 DG B "C1'" 1 
ATOM 197 N N9    . DG B 2 5 ? 5.05123   -7.70722  2.37077   1.000 79.88681  ? 5 DG B N9    1 
ATOM 198 C C8    . DG B 2 5 ? 5.98614   -7.18925  1.49803   1.000 78.78377  ? 5 DG B C8    1 
ATOM 199 N N7    . DG B 2 5 ? 5.85114   -7.62091  0.27148   1.000 78.19811  ? 5 DG B N7    1 
ATOM 200 C C5    . DG B 2 5 ? 4.75280   -8.47164  0.32741   1.000 76.92207  ? 5 DG B C5    1 
ATOM 201 C C6    . DG B 2 5 ? 4.13037   -9.22164  -0.69833  1.000 74.60492  ? 5 DG B C6    1 
ATOM 202 O O6    . DG B 2 5 ? 4.43775   -9.29302  -1.89973  1.000 75.36507  ? 5 DG B O6    1 
ATOM 203 N N1    . DG B 2 5 ? 3.05038   -9.95737  -0.21528  1.000 72.88786  ? 5 DG B N1    1 
ATOM 204 C C2    . DG B 2 5 ? 2.62134   -9.95169  1.08647   1.000 73.77283  ? 5 DG B C2    1 
ATOM 205 N N2    . DG B 2 5 ? 1.55734   -10.71645 1.36025   1.000 77.42172  ? 5 DG B N2    1 
ATOM 206 N N3    . DG B 2 5 ? 3.18832   -9.24666  2.05867   1.000 73.61923  ? 5 DG B N3    1 
ATOM 207 C C4    . DG B 2 5 ? 4.24749   -8.53692  1.61044   1.000 76.55462  ? 5 DG B C4    1 
ATOM 208 P P     . DA B 2 6 ? 5.92386   -7.78102  7.69292   1.000 74.60083  ? 6 DA B P     1 
ATOM 209 O OP1   . DA B 2 6 ? 6.10220   -7.01248  8.93912   1.000 80.37208  ? 6 DA B OP1   1 
ATOM 210 O OP2   . DA B 2 6 ? 7.09969   -8.48854  7.12411   1.000 72.95357  ? 6 DA B OP2   1 
ATOM 211 O "O5'" . DA B 2 6 ? 4.79714   -8.84732  7.99609   1.000 73.43612  ? 6 DA B "O5'" 1 
ATOM 212 C "C5'" . DA B 2 6 ? 3.73568   -9.03623  7.07777   1.000 71.88875  ? 6 DA B "C5'" 1 
ATOM 213 C "C4'" . DA B 2 6 ? 3.49364   -10.50622 6.96302   1.000 74.79109  ? 6 DA B "C4'" 1 
ATOM 214 O "O4'" . DA B 2 6 ? 3.50370   -10.88836 5.56332   1.000 74.83368  ? 6 DA B "O4'" 1 
ATOM 215 C "C3'" . DA B 2 6 ? 4.58794   -11.31279 7.65228   1.000 78.25603  ? 6 DA B "C3'" 1 
ATOM 216 O "O3'" . DA B 2 6 ? 4.03803   -12.38489 8.38474   1.000 89.08003  ? 6 DA B "O3'" 1 
ATOM 217 C "C2'" . DA B 2 6 ? 5.47071   -11.78730 6.50580   1.000 79.06784  ? 6 DA B "C2'" 1 
ATOM 218 C "C1'" . DA B 2 6 ? 4.48808   -11.88432 5.34137   1.000 78.65083  ? 6 DA B "C1'" 1 
ATOM 219 N N9    . DA B 2 6 ? 5.13215   -11.65575 4.03548   1.000 78.61471  ? 6 DA B N9    1 
ATOM 220 C C8    . DA B 2 6 ? 6.19448   -10.82621 3.78341   1.000 77.64174  ? 6 DA B C8    1 
ATOM 221 N N7    . DA B 2 6 ? 6.58137   -10.81732 2.53597   1.000 71.01458  ? 6 DA B N7    1 
ATOM 222 C C5    . DA B 2 6 ? 5.73075   -11.70828 1.92488   1.000 72.16632  ? 6 DA B C5    1 
ATOM 223 C C6    . DA B 2 6 ? 5.63524   -12.13099 0.60926   1.000 74.96959  ? 6 DA B C6    1 
ATOM 224 N N6    . DA B 2 6 ? 6.44826   -11.68351 -0.34389  1.000 81.67127  ? 6 DA B N6    1 
ATOM 225 N N1    . DA B 2 6 ? 4.67235   -13.01911 0.29758   1.000 71.81052  ? 6 DA B N1    1 
ATOM 226 C C2    . DA B 2 6 ? 3.86449   -13.46647 1.26298   1.000 69.77929  ? 6 DA B C2    1 
ATOM 227 N N3    . DA B 2 6 ? 3.85900   -13.14365 2.55474   1.000 72.22369  ? 6 DA B N3    1 
ATOM 228 C C4    . DA B 2 6 ? 4.82917   -12.24518 2.82301   1.000 74.49678  ? 6 DA B C4    1 
ATOM 229 P P     . DT C 3 1 ? 4.71358   -19.65072 -7.79047  1.000 101.54422 ? 1 DT C P     1 
ATOM 230 O OP1   . DT C 3 1 ? 4.21128   -20.96189 -8.26913  1.000 96.98028  ? 1 DT C OP1   1 
ATOM 231 O OP2   . DT C 3 1 ? 4.98549   -18.49993 -8.69611  1.000 88.91011  ? 1 DT C OP2   1 
ATOM 232 O "O5'" . DT C 3 1 ? 3.69848   -19.16669 -6.66071  1.000 92.98043  ? 1 DT C "O5'" 1 
ATOM 233 C "C5'" . DT C 3 1 ? 4.00549   -19.40342 -5.28577  1.000 90.80047  ? 1 DT C "C5'" 1 
ATOM 234 C "C4'" . DT C 3 1 ? 2.84548   -18.97546 -4.42070  1.000 89.76038  ? 1 DT C "C4'" 1 
ATOM 235 O "O4'" . DT C 3 1 ? 3.30244   -18.03610 -3.40981  1.000 75.38170  ? 1 DT C "O4'" 1 
ATOM 236 C "C3'" . DT C 3 1 ? 1.74488   -18.24614 -5.17602  1.000 93.30477  ? 1 DT C "C3'" 1 
ATOM 237 O "O3'" . DT C 3 1 ? 0.52663   -18.40205 -4.46534  1.000 105.46231 ? 1 DT C "O3'" 1 
ATOM 238 C "C2'" . DT C 3 1 ? 2.24985   -16.81762 -5.11113  1.000 84.75630  ? 1 DT C "C2'" 1 
ATOM 239 C "C1'" . DT C 3 1 ? 2.74614   -16.77200 -3.67448  1.000 75.51054  ? 1 DT C "C1'" 1 
ATOM 240 N N1    . DT C 3 1 ? 3.77030   -15.78513 -3.44984  1.000 72.67503  ? 1 DT C N1    1 
ATOM 241 C C2    . DT C 3 1 ? 4.11877   -15.49972 -2.16975  1.000 75.58866  ? 1 DT C C2    1 
ATOM 242 O O2    . DT C 3 1 ? 3.60425   -16.04551 -1.20284  1.000 74.95912  ? 1 DT C O2    1 
ATOM 243 N N3    . DT C 3 1 ? 5.08426   -14.54004 -2.04279  1.000 76.30030  ? 1 DT C N3    1 
ATOM 244 C C4    . DT C 3 1 ? 5.73596   -13.87266 -3.07298  1.000 71.30763  ? 1 DT C C4    1 
ATOM 245 O O4    . DT C 3 1 ? 6.60595   -13.04308 -2.87239  1.000 68.41249  ? 1 DT C O4    1 
ATOM 246 C C5    . DT C 3 1 ? 5.31095   -14.21810 -4.39356  1.000 71.49570  ? 1 DT C C5    1 
ATOM 247 C C7    . DT C 3 1 ? 5.93663   -13.55054 -5.57598  1.000 70.31767  ? 1 DT C C7    1 
ATOM 248 C C6    . DT C 3 1 ? 4.35979   -15.15166 -4.52190  1.000 74.97458  ? 1 DT C C6    1 
ATOM 249 P P     . DC C 3 2 ? -0.89480  -18.00539 -5.10429  1.000 114.47796 ? 2 DC C P     1 
ATOM 250 O OP1   . DC C 3 2 ? -1.56679  -19.26787 -5.49104  1.000 115.74054 ? 2 DC C OP1   1 
ATOM 251 O OP2   . DC C 3 2 ? -0.71585  -16.92234 -6.10760  1.000 100.66767 ? 2 DC C OP2   1 
ATOM 252 O "O5'" . DC C 3 2 ? -1.66849  -17.44139 -3.83120  1.000 92.98321  ? 2 DC C "O5'" 1 
ATOM 253 C "C5'" . DC C 3 2 ? -1.30828  -17.94361 -2.56158  1.000 87.98164  ? 2 DC C "C5'" 1 
ATOM 254 C "C4'" . DC C 3 2 ? -1.50284  -16.89560 -1.49653  1.000 87.07353  ? 2 DC C "C4'" 1 
ATOM 255 O "O4'" . DC C 3 2 ? -0.37251  -15.97407 -1.46049  1.000 82.68015  ? 2 DC C "O4'" 1 
ATOM 256 C "C3'" . DC C 3 2 ? -2.74669  -16.04783 -1.67823  1.000 87.05016  ? 2 DC C "C3'" 1 
ATOM 257 O "O3'" . DC C 3 2 ? -3.39880  -15.94481 -0.42560  1.000 88.78027  ? 2 DC C "O3'" 1 
ATOM 258 C "C2'" . DC C 3 2 ? -2.18598  -14.70331 -2.16882  1.000 86.88519  ? 2 DC C "C2'" 1 
ATOM 259 C "C1'" . DC C 3 2 ? -0.85001  -14.64358 -1.44081  1.000 82.04232  ? 2 DC C "C1'" 1 
ATOM 260 N N1    . DC C 3 2 ? 0.20264   -13.74741 -2.09272  1.000 78.12115  ? 2 DC C N1    1 
ATOM 261 C C2    . DC C 3 2 ? 1.01503   -12.91760 -1.29322  1.000 73.61412  ? 2 DC C C2    1 
ATOM 262 O O2    . DC C 3 2 ? 0.84097   -12.89394 -0.06653  1.000 69.44132  ? 2 DC C O2    1 
ATOM 263 N N3    . DC C 3 2 ? 1.97040   -12.15444 -1.89762  1.000 71.25948  ? 2 DC C N3    1 
ATOM 264 C C4    . DC C 3 2 ? 2.12260   -12.20467 -3.23380  1.000 69.27999  ? 2 DC C C4    1 
ATOM 265 N N4    . DC C 3 2 ? 3.07089   -11.44454 -3.78910  1.000 69.50501  ? 2 DC C N4    1 
ATOM 266 C C5    . DC C 3 2 ? 1.30991   -13.03093 -4.05189  1.000 70.42986  ? 2 DC C C5    1 
ATOM 267 C C6    . DC C 3 2 ? 0.38260   -13.78720 -3.44932  1.000 76.63862  ? 2 DC C C6    1 
ATOM 268 P P     . DC C 3 3 ? -4.82267  -15.22118 -0.29588  1.000 87.90969  ? 3 DC C P     1 
ATOM 269 O OP1   . DC C 3 3 ? -5.63816  -15.97044 0.68484   1.000 83.66861  ? 3 DC C OP1   1 
ATOM 270 O OP2   . DC C 3 3 ? -5.29988  -14.95243 -1.67905  1.000 86.06328  ? 3 DC C OP2   1 
ATOM 271 O "O5'" . DC C 3 3 ? -4.45544  -13.85578 0.42812   1.000 84.85926  ? 3 DC C "O5'" 1 
ATOM 272 C "C5'" . DC C 3 3 ? -3.26725  -13.79531 1.24120   1.000 86.28770  ? 3 DC C "C5'" 1 
ATOM 273 C "C4'" . DC C 3 3 ? -3.24145  -12.51983 2.05223   1.000 84.45670  ? 3 DC C "C4'" 1 
ATOM 274 O "O4'" . DC C 3 3 ? -2.23153  -11.61674 1.51615   1.000 78.16412  ? 3 DC C "O4'" 1 
ATOM 275 C "C3'" . DC C 3 3 ? -4.53360  -11.74548 1.98630   1.000 82.89439  ? 3 DC C "C3'" 1 
ATOM 276 O "O3'" . DC C 3 3 ? -4.65659  -10.93230 3.11347   1.000 86.40815  ? 3 DC C "O3'" 1 
ATOM 277 C "C2'" . DC C 3 3 ? -4.32500  -10.91380 0.72739   1.000 82.64959  ? 3 DC C "C2'" 1 
ATOM 278 C "C1'" . DC C 3 3 ? -2.87021  -10.51575 0.89575   1.000 76.44630  ? 3 DC C "C1'" 1 
ATOM 279 N N1    . DC C 3 3 ? -2.19085  -10.25026 -0.35827  1.000 69.06844  ? 3 DC C N1    1 
ATOM 280 C C2    . DC C 3 3 ? -1.09925  -9.40637  -0.34445  1.000 68.21457  ? 3 DC C C2    1 
ATOM 281 O O2    . DC C 3 3 ? -0.76536  -8.92292  0.73617   1.000 68.32213  ? 3 DC C O2    1 
ATOM 282 N N3    . DC C 3 3 ? -0.44443  -9.15363  -1.49652  1.000 70.46782  ? 3 DC C N3    1 
ATOM 283 C C4    . DC C 3 3 ? -0.87951  -9.73666  -2.63408  1.000 71.56271  ? 3 DC C C4    1 
ATOM 284 N N4    . DC C 3 3 ? -0.21927  -9.48770  -3.77244  1.000 72.06761  ? 3 DC C N4    1 
ATOM 285 C C5    . DC C 3 3 ? -2.01334  -10.60044 -2.65365  1.000 69.72305  ? 3 DC C C5    1 
ATOM 286 C C6    . DC C 3 3 ? -2.63099  -10.82668 -1.50408  1.000 69.70443  ? 3 DC C C6    1 
ATOM 287 P P     . DG C 3 4 ? -6.11086  -10.40143 3.51719   1.000 93.11587  ? 4 DG C P     1 
ATOM 288 O OP1   . DG C 3 4 ? -6.59136  -11.40779 4.48968   1.000 95.25844  ? 4 DG C OP1   1 
ATOM 289 O OP2   . DG C 3 4 ? -6.87075  -10.04625 2.28620   1.000 79.96337  ? 4 DG C OP2   1 
ATOM 290 O "O5'" . DG C 3 4 ? -5.83880  -9.03821  4.28184   1.000 82.97407  ? 4 DG C "O5'" 1 
ATOM 291 C "C5'" . DG C 3 4 ? -4.53706  -8.68216  4.62708   1.000 82.73198  ? 4 DG C "C5'" 1 
ATOM 292 C "C4'" . DG C 3 4 ? -4.31198  -7.21221  4.35738   1.000 81.57442  ? 4 DG C "C4'" 1 
ATOM 293 O "O4'" . DG C 3 4 ? -3.67067  -7.04627  3.06905   1.000 76.86611  ? 4 DG C "O4'" 1 
ATOM 294 C "C3'" . DG C 3 4 ? -5.57230  -6.34987  4.27490   1.000 84.75581  ? 4 DG C "C3'" 1 
ATOM 295 O "O3'" . DG C 3 4 ? -5.19896  -5.01640  4.65641   1.000 88.86464  ? 4 DG C "O3'" 1 
ATOM 296 C "C2'" . DG C 3 4 ? -5.88029  -6.43205  2.77835   1.000 75.89267  ? 4 DG C "C2'" 1 
ATOM 297 C "C1'" . DG C 3 4 ? -4.47622  -6.21070  2.27021   1.000 75.09232  ? 4 DG C "C1'" 1 
ATOM 298 N N9    . DG C 3 4 ? -4.23417  -6.55802  0.89251   1.000 71.21897  ? 4 DG C N9    1 
ATOM 299 C C8    . DG C 3 4 ? -4.85379  -7.51476  0.14395   1.000 72.70539  ? 4 DG C C8    1 
ATOM 300 N N7    . DG C 3 4 ? -4.36438  -7.61529  -1.06809  1.000 73.60824  ? 4 DG C N7    1 
ATOM 301 C C5    . DG C 3 4 ? -3.36165  -6.66446  -1.11062  1.000 69.76213  ? 4 DG C C5    1 
ATOM 302 C C6    . DG C 3 4 ? -2.49139  -6.29994  -2.16022  1.000 67.80865  ? 4 DG C C6    1 
ATOM 303 O O6    . DG C 3 4 ? -2.42135  -6.76262  -3.30737  1.000 62.74345  ? 4 DG C O6    1 
ATOM 304 N N1    . DG C 3 4 ? -1.61577  -5.28610  -1.76492  1.000 72.45875  ? 4 DG C N1    1 
ATOM 305 C C2    . DG C 3 4 ? -1.59389  -4.69905  -0.51379  1.000 72.17224  ? 4 DG C C2    1 
ATOM 306 N N2    . DG C 3 4 ? -0.68027  -3.74344  -0.30895  1.000 68.81234  ? 4 DG C N2    1 
ATOM 307 N N3    . DG C 3 4 ? -2.41194  -5.02895  0.46668   1.000 73.24216  ? 4 DG C N3    1 
ATOM 308 C C4    . DG C 3 4 ? -3.26575  -6.01373  0.09705   1.000 72.80973  ? 4 DG C C4    1 
ATOM 309 P P     . DA C 3 5 ? -6.26092  -3.91210  5.14449   1.000 83.04983  ? 5 DA C P     1 
ATOM 310 O OP1   . DA C 3 5 ? -6.30269  -4.03792  6.62496   1.000 80.65719  ? 5 DA C OP1   1 
ATOM 311 O OP2   . DA C 3 5 ? -7.50621  -3.97840  4.33066   1.000 63.43820  ? 5 DA C OP2   1 
ATOM 312 O "O5'" . DA C 3 5 ? -5.50615  -2.54140  4.78101   1.000 81.39893  ? 5 DA C "O5'" 1 
ATOM 313 C "C5'" . DA C 3 5 ? -4.27239  -2.57238  4.00085   1.000 83.58011  ? 5 DA C "C5'" 1 
ATOM 314 C "C4'" . DA C 3 5 ? -3.82161  -1.16892  3.63160   1.000 78.57489  ? 5 DA C "C4'" 1 
ATOM 315 O "O4'" . DA C 3 5 ? -3.61961  -1.07285  2.20467   1.000 75.68912  ? 5 DA C "O4'" 1 
ATOM 316 C "C3'" . DA C 3 5 ? -4.85186  -0.11209  3.89840   1.000 80.84293  ? 5 DA C "C3'" 1 
ATOM 317 O "O3'" . DA C 3 5 ? -4.22717  1.14270   3.83495   1.000 80.05731  ? 5 DA C "O3'" 1 
ATOM 318 C "C2'" . DA C 3 5 ? -5.81456  -0.32336  2.72137   1.000 79.92539  ? 5 DA C "C2'" 1 
ATOM 319 C "C1'" . DA C 3 5 ? -4.84229  -0.67497  1.59293   1.000 78.75811  ? 5 DA C "C1'" 1 
ATOM 320 N N9    . DA C 3 5 ? -5.24901  -1.78520  0.76137   1.000 74.07570  ? 5 DA C N9    1 
ATOM 321 C C8    . DA C 3 5 ? -6.15553  -2.76972  1.02918   1.000 68.93661  ? 5 DA C C8    1 
ATOM 322 N N7    . DA C 3 5 ? -6.24195  -3.67080  0.07440   1.000 69.32859  ? 5 DA C N7    1 
ATOM 323 C C5    . DA C 3 5 ? -5.30463  -3.24738  -0.85996  1.000 73.13548  ? 5 DA C C5    1 
ATOM 324 C C6    . DA C 3 5 ? -4.87679  -3.75110  -2.12133  1.000 75.10449  ? 5 DA C C6    1 
ATOM 325 N N6    . DA C 3 5 ? -5.36804  -4.85419  -2.69117  1.000 75.25415  ? 5 DA C N6    1 
ATOM 326 N N1    . DA C 3 5 ? -3.91587  -3.06258  -2.77788  1.000 73.19202  ? 5 DA C N1    1 
ATOM 327 C C2    . DA C 3 5 ? -3.42569  -1.95578  -2.21787  1.000 78.33994  ? 5 DA C C2    1 
ATOM 328 N N3    . DA C 3 5 ? -3.74040  -1.39208  -1.06072  1.000 80.36449  ? 5 DA C N3    1 
ATOM 329 C C4    . DA C 3 5 ? -4.68725  -2.09281  -0.42941  1.000 76.04153  ? 5 DA C C4    1 
ATOM 330 O "O5'" . DC D 4 1 ? -15.92875 0.11176   21.51614  1.000 50.18538  ? 1 DC D "O5'" 1 
ATOM 331 C "C5'" . DC D 4 1 ? -15.93301 0.52482   22.86910  1.000 56.13963  ? 1 DC D "C5'" 1 
ATOM 332 C "C4'" . DC D 4 1 ? -14.69823 1.35549   23.18253  1.000 58.14969  ? 1 DC D "C4'" 1 
ATOM 333 O "O4'" . DC D 4 1 ? -13.51389 0.67346   22.70635  1.000 51.85548  ? 1 DC D "O4'" 1 
ATOM 334 C "C3'" . DC D 4 1 ? -14.66350 2.71066   22.51128  1.000 60.19516  ? 1 DC D "C3'" 1 
ATOM 335 O "O3'" . DC D 4 1 ? -15.37273 3.66726   23.31363  1.000 68.00113  ? 1 DC D "O3'" 1 
ATOM 336 C "C2'" . DC D 4 1 ? -13.16229 3.00449   22.44101  1.000 54.50896  ? 1 DC D "C2'" 1 
ATOM 337 C "C1'" . DC D 4 1 ? -12.57577 1.61250   22.21955  1.000 49.03080  ? 1 DC D "C1'" 1 
ATOM 338 N N1    . DC D 4 1 ? -12.27347 1.25739   20.80128  1.000 47.15759  ? 1 DC D N1    1 
ATOM 339 C C2    . DC D 4 1 ? -11.14914 1.78084   20.18250  1.000 47.23506  ? 1 DC D C2    1 
ATOM 340 O O2    . DC D 4 1 ? -10.45369 2.56541   20.80388  1.000 50.37356  ? 1 DC D O2    1 
ATOM 341 N N3    . DC D 4 1 ? -10.86332 1.42688   18.90590  1.000 46.41360  ? 1 DC D N3    1 
ATOM 342 C C4    . DC D 4 1 ? -11.63729 0.55563   18.27524  1.000 47.64132  ? 1 DC D C4    1 
ATOM 343 N N4    . DC D 4 1 ? -11.31267 0.21242   17.02818  1.000 45.64220  ? 1 DC D N4    1 
ATOM 344 C C5    . DC D 4 1 ? -12.77916 -0.01109  18.89470  1.000 52.67974  ? 1 DC D C5    1 
ATOM 345 C C6    . DC D 4 1 ? -13.05361 0.36124   20.15169  1.000 51.44793  ? 1 DC D C6    1 
ATOM 346 P P     . DT D 4 2 ? -15.49292 5.20522   22.84686  1.000 68.74991  ? 2 DT D P     1 
ATOM 347 O OP1   . DT D 4 2 ? -16.61536 5.79669   23.61065  1.000 70.29533  ? 2 DT D OP1   1 
ATOM 348 O OP2   . DT D 4 2 ? -15.53566 5.29874   21.36493  1.000 56.08055  ? 2 DT D OP2   1 
ATOM 349 O "O5'" . DT D 4 2 ? -14.11728 5.84079   23.34606  1.000 60.46914  ? 2 DT D "O5'" 1 
ATOM 350 C "C5'" . DT D 4 2 ? -13.80758 7.16360   22.97921  1.000 66.45695  ? 2 DT D "C5'" 1 
ATOM 351 C "C4'" . DT D 4 2 ? -12.57866 7.20992   22.09784  1.000 61.35718  ? 2 DT D "C4'" 1 
ATOM 352 O "O4'" . DT D 4 2 ? -12.44155 5.98637   21.35526  1.000 48.21517  ? 2 DT D "O4'" 1 
ATOM 353 C "C3'" . DT D 4 2 ? -12.62745 8.23915   20.99875  1.000 61.37846  ? 2 DT D "C3'" 1 
ATOM 354 O "O3'" . DT D 4 2 ? -12.33141 9.54774   21.47849  1.000 60.17172  ? 2 DT D "O3'" 1 
ATOM 355 C "C2'" . DT D 4 2 ? -11.52946 7.72979   20.08386  1.000 56.16996  ? 2 DT D "C2'" 1 
ATOM 356 C "C1'" . DT D 4 2 ? -11.52731 6.25127   20.31909  1.000 48.15266  ? 2 DT D "C1'" 1 
ATOM 357 N N1    . DT D 4 2 ? -11.83242 5.47168   19.09135  1.000 51.08488  ? 2 DT D N1    1 
ATOM 358 C C2    . DT D 4 2 ? -10.97452 5.59554   18.01172  1.000 51.31371  ? 2 DT D C2    1 
ATOM 359 O O2    . DT D 4 2 ? -10.01004 6.33896   17.99992  1.000 51.57867  ? 2 DT D O2    1 
ATOM 360 N N3    . DT D 4 2 ? -11.27974 4.81423   16.94118  1.000 50.06387  ? 2 DT D N3    1 
ATOM 361 C C4    . DT D 4 2 ? -12.31846 3.92797   16.82572  1.000 50.96244  ? 2 DT D C4    1 
ATOM 362 O O4    . DT D 4 2 ? -12.48459 3.27606   15.81471  1.000 52.12422  ? 2 DT D O4    1 
ATOM 363 C C5    . DT D 4 2 ? -13.19223 3.82124   17.98035  1.000 52.09477  ? 2 DT D C5    1 
ATOM 364 C C7    . DT D 4 2 ? -14.36765 2.87228   17.95704  1.000 44.04196  ? 2 DT D C7    1 
ATOM 365 C C6    . DT D 4 2 ? -12.90803 4.59594   19.05626  1.000 54.98799  ? 2 DT D C6    1 
ATOM 366 P P     . DA D 4 3 ? -12.21201 10.76563  20.42766  1.000 67.00123  ? 3 DA D P     1 
ATOM 367 O OP1   . DA D 4 3 ? -11.67186 11.91839  21.18687  1.000 73.19570  ? 3 DA D OP1   1 
ATOM 368 O OP2   . DA D 4 3 ? -13.44727 10.83690  19.60417  1.000 56.07728  ? 3 DA D OP2   1 
ATOM 369 O "O5'" . DA D 4 3 ? -11.12396 10.29589  19.35676  1.000 62.65041  ? 3 DA D "O5'" 1 
ATOM 370 C "C5'" . DA D 4 3 ? -9.71427  10.50880  19.53845  1.000 64.31766  ? 3 DA D "C5'" 1 
ATOM 371 C "C4'" . DA D 4 3 ? -9.14928  11.02285  18.23231  1.000 67.37326  ? 3 DA D "C4'" 1 
ATOM 372 O "O4'" . DA D 4 3 ? -9.29512  10.00227  17.19571  1.000 62.50375  ? 3 DA D "O4'" 1 
ATOM 373 C "C3'" . DA D 4 3 ? -9.90048  12.24290  17.72728  1.000 73.83881  ? 3 DA D "C3'" 1 
ATOM 374 O "O3'" . DA D 4 3 ? -9.04430  13.20582  17.21301  1.000 66.95646  ? 3 DA D "O3'" 1 
ATOM 375 C "C2'" . DA D 4 3 ? -10.85929 11.70974  16.65655  1.000 70.84935  ? 3 DA D "C2'" 1 
ATOM 376 C "C1'" . DA D 4 3 ? -10.20381 10.42753  16.17600  1.000 63.45928  ? 3 DA D "C1'" 1 
ATOM 377 N N9    . DA D 4 3 ? -11.20023 9.38754   15.99130  1.000 59.54757  ? 3 DA D N9    1 
ATOM 378 C C8    . DA D 4 3 ? -12.27096 9.15934   16.80760  1.000 60.27871  ? 3 DA D C8    1 
ATOM 379 N N7    . DA D 4 3 ? -13.01952 8.15649   16.42427  1.000 63.14796  ? 3 DA D N7    1 
ATOM 380 C C5    . DA D 4 3 ? -12.40736 7.70112   15.27134  1.000 56.01734  ? 3 DA D C5    1 
ATOM 381 C C6    . DA D 4 3 ? -12.72226 6.66334   14.40327  1.000 50.20595  ? 3 DA D C6    1 
ATOM 382 N N6    . DA D 4 3 ? -13.79864 5.87576   14.59736  1.000 47.84979  ? 3 DA D N6    1 
ATOM 383 N N1    . DA D 4 3 ? -11.91163 6.47051   13.32892  1.000 47.20351  ? 3 DA D N1    1 
ATOM 384 C C2    . DA D 4 3 ? -10.85539 7.27384   13.16261  1.000 44.10339  ? 3 DA D C2    1 
ATOM 385 N N3    . DA D 4 3 ? -10.45771 8.28796   13.92106  1.000 47.31583  ? 3 DA D N3    1 
ATOM 386 C C4    . DA D 4 3 ? -11.28141 8.45368   14.96747  1.000 54.09061  ? 3 DA D C4    1 
ATOM 387 P P     . DC D 4 4 ? -9.70745  14.54044  16.63754  1.000 80.29180  ? 4 DC D P     1 
ATOM 388 O OP1   . DC D 4 4 ? -8.74536  15.60899  16.98601  1.000 91.88325  ? 4 DC D OP1   1 
ATOM 389 O OP2   . DC D 4 4 ? -11.12130 14.63018  17.11256  1.000 77.95067  ? 4 DC D OP2   1 
ATOM 390 O "O5'" . DC D 4 4 ? -9.75462  14.28397  15.06296  1.000 58.89882  ? 4 DC D "O5'" 1 
ATOM 391 C "C5'" . DC D 4 4 ? -8.76235  13.50304  14.47012  1.000 57.31857  ? 4 DC D "C5'" 1 
ATOM 392 C "C4'" . DC D 4 4 ? -9.06834  13.30880  13.01324  1.000 59.89805  ? 4 DC D "C4'" 1 
ATOM 393 O "O4'" . DC D 4 4 ? -9.80452  12.06358  12.82006  1.000 58.66770  ? 4 DC D "O4'" 1 
ATOM 394 C "C3'" . DC D 4 4 ? -9.93672  14.40358  12.40188  1.000 60.96387  ? 4 DC D "C3'" 1 
ATOM 395 O "O3'" . DC D 4 4 ? -9.51042  14.63899  11.06415  1.000 59.37122  ? 4 DC D "O3'" 1 
ATOM 396 C "C2'" . DC D 4 4 ? -11.32343 13.76477  12.43400  1.000 61.84347  ? 4 DC D "C2'" 1 
ATOM 397 C "C1'" . DC D 4 4 ? -10.94296 12.34552  12.04495  1.000 58.09934  ? 4 DC D "C1'" 1 
ATOM 398 N N1    . DC D 4 4 ? -11.99372 11.31364  12.30043  1.000 53.29636  ? 4 DC D N1    1 
ATOM 399 C C2    . DC D 4 4 ? -12.13264 10.27572  11.39843  1.000 49.41558  ? 4 DC D C2    1 
ATOM 400 O O2    . DC D 4 4 ? -11.37231 10.23948  10.42849  1.000 50.55999  ? 4 DC D O2    1 
ATOM 401 N N3    . DC D 4 4 ? -13.08334 9.33596   11.61576  1.000 50.74676  ? 4 DC D N3    1 
ATOM 402 C C4    . DC D 4 4 ? -13.88032 9.43009   12.69165  1.000 52.58202  ? 4 DC D C4    1 
ATOM 403 N N4    . DC D 4 4 ? -14.80767 8.49180   12.86454  1.000 55.18113  ? 4 DC D N4    1 
ATOM 404 C C5    . DC D 4 4 ? -13.75790 10.49045  13.63055  1.000 53.15411  ? 4 DC D C5    1 
ATOM 405 C C6    . DC D 4 4 ? -12.80859 11.40480  13.39624  1.000 57.88767  ? 4 DC D C6    1 
ATOM 406 P P     . DG D 4 5 ? -9.46485  16.13549  10.48386  1.000 63.79893  ? 5 DG D P     1 
ATOM 407 O OP1   . DG D 4 5 ? -8.23222  16.76072  11.01303  1.000 58.48521  ? 5 DG D OP1   1 
ATOM 408 O OP2   . DG D 4 5 ? -10.79341 16.79229  10.68911  1.000 59.26842  ? 5 DG D OP2   1 
ATOM 409 O "O5'" . DG D 4 5 ? -9.25265  15.90733  8.92399   1.000 59.86132  ? 5 DG D "O5'" 1 
ATOM 410 C "C5'" . DG D 4 5 ? -8.78952  14.67079  8.45546   1.000 54.33118  ? 5 DG D "C5'" 1 
ATOM 411 C "C4'" . DG D 4 5 ? -9.50858  14.33002  7.18400   1.000 57.29460  ? 5 DG D "C4'" 1 
ATOM 412 O "O4'" . DG D 4 5 ? -10.52947 13.36440  7.49733   1.000 58.06644  ? 5 DG D "O4'" 1 
ATOM 413 C "C3'" . DG D 4 5 ? -10.22855 15.51562  6.52502   1.000 56.26968  ? 5 DG D "C3'" 1 
ATOM 414 O "O3'" . DG D 4 5 ? -10.21746 15.38678  5.11281   1.000 62.12646  ? 5 DG D "O3'" 1 
ATOM 415 C "C2'" . DG D 4 5 ? -11.64142 15.39917  7.06299   1.000 56.76749  ? 5 DG D "C2'" 1 
ATOM 416 C "C1'" . DG D 4 5 ? -11.80055 13.88808  7.19374   1.000 56.55218  ? 5 DG D "C1'" 1 
ATOM 417 N N9    . DG D 4 5 ? -12.71473 13.50513  8.25691   1.000 55.21545  ? 5 DG D N9    1 
ATOM 418 C C8    . DG D 4 5 ? -12.97301 14.19530  9.41931   1.000 57.39895  ? 5 DG D C8    1 
ATOM 419 N N7    . DG D 4 5 ? -13.85757 13.61498  10.19054  1.000 54.37235  ? 5 DG D N7    1 
ATOM 420 C C5    . DG D 4 5 ? -14.20185 12.46887  9.49997   1.000 51.89833  ? 5 DG D C5    1 
ATOM 421 C C6    . DG D 4 5 ? -15.11266 11.45656  9.84135   1.000 49.66005  ? 5 DG D C6    1 
ATOM 422 O O6    . DG D 4 5 ? -15.81698 11.37694  10.85816  1.000 50.10477  ? 5 DG D O6    1 
ATOM 423 N N1    . DG D 4 5 ? -15.17089 10.46417  8.85173   1.000 50.14526  ? 5 DG D N1    1 
ATOM 424 C C2    . DG D 4 5 ? -14.42590 10.47151  7.67221   1.000 49.89029  ? 5 DG D C2    1 
ATOM 425 N N2    . DG D 4 5 ? -14.60786 9.44275   6.82517   1.000 44.02536  ? 5 DG D N2    1 
ATOM 426 N N3    . DG D 4 5 ? -13.56559 11.42709  7.34691   1.000 51.69409  ? 5 DG D N3    1 
ATOM 427 C C4    . DG D 4 5 ? -13.50612 12.38706  8.30045   1.000 53.73762  ? 5 DG D C4    1 
ATOM 428 P P     . DC E 2 1 ? -22.10155 3.14233   7.36070   1.000 71.30044  ? 1 DC E P     1 
ATOM 429 O OP1   . DC E 2 1 ? -23.53861 2.91666   7.08416   1.000 72.82530  ? 1 DC E OP1   1 
ATOM 430 O OP2   . DC E 2 1 ? -21.28883 2.17065   8.13646   1.000 65.48680  ? 1 DC E OP2   1 
ATOM 431 O "O5'" . DC E 2 1 ? -21.39629 3.25671   5.93224   1.000 65.22018  ? 1 DC E "O5'" 1 
ATOM 432 C "C5'" . DC E 2 1 ? -20.99329 4.52984   5.44688   1.000 69.64194  ? 1 DC E "C5'" 1 
ATOM 433 C "C4'" . DC E 2 1 ? -19.48973 4.62215   5.43550   1.000 61.50598  ? 1 DC E "C4'" 1 
ATOM 434 O "O4'" . DC E 2 1 ? -19.06318 5.72344   6.27195   1.000 55.05672  ? 1 DC E "O4'" 1 
ATOM 435 C "C3'" . DC E 2 1 ? -18.79024 3.38783   5.98605   1.000 59.07689  ? 1 DC E "C3'" 1 
ATOM 436 O "O3'" . DC E 2 1 ? -17.68503 3.08375   5.18053   1.000 61.13034  ? 1 DC E "O3'" 1 
ATOM 437 C "C2'" . DC E 2 1 ? -18.35643 3.84189   7.37614   1.000 61.01274  ? 1 DC E "C2'" 1 
ATOM 438 C "C1'" . DC E 2 1 ? -18.00724 5.27701   7.07818   1.000 54.18903  ? 1 DC E "C1'" 1 
ATOM 439 N N1    . DC E 2 1 ? -17.92533 6.16789   8.25302   1.000 51.49279  ? 1 DC E N1    1 
ATOM 440 C C2    . DC E 2 1 ? -17.09574 7.28887   8.17375   1.000 53.34195  ? 1 DC E C2    1 
ATOM 441 O O2    . DC E 2 1 ? -16.44862 7.46965   7.12401   1.000 51.49705  ? 1 DC E O2    1 
ATOM 442 N N3    . DC E 2 1 ? -17.03097 8.14217   9.23392   1.000 56.32815  ? 1 DC E N3    1 
ATOM 443 C C4    . DC E 2 1 ? -17.76636 7.89373   10.33334  1.000 55.76864  ? 1 DC E C4    1 
ATOM 444 N N4    . DC E 2 1 ? -17.68380 8.76233   11.36356  1.000 55.44280  ? 1 DC E N4    1 
ATOM 445 C C5    . DC E 2 1 ? -18.61960 6.74206   10.42148  1.000 54.44679  ? 1 DC E C5    1 
ATOM 446 C C6    . DC E 2 1 ? -18.67424 5.92090   9.36585   1.000 52.32120  ? 1 DC E C6    1 
ATOM 447 P P     . DG E 2 2 ? -17.30946 1.54851   4.89743   1.000 69.19175  ? 2 DG E P     1 
ATOM 448 O OP1   . DG E 2 2 ? -17.56059 1.28125   3.46514   1.000 74.76262  ? 2 DG E OP1   1 
ATOM 449 O OP2   . DG E 2 2 ? -17.98221 0.72928   5.93312   1.000 65.32776  ? 2 DG E OP2   1 
ATOM 450 O "O5'" . DG E 2 2 ? -15.72303 1.49409   5.08288   1.000 66.20435  ? 2 DG E "O5'" 1 
ATOM 451 C "C5'" . DG E 2 2 ? -14.91440 1.38984   3.93343   1.000 67.33313  ? 2 DG E "C5'" 1 
ATOM 452 C "C4'" . DG E 2 2 ? -13.97332 2.57913   3.79095   1.000 69.17708  ? 2 DG E "C4'" 1 
ATOM 453 O "O4'" . DG E 2 2 ? -14.31316 3.65676   4.71639   1.000 62.23741  ? 2 DG E "O4'" 1 
ATOM 454 C "C3'" . DG E 2 2 ? -12.50888 2.26295   4.04691   1.000 65.71817  ? 2 DG E "C3'" 1 
ATOM 455 O "O3'" . DG E 2 2 ? -11.73027 3.04717   3.14076   1.000 64.75956  ? 2 DG E "O3'" 1 
ATOM 456 C "C2'" . DG E 2 2 ? -12.32750 2.68906   5.51278   1.000 57.38944  ? 2 DG E "C2'" 1 
ATOM 457 C "C1'" . DG E 2 2 ? -13.20025 3.94050   5.55508   1.000 56.10622  ? 2 DG E "C1'" 1 
ATOM 458 N N9    . DG E 2 2 ? -13.74838 4.26822   6.86194   1.000 51.09595  ? 2 DG E N9    1 
ATOM 459 C C8    . DG E 2 2 ? -14.73752 3.58015   7.51709   1.000 54.47017  ? 2 DG E C8    1 
ATOM 460 N N7    . DG E 2 2 ? -15.09262 4.11993   8.65299   1.000 56.53406  ? 2 DG E N7    1 
ATOM 461 C C5    . DG E 2 2 ? -14.30180 5.25704   8.75051   1.000 53.70614  ? 2 DG E C5    1 
ATOM 462 C C6    . DG E 2 2 ? -14.25323 6.23677   9.76953   1.000 49.99847  ? 2 DG E C6    1 
ATOM 463 O O6    . DG E 2 2 ? -14.92468 6.28513   10.81284  1.000 50.04618  ? 2 DG E O6    1 
ATOM 464 N N1    . DG E 2 2 ? -13.31959 7.22517   9.48421   1.000 45.97082  ? 2 DG E N1    1 
ATOM 465 C C2    . DG E 2 2 ? -12.53629 7.26575   8.34432   1.000 44.51966  ? 2 DG E C2    1 
ATOM 466 N N2    . DG E 2 2 ? -11.69647 8.30309   8.23501   1.000 41.83199  ? 2 DG E N2    1 
ATOM 467 N N3    . DG E 2 2 ? -12.57383 6.34961   7.38092   1.000 46.23160  ? 2 DG E N3    1 
ATOM 468 C C4    . DG E 2 2 ? -13.47427 5.37564   7.64836   1.000 49.80221  ? 2 DG E C4    1 
ATOM 469 P P     . DT E 2 3 ? -10.22933 2.62244   2.76856   1.000 63.04214  ? 3 DT E P     1 
ATOM 470 O OP1   . DT E 2 3 ? -9.83378  3.39743   1.57092   1.000 65.45211  ? 3 DT E OP1   1 
ATOM 471 O OP2   . DT E 2 3 ? -10.08737 1.14143   2.73703   1.000 46.72568  ? 3 DT E OP2   1 
ATOM 472 O "O5'" . DT E 2 3 ? -9.42498  3.25698   4.00009   1.000 72.96490  ? 3 DT E "O5'" 1 
ATOM 473 C "C5'" . DT E 2 3 ? -9.67665  4.63943   4.39066   1.000 61.84978  ? 3 DT E "C5'" 1 
ATOM 474 C "C4'" . DT E 2 3 ? -8.80620  5.01982   5.57726   1.000 55.09482  ? 3 DT E "C4'" 1 
ATOM 475 O "O4'" . DT E 2 3 ? -9.61333  5.20110   6.76739   1.000 52.49211  ? 3 DT E "O4'" 1 
ATOM 476 C "C3'" . DT E 2 3 ? -7.75745  3.98333   5.95105   1.000 58.06378  ? 3 DT E "C3'" 1 
ATOM 477 O "O3'" . DT E 2 3 ? -6.52726  4.64194   6.14653   1.000 64.54569  ? 3 DT E "O3'" 1 
ATOM 478 C "C2'" . DT E 2 3 ? -8.29831  3.39489   7.26031   1.000 52.66273  ? 3 DT E "C2'" 1 
ATOM 479 C "C1'" . DT E 2 3 ? -8.95493  4.61869   7.85652   1.000 47.55523  ? 3 DT E "C1'" 1 
ATOM 480 N N1    . DT E 2 3 ? -9.97601  4.32694   8.91019   1.000 48.84893  ? 3 DT E N1    1 
ATOM 481 C C2    . DT E 2 3 ? -10.20542 5.24767   9.90990   1.000 48.61660  ? 3 DT E C2    1 
ATOM 482 O O2    . DT E 2 3 ? -9.58836  6.28975   10.00457  1.000 47.46077  ? 3 DT E O2    1 
ATOM 483 N N3    . DT E 2 3 ? -11.18943 4.89096   10.80630  1.000 47.00170  ? 3 DT E N3    1 
ATOM 484 C C4    . DT E 2 3 ? -11.92057 3.71730   10.80905  1.000 41.14141  ? 3 DT E C4    1 
ATOM 485 O O4    . DT E 2 3 ? -12.76089 3.45360   11.64724  1.000 36.49446  ? 3 DT E O4    1 
ATOM 486 C C5    . DT E 2 3 ? -11.62275 2.81605   9.75600   1.000 45.38239  ? 3 DT E C5    1 
ATOM 487 C C7    . DT E 2 3 ? -12.36351 1.53197   9.67441   1.000 53.01920  ? 3 DT E C7    1 
ATOM 488 C C6    . DT E 2 3 ? -10.68826 3.15628   8.85415   1.000 49.88040  ? 3 DT E C6    1 
ATOM 489 P P     . DG E 2 4 ? -5.26618  4.31484   5.20751   1.000 60.15972  ? 4 DG E P     1 
ATOM 490 O OP1   . DG E 2 4 ? -4.94842  2.89523   5.46148   1.000 54.55031  ? 4 DG E OP1   1 
ATOM 491 O OP2   . DG E 2 4 ? -4.25172  5.37506   5.45351   1.000 65.86990  ? 4 DG E OP2   1 
ATOM 492 O "O5'" . DG E 2 4 ? -5.82557  4.49484   3.72575   1.000 56.23472  ? 4 DG E "O5'" 1 
ATOM 493 C "C5'" . DG E 2 4 ? -5.72362  3.43307   2.83312   1.000 61.32312  ? 4 DG E "C5'" 1 
ATOM 494 C "C4'" . DG E 2 4 ? -4.98609  3.86604   1.60690   1.000 61.38955  ? 4 DG E "C4'" 1 
ATOM 495 O "O4'" . DG E 2 4 ? -4.82476  2.73548   0.71517   1.000 63.65986  ? 4 DG E "O4'" 1 
ATOM 496 C "C3'" . DG E 2 4 ? -5.73416  4.90385   0.80584   1.000 64.39886  ? 4 DG E "C3'" 1 
ATOM 497 O "O3'" . DG E 2 4 ? -4.84129  5.63573   0.07114   1.000 69.68706  ? 4 DG E "O3'" 1 
ATOM 498 C "C2'" . DG E 2 4 ? -6.58809  4.04938   -0.10433  1.000 67.01187  ? 4 DG E "C2'" 1 
ATOM 499 C "C1'" . DG E 2 4 ? -5.58606  2.96243   -0.45798  1.000 70.78072  ? 4 DG E "C1'" 1 
ATOM 500 N N9    . DG E 2 4 ? -6.22569  1.72263   -0.85689  1.000 76.23608  ? 4 DG E N9    1 
ATOM 501 C C8    . DG E 2 4 ? -7.11993  0.98101   -0.12280  1.000 77.43583  ? 4 DG E C8    1 
ATOM 502 N N7    . DG E 2 4 ? -7.54493  -0.07946  -0.74768  1.000 80.72921  ? 4 DG E N7    1 
ATOM 503 C C5    . DG E 2 4 ? -6.90899  -0.02317  -1.98623  1.000 75.72453  ? 4 DG E C5    1 
ATOM 504 C C6    . DG E 2 4 ? -6.98546  -0.90213  -3.09223  1.000 70.84302  ? 4 DG E C6    1 
ATOM 505 O O6    . DG E 2 4 ? -7.65039  -1.93361  -3.21256  1.000 70.07464  ? 4 DG E O6    1 
ATOM 506 N N1    . DG E 2 4 ? -6.18801  -0.48100  -4.13085  1.000 71.81924  ? 4 DG E N1    1 
ATOM 507 C C2    . DG E 2 4 ? -5.40474  0.64681   -4.11374  1.000 76.21079  ? 4 DG E C2    1 
ATOM 508 N N2    . DG E 2 4 ? -4.70045  0.89379   -5.22031  1.000 80.29721  ? 4 DG E N2    1 
ATOM 509 N N3    . DG E 2 4 ? -5.31720  1.47688   -3.08701  1.000 75.03211  ? 4 DG E N3    1 
ATOM 510 C C4    . DG E 2 4 ? -6.09465  1.08018   -2.06305  1.000 74.29446  ? 4 DG E C4    1 
ATOM 511 P P     . DG E 2 5 ? -5.31928  7.03240   -0.54065  1.000 80.33986  ? 5 DG E P     1 
ATOM 512 O OP1   . DG E 2 5 ? -4.27858  8.03576   -0.21015  1.000 83.12314  ? 5 DG E OP1   1 
ATOM 513 O OP2   . DG E 2 5 ? -6.73148  7.18046   -0.10638  1.000 75.46927  ? 5 DG E OP2   1 
ATOM 514 O "O5'" . DG E 2 5 ? -5.31796  6.80001   -2.11167  1.000 68.06836  ? 5 DG E "O5'" 1 
ATOM 515 C "C5'" . DG E 2 5 ? -4.40555  5.90335   -2.68226  1.000 70.05847  ? 5 DG E "C5'" 1 
ATOM 516 C "C4'" . DG E 2 5 ? -4.57432  5.92342   -4.17507  1.000 70.49795  ? 5 DG E "C4'" 1 
ATOM 517 O "O4'" . DG E 2 5 ? -5.15758  4.67381   -4.64777  1.000 65.48535  ? 5 DG E "O4'" 1 
ATOM 518 C "C3'" . DG E 2 5 ? -5.49910  7.01876   -4.67267  1.000 68.83282  ? 5 DG E "C3'" 1 
ATOM 519 O "O3'" . DG E 2 5 ? -5.08131  7.37208   -5.95138  1.000 68.43484  ? 5 DG E "O3'" 1 
ATOM 520 C "C2'" . DG E 2 5 ? -6.84924  6.31024   -4.68855  1.000 69.10745  ? 5 DG E "C2'" 1 
ATOM 521 C "C1'" . DG E 2 5 ? -6.45359  4.92139   -5.17278  1.000 69.54730  ? 5 DG E "C1'" 1 
ATOM 522 N N9    . DG E 2 5 ? -7.33678  3.86220   -4.69728  1.000 71.81695  ? 5 DG E N9    1 
ATOM 523 C C8    . DG E 2 5 ? -8.00045  3.80859   -3.49106  1.000 75.02689  ? 5 DG E C8    1 
ATOM 524 N N7    . DG E 2 5 ? -8.69813  2.72023   -3.33438  1.000 74.17015  ? 5 DG E N7    1 
ATOM 525 C C5    . DG E 2 5 ? -8.47940  2.01019   -4.50573  1.000 69.44835  ? 5 DG E C5    1 
ATOM 526 C C6    . DG E 2 5 ? -8.97055  0.75604   -4.90509  1.000 70.33619  ? 5 DG E C6    1 
ATOM 527 O O6    . DG E 2 5 ? -9.72494  -0.01121  -4.28771  1.000 73.93614  ? 5 DG E O6    1 
ATOM 528 N N1    . DG E 2 5 ? -8.50635  0.40390   -6.16672  1.000 70.21860  ? 5 DG E N1    1 
ATOM 529 C C2    . DG E 2 5 ? -7.66491  1.16848   -6.93435  1.000 69.64522  ? 5 DG E C2    1 
ATOM 530 N N2    . DG E 2 5 ? -7.31634  0.65950   -8.12526  1.000 70.71958  ? 5 DG E N2    1 
ATOM 531 N N3    . DG E 2 5 ? -7.19800  2.34481   -6.56668  1.000 69.36982  ? 5 DG E N3    1 
ATOM 532 C C4    . DG E 2 5 ? -7.64565  2.70079   -5.34909  1.000 68.17029  ? 5 DG E C4    1 
ATOM 533 P P     . DA E 2 6 ? -5.80083  8.51773   -6.80716  1.000 71.40104  ? 6 DA E P     1 
ATOM 534 O OP1   . DA E 2 6 ? -4.96582  9.72723   -6.66099  1.000 68.74012  ? 6 DA E OP1   1 
ATOM 535 O OP2   . DA E 2 6 ? -7.25008  8.65393   -6.51731  1.000 68.00538  ? 6 DA E OP2   1 
ATOM 536 O "O5'" . DA E 2 6 ? -5.64761  7.90742   -8.26957  1.000 70.23912  ? 6 DA E "O5'" 1 
ATOM 537 C "C5'" . DA E 2 6 ? -5.26668  6.53170   -8.41483  1.000 62.61671  ? 6 DA E "C5'" 1 
ATOM 538 C "C4'" . DA E 2 6 ? -5.89065  5.98257   -9.66089  1.000 63.83013  ? 6 DA E "C4'" 1 
ATOM 539 O "O4'" . DA E 2 6 ? -6.82979  4.93981   -9.31792  1.000 65.47353  ? 6 DA E "O4'" 1 
ATOM 540 C "C3'" . DA E 2 6 ? -6.68353  7.01784   -10.43322 1.000 70.38609  ? 6 DA E "C3'" 1 
ATOM 541 O "O3'" . DA E 2 6 ? -6.60347  6.74901   -11.81330 1.000 86.14913  ? 6 DA E "O3'" 1 
ATOM 542 C "C2'" . DA E 2 6 ? -8.09774  6.82966   -9.90686  1.000 68.80457  ? 6 DA E "C2'" 1 
ATOM 543 C "C1'" . DA E 2 6 ? -8.14430  5.33378   -9.67353  1.000 68.05292  ? 6 DA E "C1'" 1 
ATOM 544 N N9    . DA E 2 6 ? -9.06813  4.95854   -8.60533  1.000 71.34556  ? 6 DA E N9    1 
ATOM 545 C C8    . DA E 2 6 ? -9.48016  5.73715   -7.55433  1.000 73.39147  ? 6 DA E C8    1 
ATOM 546 N N7    . DA E 2 6 ? -10.32144 5.13904   -6.74259  1.000 66.98874  ? 6 DA E N7    1 
ATOM 547 C C5    . DA E 2 6 ? -10.47530 3.90133   -7.30019  1.000 63.02553  ? 6 DA E C5    1 
ATOM 548 C C6    . DA E 2 6 ? -11.23393 2.82379   -6.91939  1.000 65.32819  ? 6 DA E C6    1 
ATOM 549 N N6    . DA E 2 6 ? -12.00284 2.83213   -5.83123  1.000 68.58568  ? 6 DA E N6    1 
ATOM 550 N N1    . DA E 2 6 ? -11.18369 1.72280   -7.69315  1.000 70.53707  ? 6 DA E N1    1 
ATOM 551 C C2    . DA E 2 6 ? -10.40032 1.72622   -8.77652  1.000 67.85478  ? 6 DA E C2    1 
ATOM 552 N N3    . DA E 2 6 ? -9.62875  2.69462   -9.23906  1.000 65.28770  ? 6 DA E N3    1 
ATOM 553 C C4    . DA E 2 6 ? -9.71604  3.76686   -8.45050  1.000 66.46249  ? 6 DA E C4    1 
ATOM 554 P P     . DT F 5 1 ? -18.73966 -5.81273  -9.70460  1.000 98.43144  ? 1 DT F P     1 
ATOM 555 O OP1   . DT F 5 1 ? -19.16894 -6.63426  -10.87303 1.000 81.80971  ? 1 DT F OP1   1 
ATOM 556 O OP2   . DT F 5 1 ? -18.98328 -6.23662  -8.29366  1.000 89.36141  ? 1 DT F OP2   1 
ATOM 557 O "O5'" . DT F 5 1 ? -17.17649 -5.47625  -9.85414  1.000 87.37365  ? 1 DT F "O5'" 1 
ATOM 558 C "C5'" . DT F 5 1 ? -16.76838 -4.13644  -10.12177 1.000 80.35036  ? 1 DT F "C5'" 1 
ATOM 559 C "C4'" . DT F 5 1 ? -15.54675 -4.12044  -10.99773 1.000 77.00149  ? 1 DT F "C4'" 1 
ATOM 560 O "O4'" . DT F 5 1 ? -14.82513 -2.87527  -10.81588 1.000 70.18360  ? 1 DT F "O4'" 1 
ATOM 561 C "C3'" . DT F 5 1 ? -14.54870 -5.19504  -10.65674 1.000 81.65428  ? 1 DT F "C3'" 1 
ATOM 562 O "O3'" . DT F 5 1 ? -13.70229 -5.38947  -11.75665 1.000 96.94210  ? 1 DT F "O3'" 1 
ATOM 563 C "C2'" . DT F 5 1 ? -13.81218 -4.55338  -9.50044  1.000 77.89718  ? 1 DT F "C2'" 1 
ATOM 564 C "C1'" . DT F 5 1 ? -13.70859 -3.10125  -9.97105  1.000 73.62420  ? 1 DT F "C1'" 1 
ATOM 565 N N1    . DT F 5 1 ? -13.75919 -2.14148  -8.83979  1.000 72.05218  ? 1 DT F N1    1 
ATOM 566 C C2    . DT F 5 1 ? -13.21241 -0.87658  -8.97587  1.000 67.29984  ? 1 DT F C2    1 
ATOM 567 O O2    . DT F 5 1 ? -12.67795 -0.46585  -10.00566 1.000 59.44140  ? 1 DT F O2    1 
ATOM 568 N N3    . DT F 5 1 ? -13.31783 -0.09915  -7.84850  1.000 67.40063  ? 1 DT F N3    1 
ATOM 569 C C4    . DT F 5 1 ? -13.90501 -0.45725  -6.62974  1.000 63.72902  ? 1 DT F C4    1 
ATOM 570 O O4    . DT F 5 1 ? -13.95850 0.30759   -5.67573  1.000 60.22332  ? 1 DT F O4    1 
ATOM 571 C C5    . DT F 5 1 ? -14.43560 -1.79018  -6.56567  1.000 64.31228  ? 1 DT F C5    1 
ATOM 572 C C7    . DT F 5 1 ? -15.07936 -2.28199  -5.31776  1.000 64.81925  ? 1 DT F C7    1 
ATOM 573 C C6    . DT F 5 1 ? -14.34428 -2.55462  -7.65283  1.000 69.60101  ? 1 DT F C6    1 
ATOM 574 P P     . DC F 5 2 ? -12.68355 -6.62973  -11.80996 1.000 115.92438 ? 2 DC F P     1 
ATOM 575 O OP1   . DC F 5 2 ? -13.21448 -7.59846  -12.81308 1.000 103.78394 ? 2 DC F OP1   1 
ATOM 576 O OP2   . DC F 5 2 ? -12.41836 -7.06735  -10.40914 1.000 95.16533  ? 2 DC F OP2   1 
ATOM 577 O "O5'" . DC F 5 2 ? -11.35638 -5.95267  -12.39852 1.000 95.78603  ? 2 DC F "O5'" 1 
ATOM 578 C "C5'" . DC F 5 2 ? -11.46164 -4.72389  -13.10999 1.000 88.03034  ? 2 DC F "C5'" 1 
ATOM 579 C "C4'" . DC F 5 2 ? -10.20395 -3.90066  -12.93312 1.000 86.07796  ? 2 DC F "C4'" 1 
ATOM 580 O "O4'" . DC F 5 2 ? -10.31768 -3.04345  -11.76066 1.000 79.42671  ? 2 DC F "O4'" 1 
ATOM 581 C "C3'" . DC F 5 2 ? -8.94243  -4.72385  -12.73886 1.000 90.08180  ? 2 DC F "C3'" 1 
ATOM 582 O "O3'" . DC F 5 2 ? -7.87330  -4.14028  -13.50506 1.000 91.63456  ? 2 DC F "O3'" 1 
ATOM 583 C "C2'" . DC F 5 2 ? -8.70915  -4.65122  -11.22162 1.000 83.36872  ? 2 DC F "C2'" 1 
ATOM 584 C "C1'" . DC F 5 2 ? -9.22145  -3.25854  -10.89736 1.000 77.48369  ? 2 DC F "C1'" 1 
ATOM 585 N N1    . DC F 5 2 ? -9.69923  -3.08448  -9.48436  1.000 71.28718  ? 2 DC F N1    1 
ATOM 586 C C2    . DC F 5 2 ? -9.53230  -1.85032  -8.85365  1.000 67.18522  ? 2 DC F C2    1 
ATOM 587 O O2    . DC F 5 2 ? -8.95999  -0.94495  -9.45572  1.000 68.34014  ? 2 DC F O2    1 
ATOM 588 N N3    . DC F 5 2 ? -9.97062  -1.68646  -7.58623  1.000 62.65871  ? 2 DC F N3    1 
ATOM 589 C C4    . DC F 5 2 ? -10.57737 -2.69233  -6.96043  1.000 63.21425  ? 2 DC F C4    1 
ATOM 590 N N4    . DC F 5 2 ? -11.00805 -2.47995  -5.71477  1.000 62.12824  ? 2 DC F N4    1 
ATOM 591 C C5    . DC F 5 2 ? -10.76352 -3.95964  -7.58370  1.000 69.09369  ? 2 DC F C5    1 
ATOM 592 C C6    . DC F 5 2 ? -10.31991 -4.10920  -8.84077  1.000 71.44314  ? 2 DC F C6    1 
ATOM 593 P P     . DC F 5 3 ? -6.44015  -4.86565  -13.61901 1.000 95.35575  ? 3 DC F P     1 
ATOM 594 O OP1   . DC F 5 3 ? -5.92410  -4.77650  -15.01219 1.000 82.81130  ? 3 DC F OP1   1 
ATOM 595 O OP2   . DC F 5 3 ? -6.54311  -6.19204  -12.95988 1.000 101.38374 ? 3 DC F OP2   1 
ATOM 596 O "O5'" . DC F 5 3 ? -5.55063  -3.94061  -12.70088 1.000 85.76089  ? 3 DC F "O5'" 1 
ATOM 597 C "C5'" . DC F 5 3 ? -6.00198  -2.62626  -12.43750 1.000 84.93004  ? 3 DC F "C5'" 1 
ATOM 598 C "C4'" . DC F 5 3 ? -4.88838  -1.81449  -11.84066 1.000 88.67135  ? 3 DC F "C4'" 1 
ATOM 599 O "O4'" . DC F 5 3 ? -5.21765  -1.46933  -10.46491 1.000 81.59622  ? 3 DC F "O4'" 1 
ATOM 600 C "C3'" . DC F 5 3 ? -3.57223  -2.55257  -11.75224 1.000 86.35758  ? 3 DC F "C3'" 1 
ATOM 601 O "O3'" . DC F 5 3 ? -2.55146  -1.60097  -11.67410 1.000 89.63280  ? 3 DC F "O3'" 1 
ATOM 602 C "C2'" . DC F 5 3 ? -3.74639  -3.29957  -10.43105 1.000 81.88582  ? 3 DC F "C2'" 1 
ATOM 603 C "C1'" . DC F 5 3 ? -4.38528  -2.20114  -9.59107  1.000 77.64584  ? 3 DC F "C1'" 1 
ATOM 604 N N1    . DC F 5 3 ? -5.20909  -2.68092  -8.49308  1.000 71.71286  ? 3 DC F N1    1 
ATOM 605 C C2    . DC F 5 3 ? -5.39530  -1.84232  -7.41498  1.000 63.34291  ? 3 DC F C2    1 
ATOM 606 O O2    . DC F 5 3 ? -4.85268  -0.73993  -7.44248  1.000 60.85557  ? 3 DC F O2    1 
ATOM 607 N N3    . DC F 5 3 ? -6.15429  -2.25961  -6.38415  1.000 63.60600  ? 3 DC F N3    1 
ATOM 608 C C4    . DC F 5 3 ? -6.72155  -3.47662  -6.42827  1.000 68.05003  ? 3 DC F C4    1 
ATOM 609 N N4    . DC F 5 3 ? -7.47395  -3.85444  -5.39598  1.000 71.39048  ? 3 DC F N4    1 
ATOM 610 C C5    . DC F 5 3 ? -6.54075  -4.35965  -7.53721  1.000 69.26975  ? 3 DC F C5    1 
ATOM 611 C C6    . DC F 5 3 ? -5.78296  -3.92492  -8.54330  1.000 73.24192  ? 3 DC F C6    1 
ATOM 612 P P     . DT F 5 4 ? -1.02105  -2.01890  -11.88089 1.000 99.88934  ? 4 DT F P     1 
ATOM 613 O OP1   . DT F 5 4 ? -0.86550  -1.97363  -13.35483 1.000 98.20736  ? 4 DT F OP1   1 
ATOM 614 O OP2   . DT F 5 4 ? -0.69295  -3.23116  -11.07070 1.000 80.13677  ? 4 DT F OP2   1 
ATOM 615 O "O5'" . DT F 5 4 ? -0.23476  -0.80186  -11.20751 1.000 91.67425  ? 4 DT F "O5'" 1 
ATOM 616 C "C5'" . DT F 5 4 ? -0.89671  -0.01324  -10.20657 1.000 87.40755  ? 4 DT F "C5'" 1 
ATOM 617 C "C4'" . DT F 5 4 ? -0.16513  -0.09254  -8.87339  1.000 81.45704  ? 4 DT F "C4'" 1 
ATOM 618 O "O4'" . DT F 5 4 ? -1.01727  -0.67305  -7.85074  1.000 73.86939  ? 4 DT F "O4'" 1 
ATOM 619 C "C3'" . DT F 5 4 ? 1.12147   -0.91874  -8.87772  1.000 81.65360  ? 4 DT F "C3'" 1 
ATOM 620 O "O3'" . DT F 5 4 ? 2.13637   -0.15594  -8.23117  1.000 85.18339  ? 4 DT F "O3'" 1 
ATOM 621 C "C2'" . DT F 5 4 ? 0.73631   -2.17517  -8.08167  1.000 74.74084  ? 4 DT F "C2'" 1 
ATOM 622 C "C1'" . DT F 5 4 ? -0.27950  -1.61080  -7.10625  1.000 70.34487  ? 4 DT F "C1'" 1 
ATOM 623 N N1    . DT F 5 4 ? -1.23432  -2.58537  -6.61043  1.000 68.88252  ? 4 DT F N1    1 
ATOM 624 C C2    . DT F 5 4 ? -1.88005  -2.33928  -5.42569  1.000 67.38486  ? 4 DT F C2    1 
ATOM 625 O O2    . DT F 5 4 ? -1.65789  -1.35694  -4.73921  1.000 64.24930  ? 4 DT F O2    1 
ATOM 626 N N3    . DT F 5 4 ? -2.79203  -3.29547  -5.06235  1.000 67.50398  ? 4 DT F N3    1 
ATOM 627 C C4    . DT F 5 4 ? -3.12731  -4.43778  -5.74632  1.000 71.74710  ? 4 DT F C4    1 
ATOM 628 O O4    . DT F 5 4 ? -3.97022  -5.22974  -5.32073  1.000 69.53771  ? 4 DT F O4    1 
ATOM 629 C C5    . DT F 5 4 ? -2.41222  -4.63240  -7.00286  1.000 75.84575  ? 4 DT F C5    1 
ATOM 630 C C7    . DT F 5 4 ? -2.68187  -5.84017  -7.85978  1.000 73.92819  ? 4 DT F C7    1 
ATOM 631 C C6    . DT F 5 4 ? -1.51614  -3.69801  -7.36862  1.000 74.27538  ? 4 DT F C6    1 
ATOM 632 P P     . DC F 5 5 ? 3.70706   -0.43131  -8.45295  1.000 84.76914  ? 5 DC F P     1 
ATOM 633 O OP1   . DC F 5 5 ? 4.27499   0.66255   -9.29436  1.000 78.31135  ? 5 DC F OP1   1 
ATOM 634 O OP2   . DC F 5 5 ? 3.93201   -1.87269  -8.74296  1.000 71.87425  ? 5 DC F OP2   1 
ATOM 635 O "O5'" . DC F 5 5 ? 4.22467   -0.26516  -6.98142  1.000 81.87002  ? 5 DC F "O5'" 1 
ATOM 636 C "C5'" . DC F 5 5 ? 3.44985   -0.84407  -5.99984  1.000 77.50026  ? 5 DC F "C5'" 1 
ATOM 637 C "C4'" . DC F 5 5 ? 3.47134   -0.05568  -4.72852  1.000 73.66651  ? 5 DC F "C4'" 1 
ATOM 638 O "O4'" . DC F 5 5 ? 2.49632   -0.63043  -3.84605  1.000 74.01197  ? 5 DC F "O4'" 1 
ATOM 639 C "C3'" . DC F 5 5 ? 4.71738   -0.26250  -3.95681  1.000 76.52565  ? 5 DC F "C3'" 1 
ATOM 640 O "O3'" . DC F 5 5 ? 4.65273   0.55565   -2.80015  1.000 81.43004  ? 5 DC F "O3'" 1 
ATOM 641 C "C2'" . DC F 5 5 ? 4.55408   -1.75651  -3.62855  1.000 71.64118  ? 5 DC F "C2'" 1 
ATOM 642 C "C1'" . DC F 5 5 ? 3.06401   -1.80161  -3.27717  1.000 75.39532  ? 5 DC F "C1'" 1 
ATOM 643 N N1    . DC F 5 5 ? 2.30091   -2.99107  -3.79671  1.000 74.25841  ? 5 DC F N1    1 
ATOM 644 C C2    . DC F 5 5 ? 1.09921   -3.33097  -3.16825  1.000 73.10904  ? 5 DC F C2    1 
ATOM 645 O O2    . DC F 5 5 ? 0.71929   -2.66312  -2.19916  1.000 68.38619  ? 5 DC F O2    1 
ATOM 646 N N3    . DC F 5 5 ? 0.38723   -4.38434  -3.62858  1.000 74.77277  ? 5 DC F N3    1 
ATOM 647 C C4    . DC F 5 5 ? 0.82548   -5.08350  -4.68272  1.000 72.75201  ? 5 DC F C4    1 
ATOM 648 N N4    . DC F 5 5 ? 0.07347   -6.11364  -5.09749  1.000 70.48274  ? 5 DC F N4    1 
ATOM 649 C C5    . DC F 5 5 ? 2.04782   -4.75325  -5.35120  1.000 70.01748  ? 5 DC F C5    1 
ATOM 650 C C6    . DC F 5 5 ? 2.74854   -3.70928  -4.87889  1.000 70.52483  ? 5 DC F C6    1 
# 
loop_
_atom_site_anisotrop.id 
_atom_site_anisotrop.type_symbol 
_atom_site_anisotrop.pdbx_label_atom_id 
_atom_site_anisotrop.pdbx_label_alt_id 
_atom_site_anisotrop.pdbx_label_comp_id 
_atom_site_anisotrop.pdbx_label_asym_id 
_atom_site_anisotrop.pdbx_label_seq_id 
_atom_site_anisotrop.pdbx_PDB_ins_code 
_atom_site_anisotrop.U[1][1] 
_atom_site_anisotrop.U[2][2] 
_atom_site_anisotrop.U[3][3] 
_atom_site_anisotrop.U[1][2] 
_atom_site_anisotrop.U[1][3] 
_atom_site_anisotrop.U[2][3] 
_atom_site_anisotrop.pdbx_auth_seq_id 
_atom_site_anisotrop.pdbx_auth_comp_id 
_atom_site_anisotrop.pdbx_auth_asym_id 
_atom_site_anisotrop.pdbx_auth_atom_id 
1   O "O5'" . DA A 1 ? 0.35630 1.05212 0.34461 0.04067  -0.04476 -0.01500 1 DA A "O5'" 
2   C "C5'" . DA A 1 ? 0.44258 1.16054 0.43311 0.03002  -0.03826 0.01068  1 DA A "C5'" 
3   C "C4'" . DA A 1 ? 0.49065 1.15674 0.48053 0.02203  -0.04357 0.02819  1 DA A "C4'" 
4   O "O4'" . DA A 1 ? 0.41580 1.05711 0.40666 0.01713  -0.04587 0.03693  1 DA A "O4'" 
5   C "C3'" . DA A 1 ? 0.52152 1.13540 0.50639 0.02754  -0.05296 0.01629  1 DA A "C3'" 
6   O "O3'" . DA A 1 ? 0.52836 1.15451 0.51292 0.02875  -0.05188 0.01621  1 DA A "O3'" 
7   C "C2'" . DA A 1 ? 0.46909 1.03434 0.45331 0.01990  -0.05792 0.03177  1 DA A "C2'" 
8   C "C1'" . DA A 1 ? 0.36661 0.94768 0.35456 0.01559  -0.05411 0.03934  1 DA A "C1'" 
9   N N9    . DA A 1 ? 0.33697 0.88899 0.32193 0.02088  -0.06013 0.02529  1 DA A N9    
10  C C8    . DA A 1 ? 0.39299 0.96478 0.37791 0.02872  -0.06016 0.00597  1 DA A C8    
11  N N7    . DA A 1 ? 0.43587 0.97355 0.41947 0.03132  -0.06662 -0.00292 1 DA A N7    
12  C C5    . DA A 1 ? 0.42427 0.91724 0.40571 0.02510  -0.07074 0.01182  1 DA A C5    
13  C C6    . DA A 1 ? 0.43708 0.88152 0.41603 0.02416  -0.07777 0.01218  1 DA A C6    
14  N N6    . DA A 1 ? 0.43511 0.86733 0.41426 0.02885  -0.08232 -0.00211 1 DA A N6    
15  N N1    . DA A 1 ? 0.45633 0.86710 0.43349 0.01816  -0.07983 0.02732  1 DA A N1    
16  C C2    . DA A 1 ? 0.50445 0.92876 0.48373 0.01293  -0.07555 0.04102  1 DA A C2    
17  N N3    . DA A 1 ? 0.47911 0.94733 0.46159 0.01232  -0.06917 0.04353  1 DA A N3    
18  C C4    . DA A 1 ? 0.40552 0.90690 0.38818 0.01884  -0.06685 0.02847  1 DA A C4    
19  P P     . DG A 2 ? 0.65215 1.22710 0.63182 0.03065  -0.06089 0.01384  2 DG A P     
20  O OP1   . DG A 2 ? 0.54191 1.14662 0.52298 0.03185  -0.05768 0.01330  2 DG A OP1   
21  O OP2   . DG A 2 ? 0.50189 1.03579 0.47611 0.03972  -0.06948 -0.00459 2 DG A OP2   
22  O "O5'" . DG A 2 ? 0.53824 1.08212 0.51931 0.01947  -0.06264 0.03610  2 DG A "O5'" 
23  C "C5'" . DG A 2 ? 0.55932 1.06016 0.53661 0.01832  -0.06987 0.03917  2 DG A "C5'" 
24  C "C4'" . DG A 2 ? 0.50975 0.95838 0.48246 0.01769  -0.07681 0.03982  2 DG A "C4'" 
25  O "O4'" . DG A 2 ? 0.36643 0.81749 0.33914 0.02045  -0.07591 0.03276  2 DG A "O4'" 
26  C "C3'" . DG A 2 ? 0.57428 0.97703 0.53730 0.02505  -0.08659 0.02715  2 DG A "C3'" 
27  O "O3'" . DG A 2 ? 0.53985 0.92049 0.50111 0.02102  -0.09034 0.03602  2 DG A "O3'" 
28  C "C2'" . DG A 2 ? 0.56143 0.92741 0.51967 0.02673  -0.09128 0.02308  2 DG A "C2'" 
29  C "C1'" . DG A 2 ? 0.40547 0.80413 0.37150 0.02252  -0.08401 0.02869  2 DG A "C1'" 
30  N N9    . DG A 2 ? 0.45694 0.85304 0.42152 0.02849  -0.08572 0.01490  2 DG A N9    
31  C C8    . DG A 2 ? 0.51266 0.94684 0.48089 0.03415  -0.08181 0.00167  2 DG A C8    
32  N N7    . DG A 2 ? 0.50114 0.92249 0.46890 0.03822  -0.08508 -0.00949 2 DG A N7    
33  C C5    . DG A 2 ? 0.56242 0.93444 0.52510 0.03463  -0.09114 -0.00166 2 DG A C5    
34  C C6    . DG A 2 ? 0.57708 0.91623 0.53730 0.03564  -0.09658 -0.00629 2 DG A C6    
35  O O6    . DG A 2 ? 0.52288 0.86908 0.48631 0.03987  -0.09768 -0.01917 2 DG A O6    
36  N N1    . DG A 2 ? 0.60624 0.90159 0.56023 0.03113  -0.10105 0.00502  2 DG A N1    
37  C C2    . DG A 2 ? 0.63047 0.91521 0.58191 0.02679  -0.10062 0.01735  2 DG A C2    
38  N N2    . DG A 2 ? 0.70068 0.94322 0.64574 0.02406  -0.10512 0.02456  2 DG A N2    
39  N N3    . DG A 2 ? 0.55773 0.87250 0.51305 0.02534  -0.09605 0.02163  2 DG A N3    
40  C C4    . DG A 2 ? 0.53103 0.88798 0.49135 0.02918  -0.09141 0.01248  2 DG A C4    
41  P P     . DA A 3 ? 0.62110 0.96332 0.57178 0.02808  -0.09992 0.02522  3 DA A P     
42  O OP1   . DA A 3 ? 0.82989 1.17191 0.78285 0.02266  -0.10105 0.03559  3 DA A OP1   
43  O OP2   . DA A 3 ? 0.55484 0.91184 0.50357 0.03775  -0.10031 0.00831  3 DA A OP2   
44  O "O5'" . DA A 3 ? 0.61623 0.90718 0.55768 0.02932  -0.10670 0.02345  3 DA A "O5'" 
45  C "C5'" . DA A 3 ? 0.59021 0.86197 0.53287 0.02251  -0.10646 0.03551  3 DA A "C5'" 
46  C "C4'" . DA A 3 ? 0.71141 0.93373 0.64192 0.02580  -0.11384 0.03052  3 DA A "C4'" 
47  O "O4'" . DA A 3 ? 0.70212 0.92782 0.63346 0.02825  -0.11235 0.02410  3 DA A "O4'" 
48  C "C3'" . DA A 3 ? 0.83841 1.03389 0.75689 0.03144  -0.12131 0.02166  3 DA A "C3'" 
49  O "O3'" . DA A 3 ? 1.00662 1.15686 0.91337 0.02966  -0.12724 0.02494  3 DA A "O3'" 
50  C "C2'" . DA A 3 ? 0.75755 0.96463 0.67635 0.03791  -0.12013 0.00932  3 DA A "C2'" 
51  C "C1'" . DA A 3 ? 0.74239 0.94809 0.66487 0.03483  -0.11752 0.01229  3 DA A "C1'" 
52  N N9    . DA A 3 ? 0.72822 0.96103 0.65712 0.03954  -0.11415 0.00149  3 DA A N9    
53  C C8    . DA A 3 ? 0.68892 0.96599 0.62606 0.04335  -0.10911 -0.00608 3 DA A C8    
54  N N7    . DA A 3 ? 0.57587 0.86996 0.51759 0.04800  -0.10737 -0.01755 3 DA A N7    
55  C C5    . DA A 3 ? 0.59063 0.84899 0.52744 0.04667  -0.11167 -0.01654 3 DA A C5    
56  C C6    . DA A 3 ? 0.57995 0.83543 0.51946 0.04960  -0.11273 -0.02593 3 DA A C6    
57  N N6    . DA A 3 ? 0.60116 0.89139 0.54948 0.05537  -0.10980 -0.04028 3 DA A N6    
58  N N1    . DA A 3 ? 0.58607 0.80349 0.51956 0.04630  -0.11675 -0.02085 3 DA A N1    
59  C C2    . DA A 3 ? 0.60470 0.78968 0.52901 0.04082  -0.11920 -0.00783 3 DA A C2    
60  N N3    . DA A 3 ? 0.63881 0.82168 0.55983 0.03828  -0.11921 0.00024  3 DA A N3    
61  C C4    . DA A 3 ? 0.66829 0.88902 0.59648 0.04131  -0.11546 -0.00439 3 DA A C4    
62  P P     . DC A 4 ? 1.16828 1.29286 1.06291 0.03073  -0.13294 0.02264  4 DC A P     
63  O OP1   . DC A 4 ? 1.17082 1.26827 1.05959 0.02486  -0.13712 0.03156  4 DC A OP1   
64  O OP2   . DC A 4 ? 0.94521 1.09613 0.84361 0.03678  -0.13241 0.01465  4 DC A OP2   
65  O "O5'" . DC A 4 ? 0.95904 1.06715 0.84704 0.03308  -0.13096 0.01852  4 DC A "O5'" 
66  C "C5'" . DC A 4 ? 0.86217 0.96245 0.75171 0.02974  -0.12903 0.02153  4 DC A "C5'" 
67  C "C4'" . DC A 4 ? 0.88589 0.98017 0.77180 0.03744  -0.12581 0.01265  4 DC A "C4'" 
68  O "O4'" . DC A 4 ? 0.81053 0.92556 0.70452 0.04170  -0.12554 0.00334  4 DC A "O4'" 
69  C "C3'" . DC A 4 ? 0.93830 1.02538 0.81690 0.04897  -0.12609 0.00295  4 DC A "C3'" 
70  O "O3'" . DC A 4 ? 0.95524 1.01500 0.82485 0.05721  -0.12362 -0.00111 4 DC A "O3'" 
71  C "C2'" . DC A 4 ? 0.83911 0.95058 0.72498 0.05620  -0.12754 -0.00952 4 DC A "C2'" 
72  C "C1'" . DC A 4 ? 0.77627 0.89332 0.66835 0.05332  -0.12591 -0.01030 4 DC A "C1'" 
73  N N1    . DC A 4 ? 0.72101 0.87078 0.62412 0.05754  -0.12534 -0.02097 4 DC A N1    
74  C C2    . DC A 4 ? 0.70085 0.85481 0.60934 0.06058  -0.12481 -0.02936 4 DC A C2    
75  O O2    . DC A 4 ? 0.69757 0.82549 0.60087 0.05960  -0.12514 -0.02667 4 DC A O2    
76  N N3    . DC A 4 ? 0.71334 0.90274 0.63341 0.06492  -0.12319 -0.04106 4 DC A N3    
77  C C4    . DC A 4 ? 0.70308 0.92413 0.62829 0.06642  -0.12085 -0.04325 4 DC A C4    
78  N N4    . DC A 4 ? 0.68579 0.94594 0.62202 0.07110  -0.11749 -0.05545 4 DC A N4    
79  C C5    . DC A 4 ? 0.71770 0.93364 0.63745 0.06316  -0.12145 -0.03369 4 DC A C5    
80  C C6    . DC A 4 ? 0.74920 0.92839 0.65828 0.05870  -0.12440 -0.02327 4 DC A C6    
81  P P     . DG A 5 ? 0.94340 0.97354 0.79890 0.06599  -0.12331 -0.00259 5 DG A P     
82  O OP1   . DG A 5 ? 0.93038 0.96285 0.78704 0.05594  -0.12172 0.00881  5 DG A OP1   
83  O OP2   . DG A 5 ? 0.81270 0.84518 0.66502 0.07663  -0.12740 -0.01281 5 DG A OP2   
84  O "O5'" . DG A 5 ? 0.89544 0.89130 0.74071 0.07378  -0.12076 -0.00570 5 DG A "O5'" 
85  C "C5'" . DG A 5 ? 0.83619 0.83714 0.68836 0.07030  -0.11918 -0.00545 5 DG A "C5'" 
86  C "C4'" . DG A 5 ? 0.89049 0.87117 0.73679 0.08209  -0.12133 -0.01579 5 DG A "C4'" 
87  O "O4'" . DG A 5 ? 0.85822 0.86813 0.71787 0.08262  -0.12472 -0.02461 5 DG A "O4'" 
88  C "C3'" . DG A 5 ? 0.92301 0.87787 0.75509 0.09507  -0.12420 -0.02213 5 DG A "C3'" 
89  O "O3'" . DG A 5 ? 1.00845 0.93251 0.83077 0.10395  -0.12515 -0.02647 5 DG A "O3'" 
90  C "C2'" . DG A 5 ? 0.83597 0.82053 0.67826 0.09848  -0.12874 -0.03083 5 DG A "C2'" 
91  C "C1'" . DG A 5 ? 0.84379 0.85340 0.70113 0.09375  -0.12900 -0.03508 5 DG A "C1'" 
92  N N9    . DG A 5 ? 0.81356 0.86217 0.68399 0.09058  -0.13045 -0.03978 5 DG A N9    
93  C C8    . DG A 5 ? 0.83841 0.90388 0.70990 0.08720  -0.13057 -0.03614 5 DG A C8    
94  N N7    . DG A 5 ? 0.77741 0.87656 0.66044 0.08615  -0.13129 -0.04203 5 DG A N7    
95  C C5    . DG A 5 ? 0.69959 0.80606 0.59034 0.08924  -0.13163 -0.05124 5 DG A C5    
96  C C6    . DG A 5 ? 0.70825 0.84897 0.61266 0.09116  -0.13148 -0.06239 5 DG A C6    
97  O O6    . DG A 5 ? 0.74611 0.91865 0.65757 0.09105  -0.13012 -0.06558 5 DG A O6    
98  N N1    . DG A 5 ? 0.68710 0.82514 0.59776 0.09411  -0.13249 -0.07141 5 DG A N1    
99  C C2    . DG A 5 ? 0.65388 0.75845 0.55774 0.09489  -0.13378 -0.06867 5 DG A C2    
100 N N2    . DG A 5 ? 0.62343 0.73076 0.53685 0.09738  -0.13555 -0.07941 5 DG A N2    
101 N N3    . DG A 5 ? 0.69532 0.76704 0.58464 0.09404  -0.13300 -0.05741 5 DG A N3    
102 C C4    . DG A 5 ? 0.72871 0.80413 0.61250 0.09136  -0.13179 -0.04979 5 DG A C4    
103 P P     . DC B 1 ? 0.82628 1.20845 0.86546 0.14185  -0.12839 -0.22557 1 DC B P     
104 O OP1   . DC B 1 ? 0.91668 1.34721 0.97592 0.14814  -0.12464 -0.25082 1 DC B OP1   
105 O OP2   . DC B 1 ? 0.76157 1.14203 0.78189 0.12990  -0.12328 -0.19884 1 DC B OP2   
106 O "O5'" . DC B 1 ? 0.69090 1.02945 0.73442 0.13939  -0.13513 -0.22537 1 DC B "O5'" 
107 C "C5'" . DC B 1 ? 0.73710 1.02714 0.76886 0.14044  -0.14155 -0.21404 1 DC B "C5'" 
108 C "C4'" . DC B 1 ? 0.79489 1.05481 0.80795 0.12808  -0.14027 -0.18846 1 DC B "C4'" 
109 O "O4'" . DC B 1 ? 0.77179 1.02103 0.76458 0.12515  -0.13841 -0.16874 1 DC B "O4'" 
110 C "C3'" . DC B 1 ? 0.70723 0.99009 0.72237 0.11741  -0.13438 -0.18206 1 DC B "C3'" 
111 O "O3'" . DC B 1 ? 0.72969 0.97994 0.74387 0.11088  -0.13730 -0.17525 1 DC B "O3'" 
112 C "C2'" . DC B 1 ? 0.68849 0.97863 0.68591 0.10989  -0.12917 -0.15958 1 DC B "C2'" 
113 C "C1'" . DC B 1 ? 0.69676 0.94573 0.67944 0.11255  -0.13373 -0.14909 1 DC B "C1'" 
114 N N1    . DC B 1 ? 0.66392 0.91568 0.63300 0.10918  -0.13069 -0.13327 1 DC B N1    
115 C C2    . DC B 1 ? 0.66073 0.87357 0.61303 0.10471  -0.13247 -0.11518 1 DC B C2    
116 O O2    . DC B 1 ? 0.63173 0.81027 0.57908 0.10393  -0.13563 -0.11181 1 DC B O2    
117 N N3    . DC B 1 ? 0.69677 0.91220 0.63963 0.10150  -0.13030 -0.10281 1 DC B N3    
118 C C4    . DC B 1 ? 0.67665 0.93086 0.62579 0.10258  -0.12656 -0.10701 1 DC B C4    
119 N N4    . DC B 1 ? 0.67141 0.92682 0.61286 0.09881  -0.12504 -0.09498 1 DC B N4    
120 C C5    . DC B 1 ? 0.65422 0.94964 0.61847 0.10768  -0.12378 -0.12461 1 DC B C5    
121 C C6    . DC B 1 ? 0.66212 0.95479 0.63606 0.11107  -0.12608 -0.13793 1 DC B C6    
122 P P     . DG B 2 ? 0.88801 1.15702 0.91538 0.10368  -0.13464 -0.18033 2 DG B P     
123 O OP1   . DG B 2 ? 0.88408 1.15981 0.93874 0.11566  -0.13998 -0.21224 2 DG B OP1   
124 O OP2   . DG B 2 ? 0.85868 1.17366 0.88550 0.10089  -0.12757 -0.17814 2 DG B OP2   
125 O "O5'" . DG B 2 ? 0.78930 1.02233 0.80245 0.09405  -0.13573 -0.15855 2 DG B "O5'" 
126 C "C5'" . DG B 2 ? 0.74928 0.94755 0.76548 0.10395  -0.14376 -0.16850 2 DG B "C5'" 
127 C "C4'" . DG B 2 ? 0.75901 0.92150 0.75185 0.09725  -0.14368 -0.14318 2 DG B "C4'" 
128 O "O4'" . DG B 2 ? 0.71793 0.87610 0.69034 0.08970  -0.13851 -0.12035 2 DG B "O4'" 
129 C "C3'" . DG B 2 ? 0.73309 0.89983 0.72483 0.08404  -0.13981 -0.12857 2 DG B "C3'" 
130 O "O3'" . DG B 2 ? 0.80908 0.93503 0.78342 0.08528  -0.14279 -0.11511 2 DG B "O3'" 
131 C "C2'" . DG B 2 ? 0.62712 0.81628 0.60957 0.07017  -0.13207 -0.10715 2 DG B "C2'" 
132 C "C1'" . DG B 2 ? 0.67620 0.84599 0.64254 0.07503  -0.13267 -0.09964 2 DG B "C1'" 
133 N N9    . DG B 2 ? 0.66675 0.86559 0.63158 0.07690  -0.12954 -0.09870 2 DG B N9    
134 C C8    . DG B 2 ? 0.65734 0.89869 0.63510 0.08163  -0.12709 -0.11379 2 DG B C8    
135 N N7    . DG B 2 ? 0.66981 0.93093 0.64269 0.08282  -0.12387 -0.10930 2 DG B N7    
136 C C5    . DG B 2 ? 0.66673 0.89475 0.62389 0.07850  -0.12508 -0.09110 2 DG B C5    
137 C C6    . DG B 2 ? 0.62106 0.85123 0.56936 0.07713  -0.12330 -0.08033 2 DG B C6    
138 O O6    . DG B 2 ? 0.62385 0.88679 0.57610 0.07939  -0.11998 -0.08374 2 DG B O6    
139 N N1    . DG B 2 ? 0.57194 0.76356 0.50637 0.07264  -0.12517 -0.06512 2 DG B N1    
140 C C2    . DG B 2 ? 0.58404 0.74149 0.51245 0.07043  -0.12718 -0.06025 2 DG B C2    
141 N N2    . DG B 2 ? 0.62200 0.74935 0.53683 0.06737  -0.12695 -0.04675 2 DG B N2    
142 N N3    . DG B 2 ? 0.56331 0.71807 0.49947 0.07167  -0.12872 -0.06922 2 DG B N3    
143 C C4    . DG B 2 ? 0.64441 0.83460 0.59558 0.07534  -0.12813 -0.08470 2 DG B C4    
144 P P     . DT B 3 ? 0.70428 0.81022 0.68217 0.08412  -0.14668 -0.11460 3 DT B P     
145 O OP1   . DT B 3 ? 0.68062 0.73378 0.64949 0.09957  -0.15806 -0.12442 3 DT B OP1   
146 O OP2   . DT B 3 ? 0.62176 0.76371 0.62577 0.07816  -0.14483 -0.12772 3 DT B OP2   
147 O "O5'" . DT B 3 ? 0.83245 0.92889 0.78826 0.07118  -0.13945 -0.08195 3 DT B "O5'" 
148 C "C5'" . DT B 3 ? 0.76748 0.84208 0.70197 0.07180  -0.13641 -0.06714 3 DT B "C5'" 
149 C "C4'" . DT B 3 ? 0.69722 0.78453 0.62636 0.05289  -0.12770 -0.04053 3 DT B "C4'" 
150 O "O4'" . DT B 3 ? 0.63119 0.74430 0.56359 0.05108  -0.12682 -0.04199 3 DT B "O4'" 
151 C "C3'" . DT B 3 ? 0.73645 0.83981 0.67537 0.04075  -0.12625 -0.03034 3 DT B "C3'" 
152 O "O3'" . DT B 3 ? 0.81291 0.89599 0.74193 0.03581  -0.12265 -0.01218 3 DT B "O3'" 
153 C "C2'" . DT B 3 ? 0.66403 0.79915 0.60935 0.03649  -0.12583 -0.02867 3 DT B "C2'" 
154 C "C1'" . DT B 3 ? 0.58117 0.71224 0.51644 0.04213  -0.12515 -0.02988 3 DT B "C1'" 
155 N N1    . DT B 3 ? 0.55025 0.71684 0.49268 0.04579  -0.12412 -0.03807 3 DT B N1    
156 C C2    . DT B 3 ? 0.57753 0.74691 0.51308 0.04667  -0.12291 -0.03261 3 DT B C2    
157 O O2    . DT B 3 ? 0.70260 0.84599 0.62685 0.04440  -0.12337 -0.02237 3 DT B O2    
158 N N3    . DT B 3 ? 0.50133 0.70860 0.44457 0.05042  -0.12020 -0.04037 3 DT B N3    
159 C C4    . DT B 3 ? 0.50200 0.74585 0.45786 0.05341  -0.11773 -0.05295 3 DT B C4    
160 O O4    . DT B 3 ? 0.52093 0.80198 0.48206 0.05664  -0.11361 -0.05893 3 DT B O4    
161 C C5    . DT B 3 ? 0.53397 0.77228 0.49692 0.05234  -0.11974 -0.05927 3 DT B C5    
162 C C7    . DT B 3 ? 0.61341 0.89183 0.59092 0.05552  -0.11723 -0.07506 3 DT B C7    
163 C C6    . DT B 3 ? 0.56669 0.76629 0.52333 0.04841  -0.12321 -0.05144 3 DT B C6    
164 P P     . DG B 4 ? 0.77472 0.82202 0.69588 0.04877  -0.12629 -0.01655 4 DG B P     
165 O OP1   . DG B 4 ? 0.59858 0.66649 0.53289 0.03834  -0.12493 -0.00667 4 DG B OP1   
166 O OP2   . DG B 4 ? 0.78481 0.78737 0.68287 0.05585  -0.12300 -0.00808 4 DG B OP2   
167 O "O5'" . DG B 4 ? 0.78034 0.81500 0.70759 0.06493  -0.13768 -0.04433 4 DG B "O5'" 
168 C "C5'" . DG B 4 ? 0.84056 0.86009 0.77941 0.07076  -0.14729 -0.05694 4 DG B "C5'" 
169 C "C4'" . DG B 4 ? 0.90265 0.84887 0.82535 0.07846  -0.14211 -0.05032 4 DG B "C4'" 
170 O "O4'" . DG B 4 ? 0.90853 0.83835 0.86200 0.07511  -0.13102 -0.06241 4 DG B "O4'" 
171 C "C3'" . DG B 4 ? 0.91004 0.82284 0.81498 0.09110  -0.14409 -0.05569 4 DG B "C3'" 
172 O "O3'" . DG B 4 ? 0.90816 0.75877 0.78778 0.09454  -0.13295 -0.03654 4 DG B "O3'" 
173 C "C2'" . DG B 4 ? 0.95794 0.87019 0.89567 0.09456  -0.14145 -0.08130 4 DG B "C2'" 
174 C "C1'" . DG B 4 ? 0.96880 0.87522 0.93253 0.08411  -0.12947 -0.08051 4 DG B "C1'" 
175 N N9    . DG B 4 ? 0.97520 0.92263 0.97899 0.08130  -0.13330 -0.10828 4 DG B N9    
176 C C8    . DG B 4 ? 0.94692 0.96226 0.96285 0.08114  -0.14831 -0.12694 4 DG B C8    
177 N N7    . DG B 4 ? 1.00916 1.05106 1.06256 0.07899  -0.14891 -0.15305 4 DG B N7    
178 C C5    . DG B 4 ? 0.97959 0.96537 1.04901 0.07714  -0.13291 -0.15113 4 DG B C5    
179 C C6    . DG B 4 ? 0.86408 0.84704 0.97659 0.07392  -0.12607 -0.17386 4 DG B C6    
180 O O6    . DG B 4 ? 0.81626 0.84808 0.96121 0.07240  -0.13381 -0.20254 4 DG B O6    
181 N N1    . DG B 4 ? 0.84531 0.76248 0.96240 0.07241  -0.10824 -0.16112 4 DG B N1    
182 C C2    . DG B 4 ? 0.96546 0.82882 1.04717 0.07448  -0.09852 -0.13085 4 DG B C2    
183 N N2    . DG B 4 ? 1.00994 0.81617 1.10067 0.07290  -0.08058 -0.12140 4 DG B N2    
184 N N3    . DG B 4 ? 1.04570 0.91204 1.08655 0.07783  -0.10559 -0.11147 4 DG B N3    
185 C C4    . DG B 4 ? 1.00255 0.93034 1.04079 0.07868  -0.12271 -0.12284 4 DG B C4    
186 P P     . DG B 5 ? 1.10992 0.91389 0.97213 0.10866  -0.13128 -0.03852 5 DG B P     
187 O OP1   . DG B 5 ? 1.20717 0.96837 1.03562 0.10908  -0.12174 -0.01580 5 DG B OP1   
188 O OP2   . DG B 5 ? 1.11111 0.95609 0.97572 0.11560  -0.14748 -0.05570 5 DG B OP2   
189 O "O5'" . DG B 5 ? 0.98978 0.76034 0.88130 0.10946  -0.11767 -0.04935 5 DG B "O5'" 
190 C "C5'" . DG B 5 ? 1.01543 0.75689 0.91590 0.10134  -0.10168 -0.03834 5 DG B "C5'" 
191 C "C4'" . DG B 5 ? 1.03197 0.74449 0.95176 0.09853  -0.08071 -0.03718 5 DG B "C4'" 
192 O "O4'" . DG B 5 ? 1.08638 0.80998 1.04787 0.09796  -0.08238 -0.06160 5 DG B "O4'" 
193 C "C3'" . DG B 5 ? 1.07762 0.77887 0.98585 0.10580  -0.07837 -0.03429 5 DG B "C3'" 
194 O "O3'" . DG B 5 ? 1.10646 0.78473 1.02935 0.09975  -0.05352 -0.02057 5 DG B "O3'" 
195 C "C2'" . DG B 5 ? 1.09550 0.81466 1.02971 0.11423  -0.09279 -0.06275 5 DG B "C2'" 
196 C "C1'" . DG B 5 ? 1.10439 0.83065 1.07779 0.10565  -0.08580 -0.07622 5 DG B "C1'" 
197 N N9    . DG B 5 ? 1.08751 0.85647 1.09136 0.10960  -0.10474 -0.11036 5 DG B N9    
198 C C8    . DG B 5 ? 1.05802 0.88310 1.05231 0.11106  -0.12283 -0.12006 5 DG B C8    
199 N N7    . DG B 5 ? 1.02235 0.89842 1.05040 0.10793  -0.13087 -0.14734 5 DG B N7    
200 C C5    . DG B 5 ? 1.00262 0.85320 1.06687 0.10421  -0.11830 -0.15817 5 DG B C5    
201 C C6    . DG B 5 ? 0.94627 0.83085 1.05753 0.09977  -0.12008 -0.18875 5 DG B C6    
202 O O6    . DG B 5 ? 0.92922 0.87669 1.05762 0.09889  -0.13360 -0.21316 5 DG B O6    
203 N N1    . DG B 5 ? 0.92829 0.77551 1.06561 0.09313  -0.10139 -0.18413 5 DG B N1    
204 C C2    . DG B 5 ? 0.96567 0.75586 1.08150 0.09002  -0.08132 -0.15210 5 DG B C2    
205 N N2    . DG B 5 ? 1.01105 0.78009 1.15054 0.08178  -0.06276 -0.14873 5 DG B N2    
206 N N3    . DG B 5 ? 0.98827 0.74890 1.06003 0.09451  -0.07889 -0.12549 5 DG B N3    
207 C C4    . DG B 5 ? 1.02383 0.81111 1.07378 0.10351  -0.10051 -0.13284 5 DG B C4    
208 P P     . DA B 6 ? 1.08392 0.74596 1.00461 0.10579  -0.04604 -0.01289 6 DA B P     
209 O OP1   . DA B 6 ? 1.16660 0.82551 1.06165 0.10248  -0.04059 0.00737  6 DA B OP1   
210 O OP2   . DA B 6 ? 1.06247 0.73055 0.97889 0.11743  -0.06231 -0.02851 6 DA B OP2   
211 O "O5'" . DA B 6 ? 1.05985 0.70531 1.02508 0.10021  -0.02353 -0.01184 6 DA B "O5'" 
212 C "C5'" . DA B 6 ? 1.03110 0.67832 1.02202 0.09447  -0.01666 -0.02524 6 DA B "C5'" 
213 C "C4'" . DA B 6 ? 1.06641 0.69429 1.08101 0.09711  -0.00194 -0.03444 6 DA B "C4'" 
214 O "O4'" . DA B 6 ? 1.05756 0.70320 1.08260 0.09890  -0.02001 -0.06254 6 DA B "O4'" 
215 C "C3'" . DA B 6 ? 1.11341 0.73211 1.12784 0.10617  -0.00327 -0.02891 6 DA B "C3'" 
216 O "O3'" . DA B 6 ? 1.24804 0.85008 1.28651 0.10337  0.01834  -0.01988 6 DA B "O3'" 
217 C "C2'" . DA B 6 ? 1.11992 0.75388 1.13041 0.11454  -0.02512 -0.05390 6 DA B "C2'" 
218 C "C1'" . DA B 6 ? 1.10235 0.75061 1.13543 0.10796  -0.02904 -0.07506 6 DA B "C1'" 
219 N N9    . DA B 6 ? 1.08292 0.77513 1.12897 0.11176  -0.05752 -0.10272 6 DA B N9    
220 C C8    . DA B 6 ? 1.07113 0.78626 1.09265 0.11907  -0.07878 -0.10532 6 DA B C8    
221 N N7    . DA B 6 ? 0.96651 0.72545 1.00627 0.12270  -0.09942 -0.13376 6 DA B N7    
222 C C5    . DA B 6 ? 0.96365 0.73185 1.04649 0.11606  -0.09226 -0.15175 6 DA B C5    
223 C C6    . DA B 6 ? 0.97012 0.78695 1.09143 0.11481  -0.10468 -0.18494 6 DA B C6    
224 N N6    . DA B 6 ? 1.03857 0.90670 1.15786 0.12086  -0.12574 -0.20567 6 DA B N6    
225 N N1    . DA B 6 ? 0.91719 0.73336 1.07793 0.10692  -0.09393 -0.19616 6 DA B N1    
226 C C2    . DA B 6 ? 0.90877 0.67584 1.06669 0.10158  -0.07189 -0.17452 6 DA B C2    
227 N N3    . DA B 6 ? 0.96830 0.68790 1.08797 0.10279  -0.05652 -0.14228 6 DA B N3    
228 C C4    . DA B 6 ? 1.00682 0.73130 1.09242 0.10958  -0.06765 -0.13264 6 DA B C4    
229 P P     . DT C 1 ? 1.06095 1.22994 1.56733 0.10995  -0.14970 -0.43847 1 DT C P     
230 O OP1   . DT C 1 ? 0.97958 1.16063 1.54459 0.10674  -0.14729 -0.46414 1 DT C OP1   
231 O OP2   . DT C 1 ? 0.88671 1.11835 1.37312 0.11644  -0.15817 -0.44342 1 DT C OP2   
232 O "O5'" . DT C 1 ? 0.98148 1.08569 1.46567 0.09967  -0.13431 -0.40807 1 DT C "O5'" 
233 C "C5'" . DT C 1 ? 0.98915 1.01819 1.44267 0.10047  -0.12299 -0.37792 1 DT C "C5'" 
234 C "C4'" . DT C 1 ? 0.99625 0.97745 1.43679 0.09121  -0.10625 -0.35211 1 DT C "C4'" 
235 O "O4'" . DT C 1 ? 0.84685 0.78684 1.23047 0.09475  -0.10223 -0.31973 1 DT C "O4'" 
236 C "C3'" . DT C 1 ? 1.02160 1.04328 1.48028 0.08297  -0.10793 -0.36367 1 DT C "C3'" 
237 O "O3'" . DT C 1 ? 1.18700 1.16546 1.65463 0.07340  -0.09040 -0.34678 1 DT C "O3'" 
238 C "C2'" . DT C 1 ? 0.92570 0.95831 1.33635 0.08665  -0.11588 -0.34973 1 DT C "C2'" 
239 C "C1'" . DT C 1 ? 0.84674 0.80775 1.21456 0.09000  -0.10516 -0.31547 1 DT C "C1'" 
240 N N1    . DT C 1 ? 0.82528 0.78924 1.14680 0.09783  -0.11494 -0.30329 1 DT C N1    
241 C C2    . DT C 1 ? 0.89565 0.80090 1.17547 0.10114  -0.10533 -0.27121 1 DT C C2    
242 O O2    . DT C 1 ? 0.90650 0.75842 1.18318 0.09815  -0.08757 -0.25090 1 DT C O2    
243 N N3    . DT C 1 ? 0.91507 0.82899 1.15500 0.10871  -0.11662 -0.26265 1 DT C N3    
244 C C4    . DT C 1 ? 0.83248 0.80837 1.06851 0.11313  -0.13554 -0.28172 1 DT C C4    
245 O O4    . DT C 1 ? 0.80678 0.78735 1.00523 0.11991  -0.14466 -0.27159 1 DT C O4    
246 C C5    . DT C 1 ? 0.80023 0.83820 1.07808 0.10956  -0.14233 -0.31223 1 DT C C5    
247 C C7    . DT C 1 ? 0.76220 0.87470 1.03486 0.11466  -0.15665 -0.32707 1 DT C C7    
248 C C6    . DT C 1 ? 0.83339 0.86246 1.15284 0.10241  -0.13260 -0.32283 1 DT C C6    
249 P P     . DC C 2 ? 1.27991 1.28994 1.77980 0.06317  -0.08760 -0.35893 2 DC C P     
250 O OP1   . DC C 2 ? 1.27374 1.29318 1.83069 0.05876  -0.08262 -0.37996 2 DC C OP1   
251 O OP2   . DC C 2 ? 1.08738 1.15920 1.57833 0.06585  -0.10274 -0.37393 2 DC C OP2   
252 O "O5'" . DC C 2 ? 1.03912 0.98633 1.50750 0.05670  -0.06943 -0.32145 2 DC C "O5'" 
253 C "C5'" . DC C 2 ? 1.00673 0.88952 1.44666 0.05991  -0.05612 -0.29305 2 DC C "C5'" 
254 C "C4'" . DC C 2 ? 1.02656 0.86670 1.41514 0.05890  -0.04585 -0.25746 2 DC C "C4'" 
255 O "O4'" . DC C 2 ? 0.98254 0.82976 1.32918 0.06696  -0.05762 -0.25089 2 DC C "O4'" 
256 C "C3'" . DC C 2 ? 1.01921 0.87145 1.41686 0.04904  -0.04099 -0.25446 2 DC C "C3'" 
257 O "O3'" . DC C 2 ? 1.06827 0.86592 1.43906 0.04566  -0.02205 -0.22148 2 DC C "O3'" 
258 C "C2'" . DC C 2 ? 1.01542 0.89930 1.38652 0.05221  -0.05584 -0.25723 2 DC C "C2'" 
259 C "C1'" . DC C 2 ? 0.97914 0.83306 1.30504 0.06268  -0.05841 -0.24002 2 DC C "C1'" 
260 N N1    . DC C 2 ? 0.92309 0.81688 1.22827 0.06994  -0.07840 -0.25110 2 DC C N1    
261 C C2    . DC C 2 ? 0.89223 0.75791 1.14687 0.07646  -0.07965 -0.22682 2 DC C C2    
262 O O2    . DC C 2 ? 0.86726 0.67775 1.09345 0.07606  -0.06348 -0.19644 2 DC C O2    
263 N N3    . DC C 2 ? 0.85564 0.75988 1.09202 0.08345  -0.09868 -0.23758 2 DC C N3    
264 C C4    . DC C 2 ? 0.79968 0.77063 1.06201 0.08388  -0.11416 -0.26924 2 DC C C4    
265 N N4    . DC C 2 ? 0.79690 0.80950 1.03447 0.09011  -0.13094 -0.27567 2 DC C N4    
266 C C5    . DC C 2 ? 0.78721 0.78919 1.09962 0.07783  -0.11215 -0.29350 2 DC C C5    
267 C C6    . DC C 2 ? 0.87234 0.83297 1.20661 0.07100  -0.09507 -0.28463 2 DC C C6    
268 P P     . DC C 3 ? 1.05477 0.85198 1.43342 0.03510  -0.01192 -0.21163 3 DC C P     
269 O OP1   . DC C 3 ? 1.01464 0.76958 1.39479 0.03147  0.00674  -0.19289 3 DC C OP1   
270 O OP2   . DC C 3 ? 0.99595 0.85416 1.41990 0.03013  -0.02455 -0.24411 3 DC C OP2   
271 O "O5'" . DC C 3 ? 1.04274 0.81762 1.36392 0.03784  -0.01103 -0.18384 3 DC C "O5'" 
272 C "C5'" . DC C 3 ? 1.08785 0.83033 1.36035 0.04780  -0.01154 -0.16522 3 DC C "C5'" 
273 C "C4'" . DC C 3 ? 1.08912 0.80821 1.31164 0.04839  -0.00709 -0.13732 3 DC C "C4'" 
274 O "O4'" . DC C 3 ? 1.00560 0.75066 1.21362 0.05381  -0.02346 -0.14437 3 DC C "O4'" 
275 C "C3'" . DC C 3 ? 1.06290 0.78989 1.29682 0.03823  -0.00052 -0.13170 3 DC C "C3'" 
276 O "O3'" . DC C 3 ? 1.13537 0.82784 1.31992 0.03897  0.00837  -0.10139 3 DC C "O3'" 
277 C "C2'" . DC C 3 ? 1.03496 0.81324 1.29210 0.03682  -0.01815 -0.15460 3 DC C "C2'" 
278 C "C1'" . DC C 3 ? 0.97001 0.74439 1.19021 0.04728  -0.02960 -0.14977 3 DC C "C1'" 
279 N N1    . DC C 3 ? 0.85226 0.68024 1.09180 0.05113  -0.05210 -0.17945 3 DC C N1    
280 C C2    . DC C 3 ? 0.85055 0.68516 1.05614 0.05932  -0.06614 -0.17508 3 DC C C2    
281 O O2    . DC C 3 ? 0.87926 0.67268 1.04399 0.06231  -0.05809 -0.14575 3 DC C O2    
282 N N3    . DC C 3 ? 0.85757 0.74798 1.07191 0.06359  -0.08779 -0.20266 3 DC C N3    
283 C C4    . DC C 3 ? 0.84074 0.78053 1.09779 0.05945  -0.09431 -0.23444 3 DC C C4    
284 N N4    . DC C 3 ? 0.82480 0.83263 1.08081 0.06149  -0.11294 -0.25379 3 DC C N4    
285 C C5    . DC C 3 ? 0.80698 0.73814 1.10403 0.05137  -0.08016 -0.23951 3 DC C C5    
286 C C6    . DC C 3 ? 0.82914 0.70333 1.11598 0.04737  -0.05977 -0.21148 3 DC C C6    
287 P P     . DG C 4 ? 1.22081 0.90760 1.40957 0.02931  0.01995  -0.08839 4 DG C P     
288 O OP1   . DG C 4 ? 1.26077 0.91506 1.44355 0.02965  0.03144  -0.07722 4 DG C OP1   
289 O OP2   . DG C 4 ? 1.02268 0.75341 1.26214 0.02108  0.01480  -0.11011 4 DG C OP2   
290 O "O5'" . DG C 4 ? 1.11516 0.78582 1.25165 0.03134  0.01931  -0.06423 4 DG C "O5'" 
291 C "C5'" . DG C 4 ? 1.12980 0.78780 1.22584 0.04060  0.01206  -0.05633 4 DG C "C5'" 
292 C "C4'" . DG C 4 ? 1.11450 0.78819 1.19676 0.03921  0.00604  -0.04987 4 DG C "C4'" 
293 O "O4'" . DG C 4 ? 1.03006 0.74372 1.14679 0.04072  -0.01005 -0.07292 4 DG C "O4'" 
294 C "C3'" . DG C 4 ? 1.14659 0.83146 1.24229 0.02925  0.01112  -0.04359 4 DG C "C3'" 
295 O "O3'" . DG C 4 ? 1.21160 0.89271 1.27213 0.03034  0.00746  -0.02684 4 DG C "O3'" 
296 C "C2'" . DG C 4 ? 0.99977 0.72873 1.15507 0.02430  0.00211  -0.07076 4 DG C "C2'" 
297 C "C1'" . DG C 4 ? 0.98727 0.73127 1.13463 0.03289  -0.01573 -0.08082 4 DG C "C1'" 
298 N N9    . DG C 4 ? 0.90833 0.69855 1.09912 0.03386  -0.03433 -0.11544 4 DG C N9    
299 C C8    . DG C 4 ? 0.90390 0.71902 1.13955 0.02952  -0.03385 -0.14068 4 DG C C8    
300 N N7    . DG C 4 ? 0.89069 0.75819 1.14789 0.03190  -0.05339 -0.17086 4 DG C N7    
301 C C5    . DG C 4 ? 0.84971 0.73776 1.06318 0.03626  -0.06535 -0.15476 4 DG C C5    
302 C C6    . DG C 4 ? 0.80685 0.75873 1.01085 0.03896  -0.08528 -0.16617 4 DG C C6    
303 O O6    . DG C 4 ? 0.71538 0.72217 0.94642 0.03869  -0.09719 -0.19466 4 DG C O6    
304 N N1    . DG C 4 ? 0.88171 0.83160 1.03978 0.04243  -0.09085 -0.14121 4 DG C N1    
305 C C2    . DG C 4 ? 0.90749 0.80188 1.03285 0.04349  -0.07944 -0.11143 4 DG C C2    
306 N N2    . DG C 4 ? 0.87532 0.77759 0.96163 0.04663  -0.08761 -0.09282 4 DG C N2    
307 N N3    . DG C 4 ? 0.93811 0.77503 1.06973 0.04160  -0.06101 -0.10132 4 DG C N3    
308 C C4    . DG C 4 ? 0.91772 0.75464 1.09408 0.03786  -0.05458 -0.12308 4 DG C C4    
309 P P     . DA C 5 ? 1.14089 0.82262 1.19200 0.02252  0.01209  -0.01106 5 DA C P     
310 O OP1   . DA C 5 ? 1.12896 0.78742 1.14823 0.02423  0.00973  0.00384  5 DA C OP1   
311 O OP2   . DA C 5 ? 0.86796 0.57351 0.96889 0.01356  0.01855  -0.02201 5 DA C OP2   
312 O "O5'" . DA C 5 ? 1.12069 0.81539 1.15671 0.02407  0.00401  -0.00331 5 DA C "O5'" 
313 C "C5'" . DA C 5 ? 1.13855 0.85026 1.18685 0.03068  -0.00921 -0.01342 5 DA C "C5'" 
314 C "C4'" . DA C 5 ? 1.07123 0.80193 1.11232 0.03033  -0.02533 -0.00268 5 DA C "C4'" 
315 O "O4'" . DA C 5 ? 1.00554 0.80252 1.06777 0.02715  -0.04268 -0.01928 5 DA C "O4'" 
316 C "C3'" . DA C 5 ? 1.09982 0.83231 1.13954 0.02173  -0.01401 0.01313  5 DA C "C3'" 
317 O "O3'" . DA C 5 ? 1.09224 0.83825 1.11131 0.02217  -0.02610 0.02815  5 DA C "O3'" 
318 C "C2'" . DA C 5 ? 1.05835 0.82921 1.14923 0.01394  -0.01907 -0.00336 5 DA C "C2'" 
319 C "C1'" . DA C 5 ? 1.02493 0.84823 1.11929 0.01750  -0.03936 -0.02153 5 DA C "C1'" 
320 N N9    . DA C 5 ? 0.94439 0.79214 1.07801 0.01594  -0.04185 -0.04878 5 DA C N9    
321 C C8    . DA C 5 ? 0.87838 0.69743 1.04347 0.01336  -0.02790 -0.06054 5 DA C C8    
322 N N7    . DA C 5 ? 0.86028 0.71410 1.05980 0.01272  -0.03558 -0.08866 5 DA C N7    
323 C C5    . DA C 5 ? 0.89435 0.80389 1.08059 0.01571  -0.05562 -0.09489 5 DA C C5    
324 C C6    . DA C 5 ? 0.89260 0.86232 1.09871 0.01728  -0.07212 -0.12204 5 DA C C6    
325 N N6    . DA C 5 ? 0.87600 0.85974 1.12358 0.01589  -0.07183 -0.15158 5 DA C N6    
326 N N1    . DA C 5 ? 0.86043 0.87721 1.04332 0.02030  -0.08872 -0.11831 5 DA C N1    
327 C C2    . DA C 5 ? 0.94265 0.94557 1.08834 0.02111  -0.08908 -0.09006 5 DA C C2    
328 N N3    . DA C 5 ? 0.99300 0.94190 1.11859 0.01988  -0.07555 -0.06539 5 DA C N3    
329 C C4    . DA C 5 ? 0.94610 0.85085 1.09229 0.01747  -0.05908 -0.06927 5 DA C C4    
330 O "O5'" . DC D 1 ? 0.80091 0.36684 0.73907 0.03363  0.22480  0.10566  1 DC D "O5'" 
331 C "C5'" . DC D 1 ? 0.89083 0.44167 0.80054 0.04072  0.23797  0.11116  1 DC D "C5'" 
332 C "C4'" . DC D 1 ? 0.92755 0.47848 0.80340 0.04526  0.22484  0.10965  1 DC D "C4'" 
333 O "O4'" . DC D 1 ? 0.85031 0.40103 0.71893 0.04613  0.20954  0.10983  1 DC D "O4'" 
334 C "C3'" . DC D 1 ? 0.94541 0.51542 0.82632 0.04094  0.21248  0.10206  1 DC D "C3'" 
335 O "O3'" . DC D 1 ? 1.04795 0.61428 0.92149 0.04302  0.22504  0.10193  1 DC D "O3'" 
336 C "C2'" . DC D 1 ? 0.88149 0.45279 0.73681 0.04406  0.19501  0.10049  1 DC D "C2'" 
337 C "C1'" . DC D 1 ? 0.81423 0.37784 0.67087 0.04541  0.19143  0.10411  1 DC D "C1'" 
338 N N1    . DC D 1 ? 0.77730 0.35667 0.65781 0.03895  0.17483  0.09925  1 DC D N1    
339 C C2    . DC D 1 ? 0.77749 0.36831 0.64891 0.03850  0.15563  0.09513  1 DC D C2    
340 O O2    . DC D 1 ? 0.82665 0.41514 0.67217 0.04288  0.15272  0.09496  1 DC D O2    
341 N N3    . DC D 1 ? 0.75580 0.35985 0.64785 0.03333  0.14089  0.09101  1 DC D N3    
342 C C4    . DC D 1 ? 0.76183 0.36671 0.68160 0.02889  0.14444  0.08999  1 DC D C4    
343 N N4    . DC D 1 ? 0.72662 0.34307 0.66451 0.02450  0.12932  0.08488  1 DC D N4    
344 C C5    . DC D 1 ? 0.82573 0.41925 0.75661 0.02894  0.16406  0.09370  1 DC D C5    
345 C C6    . DC D 1 ? 0.82095 0.40220 0.73164 0.03409  0.17892  0.09881  1 DC D C6    
346 P P     . DT D 2 ? 1.04983 0.63294 0.92941 0.03924  0.21569  0.09551  2 DT D P     
347 O OP1   . DT D 2 ? 1.07013 0.64758 0.95319 0.04051  0.23361  0.09604  2 DT D OP1   
348 O OP2   . DT D 2 ? 0.87255 0.47726 0.78099 0.03167  0.19997  0.09116  2 DT D OP2   
349 O "O5'" . DT D 2 ? 0.95835 0.53628 0.80292 0.04429  0.20423  0.09452  2 DT D "O5'" 
350 C "C5'" . DT D 2 ? 1.02983 0.62038 0.87485 0.04167  0.19248  0.08967  2 DT D "C5'" 
351 C "C4'" . DT D 2 ? 0.96207 0.56441 0.80481 0.03965  0.17094  0.08727  2 DT D "C4'" 
352 O "O4'" . DT D 2 ? 0.79012 0.39559 0.64625 0.03751  0.16630  0.08871  2 DT D "O4'" 
353 C "C3'" . DT D 2 ? 0.94776 0.57155 0.81280 0.03303  0.15661  0.08356  2 DT D "C3'" 
354 O "O3'" . DT D 2 ? 0.93657 0.56015 0.78953 0.03426  0.15398  0.08154  2 DT D "O3'" 
355 C "C2'" . DT D 2 ? 0.87854 0.51151 0.74416 0.03143  0.13877  0.08277  2 DT D "C2'" 
356 C "C1'" . DT D 2 ? 0.78241 0.40325 0.64391 0.03416  0.14612  0.08566  2 DT D "C1'" 
357 N N1    . DT D 2 ? 0.80632 0.43874 0.69595 0.02849  0.13915  0.08480  2 DT D N1    
358 C C2    . DT D 2 ? 0.80226 0.44917 0.69825 0.02541  0.11997  0.08232  2 DT D C2    
359 O O2    . DT D 2 ? 0.80854 0.46055 0.69066 0.02670  0.10903  0.08117  2 DT D O2    
360 N N3    . DT D 2 ? 0.77585 0.43072 0.69564 0.02082  0.11433  0.08093  2 DT D N3    
361 C C4    . DT D 2 ? 0.78231 0.43260 0.72142 0.01871  0.12543  0.08116  2 DT D C4    
362 O O4    . DT D 2 ? 0.78782 0.44517 0.74749 0.01464  0.11863  0.07845  2 DT D O4    
363 C C5    . DT D 2 ? 0.80310 0.43925 0.73702 0.02177  0.14604  0.08440  2 DT D C5    
364 C C7    . DT D 2 ? 0.69507 0.32604 0.65228 0.01955  0.16052  0.08517  2 DT D C7    
365 C C6    . DT D 2 ? 0.85100 0.47869 0.75960 0.02668  0.15191  0.08629  2 DT D C6    
366 P P     . DA D 3 ? 1.00891 0.65336 0.88347 0.02806  0.13790  0.07934  3 DA D P     
367 O OP1   . DA D 3 ? 1.09546 0.73376 0.95188 0.03069  0.13630  0.07764  3 DA D OP1   
368 O OP2   . DA D 3 ? 0.85507 0.51243 0.76318 0.02257  0.14080  0.07968  3 DA D OP2   
369 O "O5'" . DA D 3 ? 0.94865 0.60533 0.82645 0.02573  0.11898  0.07912  3 DA D "O5'" 
370 C "C5'" . DA D 3 ? 0.97754 0.63259 0.83364 0.02869  0.10771  0.07796  3 DA D "C5'" 
371 C "C4'" . DA D 3 ? 1.00285 0.67882 0.87819 0.02316  0.08879  0.07787  3 DA D "C4'" 
372 O "O4'" . DA D 3 ? 0.93270 0.61743 0.82472 0.02002  0.08349  0.07867  3 DA D "O4'" 
373 C "C3'" . DA D 3 ? 1.07276 0.76096 0.97182 0.01796  0.08579  0.07877  3 DA D "C3'" 
374 O "O3'" . DA D 3 ? 0.98028 0.68007 0.88368 0.01551  0.07067  0.07946  3 DA D "O3'" 
375 C "C2'" . DA D 3 ? 1.02214 0.72169 0.94813 0.01307  0.08509  0.07999  3 DA D "C2'" 
376 C "C1'" . DA D 3 ? 0.93009 0.62973 0.85133 0.01376  0.07942  0.07962  3 DA D "C1'" 
377 N N9    . DA D 3 ? 0.87760 0.57359 0.81135 0.01275  0.08930  0.07938  3 DA D N9    
378 C C8    . DA D 3 ? 0.89024 0.57504 0.82505 0.01457  0.10751  0.07955  3 DA D C8    
379 N N7    . DA D 3 ? 0.92157 0.60583 0.87193 0.01279  0.11377  0.07929  3 DA D N7    
380 C C5    . DA D 3 ? 0.82492 0.51980 0.78368 0.00968  0.09817  0.07827  3 DA D C5    
381 C C6    . DA D 3 ? 0.74450 0.44283 0.72027 0.00669  0.09569  0.07654  3 DA D C6    
382 N N6    . DA D 3 ? 0.71192 0.40400 0.70214 0.00606  0.11007  0.07581  3 DA D N6    
383 N N1    . DA D 3 ? 0.70219 0.41035 0.68097 0.00432  0.07847  0.07519  3 DA D N1    
384 C C2    . DA D 3 ? 0.66447 0.37979 0.63146 0.00482  0.06531  0.07655  3 DA D C2    
385 N N3    . DA D 3 ? 0.71029 0.42424 0.66324 0.00719  0.06631  0.07836  3 DA D N3    
386 C C4    . DA D 3 ? 0.80128 0.50405 0.74987 0.00964  0.08292  0.07870  3 DA D C4    
387 P P     . DC D 4 ? 1.13695 0.84868 1.06510 0.01013  0.06545  0.08170  4 DC D P     
388 O OP1   . DC D 4 ? 1.28633 0.99783 1.20698 0.01068  0.05738  0.08172  4 DC D OP1   
389 O OP2   . DC D 4 ? 1.10661 0.81176 1.04340 0.01049  0.08127  0.08104  4 DC D OP2   
390 O "O5'" . DC D 4 ? 0.85269 0.58305 0.80216 0.00430  0.05172  0.08464  4 DC D "O5'" 
391 C "C5'" . DC D 4 ? 0.83237 0.56872 0.77675 0.00427  0.04141  0.08494  4 DC D "C5'" 
392 C "C4'" . DC D 4 ? 0.85439 0.60512 0.81636 -0.00146 0.03068  0.08722  4 DC D "C4'" 
393 O "O4'" . DC D 4 ? 0.83879 0.58531 0.80500 -0.00091 0.03868  0.08487  4 DC D "O4'" 
394 C "C3'" . DC D 4 ? 0.86067 0.61864 0.83704 -0.00581 0.02941  0.08945  4 DC D "C3'" 
395 O "O3'" . DC D 4 ? 0.83653 0.60583 0.81348 -0.00995 0.01685  0.09152  4 DC D "O3'" 
396 C "C2'" . DC D 4 ? 0.86819 0.62397 0.85760 -0.00528 0.04345  0.08755  4 DC D "C2'" 
397 C "C1'" . DC D 4 ? 0.82293 0.57710 0.80748 -0.00484 0.04074  0.08554  4 DC D "C1'" 
398 N N1    . DC D 4 ? 0.76149 0.50894 0.75459 -0.00359 0.05493  0.08280  4 DC D N1    
399 C C2    . DC D 4 ? 0.70826 0.45952 0.70978 -0.00570 0.05152  0.08098  4 DC D C2    
400 O O2    . DC D 4 ? 0.72106 0.48038 0.71961 -0.00805 0.03738  0.08155  4 DC D O2    
401 N N3    . DC D 4 ? 0.72350 0.46867 0.73597 -0.00515 0.06445  0.07833  4 DC D N3    
402 C C4    . DC D 4 ? 0.74965 0.48539 0.76283 -0.00250 0.08089  0.07828  4 DC D C4    
403 N N4    . DC D 4 ? 0.78029 0.51049 0.80585 -0.00245 0.09394  0.07621  4 DC D N4    
404 C C5    . DC D 4 ? 0.76233 0.49325 0.76404 0.00008  0.08512  0.08005  4 DC D C5    
405 C C6    . DC D 4 ? 0.82322 0.56019 0.81606 -0.00062 0.07155  0.08190  4 DC D C6    
406 P P     . DG D 5 ? 0.88835 0.66615 0.86957 -0.01165 0.01456  0.09464  5 DG D P     
407 O OP1   . DG D 5 ? 0.82956 0.59966 0.79295 -0.01151 0.00570  0.09474  5 DG D OP1   
408 O OP2   . DG D 5 ? 0.82157 0.60420 0.82616 -0.01143 0.02533  0.09614  5 DG D OP2   
409 O "O5'" . DG D 5 ? 0.82924 0.62659 0.81861 -0.01194 0.01197  0.09673  5 DG D "O5'" 
410 C "C5'" . DG D 5 ? 0.76408 0.55873 0.74153 -0.01145 0.00854  0.09381  5 DG D "C5'" 
411 C "C4'" . DG D 5 ? 0.78464 0.60277 0.78952 -0.01252 0.01019  0.09662  5 DG D "C4'" 
412 O "O4'" . DG D 5 ? 0.79586 0.60357 0.80683 -0.01397 0.01606  0.09285  5 DG D "O4'" 
413 C "C3'" . DG D 5 ? 0.75119 0.59653 0.79028 -0.01396 0.01006  0.10420  5 DG D "C3'" 
414 O "O3'" . DG D 5 ? 0.80733 0.68366 0.86953 -0.01539 0.00266  0.11007  5 DG D "O3'" 
415 C "C2'" . DG D 5 ? 0.75580 0.59277 0.80833 -0.01496 0.01935  0.10228  5 DG D "C2'" 
416 C "C1'" . DG D 5 ? 0.76177 0.58396 0.80299 -0.01540 0.02199  0.09596  5 DG D "C1'" 
417 N N9    . DG D 5 ? 0.74964 0.55570 0.79258 -0.01476 0.03222  0.09230  5 DG D N9    
418 C C8    . DG D 5 ? 0.78222 0.57744 0.82123 -0.01292 0.03871  0.09233  5 DG D C8    
419 N N7    . DG D 5 ? 0.74518 0.53070 0.79002 -0.01140 0.05081  0.08931  5 DG D N7    
420 C C5    . DG D 5 ? 0.70968 0.49873 0.76349 -0.01288 0.05137  0.08683  5 DG D C5    
421 C C6    . DG D 5 ? 0.67993 0.46234 0.74458 -0.01229 0.06322  0.08301  5 DG D C6    
422 O O6    . DG D 5 ? 0.68821 0.46055 0.75499 -0.00988 0.07714  0.08170  5 DG D O6    
423 N N1    . DG D 5 ? 0.68079 0.46933 0.75517 -0.01483 0.05896  0.08032  5 DG D N1    
424 C C2    . DG D 5 ? 0.67439 0.47464 0.74658 -0.01722 0.04560  0.08147  5 DG D C2    
425 N N2    . DG D 5 ? 0.59471 0.39932 0.67873 -0.01958 0.04374  0.07731  5 DG D N2    
426 N N3    . DG D 5 ? 0.69848 0.50630 0.75936 -0.01714 0.03617  0.08603  5 DG D N3    
427 C C4    . DG D 5 ? 0.72931 0.53055 0.78192 -0.01515 0.03932  0.08833  5 DG D C4    
428 P P     . DC E 1 ? 0.88305 0.67787 1.14818 -0.02986 0.12493  0.03451  1 DC E P     
429 O OP1   . DC E 1 ? 0.88503 0.69112 1.19089 -0.03260 0.13473  0.02855  1 DC E OP1   
430 O OP2   . DC E 1 ? 0.82407 0.59745 1.06668 -0.02731 0.12938  0.03503  1 DC E OP2   
431 O "O5'" . DC E 1 ? 0.79830 0.60977 1.07000 -0.03316 0.10645  0.02986  1 DC E "O5'" 
432 C "C5'" . DC E 1 ? 0.85232 0.67680 1.11695 -0.03277 0.09606  0.03734  1 DC E "C5'" 
433 C "C4'" . DC E 1 ? 0.76398 0.58000 0.99297 -0.03095 0.08438  0.04113  1 DC E "C4'" 
434 O "O4'" . DC E 1 ? 0.69693 0.50489 0.89008 -0.02761 0.08193  0.05123  1 DC E "O4'" 
435 C "C3'" . DC E 1 ? 0.74728 0.54224 0.95513 -0.02923 0.08575  0.03631  1 DC E "C3'" 
436 O "O3'" . DC E 1 ? 0.77166 0.57080 0.98021 -0.02928 0.07557  0.03280  1 DC E "O3'" 
437 C "C2'" . DC E 1 ? 0.78939 0.56619 0.96263 -0.02415 0.09153  0.04545  1 DC E "C2'" 
438 C "C1'" . DC E 1 ? 0.70299 0.49143 0.86451 -0.02396 0.08176  0.05262  1 DC E "C1'" 
439 N N1    . DC E 1 ? 0.67839 0.45795 0.82016 -0.01988 0.08838  0.05999  1 DC E N1    
440 C C2    . DC E 1 ? 0.70690 0.49096 0.82888 -0.01880 0.07757  0.06583  1 DC E C2    
441 O O2    . DC E 1 ? 0.68046 0.47556 0.80062 -0.02113 0.06380  0.06614  1 DC E O2    
442 N N3    . DC E 1 ? 0.75216 0.52890 0.85915 -0.01546 0.08325  0.07047  1 DC E N3    
443 C C4    . DC E 1 ? 0.74814 0.51336 0.85745 -0.01298 0.09984  0.06998  1 DC E C4    
444 N N4    . DC E 1 ? 0.75139 0.50938 0.84579 -0.00969 0.10568  0.07347  1 DC E N4    
445 C C5    . DC E 1 ? 0.72672 0.48722 0.85479 -0.01394 0.11194  0.06555  1 DC E C5    
446 C C6    . DC E 1 ? 0.69161 0.45974 0.83662 -0.01753 0.10540  0.06044  1 DC E C6    
447 P P     . DG E 2 ? 0.87135 0.66305 1.09457 -0.02944 0.07698  0.02030  2 DG E P     
448 O OP1   . DG E 2 ? 0.91455 0.73336 1.19272 -0.03419 0.07243  0.00693  2 DG E OP1   
449 O OP2   . DG E 2 ? 0.83067 0.60431 1.04718 -0.02847 0.08902  0.02001  2 DG E OP2   
450 O "O5'" . DG E 2 ? 0.85152 0.62912 1.03483 -0.02508 0.06602  0.02389  2 DG E "O5'" 
451 C "C5'" . DG E 2 ? 0.85398 0.64637 1.05801 -0.02593 0.05586  0.01673  2 DG E "C5'" 
452 C "C4'" . DG E 2 ? 0.88414 0.68139 1.06289 -0.02415 0.04507  0.02873  2 DG E "C4'" 
453 O "O4'" . DG E 2 ? 0.80961 0.59975 0.95539 -0.02308 0.04780  0.04136  2 DG E "O4'" 
454 C "C3'" . DG E 2 ? 0.85744 0.63850 1.00105 -0.01862 0.03700  0.02965  2 DG E "C3'" 
455 O "O3'" . DG E 2 ? 0.83470 0.63571 0.99016 -0.01921 0.02449  0.03472  2 DG E "O3'" 
456 C "C2'" . DG E 2 ? 0.77729 0.53535 0.86790 -0.01513 0.03816  0.03989  2 DG E "C2'" 
457 C "C1'" . DG E 2 ? 0.75446 0.52641 0.85091 -0.01860 0.04078  0.04743  2 DG E "C1'" 
458 N N9    . DG E 2 ? 0.70061 0.46092 0.77988 -0.01733 0.04774  0.05216  2 DG E N9    
459 C C8    . DG E 2 ? 0.74018 0.49330 0.83614 -0.01722 0.06260  0.04970  2 DG E C8    
460 N N7    . DG E 2 ? 0.77118 0.51773 0.85913 -0.01475 0.07305  0.05577  2 DG E N7    
461 C C5    . DG E 2 ? 0.74107 0.49152 0.80800 -0.01339 0.06353  0.06156  2 DG E C5    
462 C C6    . DG E 2 ? 0.70001 0.44684 0.75286 -0.01067 0.06844  0.06732  2 DG E C6    
463 O O6    . DG E 2 ? 0.70310 0.44161 0.75681 -0.00846 0.08327  0.06876  2 DG E O6    
464 N N1    . DG E 2 ? 0.65196 0.40554 0.68918 -0.01067 0.05512  0.07096  2 DG E N1    
465 C C2    . DG E 2 ? 0.63202 0.39442 0.66511 -0.01284 0.04018  0.07039  2 DG E C2    
466 N N2    . DG E 2 ? 0.60127 0.36915 0.61901 -0.01271 0.03031  0.07484  2 DG E N2    
467 N N3    . DG E 2 ? 0.64925 0.41450 0.69286 -0.01486 0.03657  0.06510  2 DG E N3    
468 C C4    . DG E 2 ? 0.69055 0.44968 0.75203 -0.01515 0.04801  0.06026  2 DG E C4    
469 P P     . DT E 3 ? 0.81681 0.61475 0.96376 -0.01410 0.01158  0.03103  3 DT E P     
470 O OP1   . DT E 3 ? 0.82476 0.67223 0.98990 -0.01646 -0.00767 0.03352  3 DT E OP1   
471 O OP2   . DT E 3 ? 0.61035 0.39675 0.76826 -0.01153 0.01429  0.01225  3 DT E OP2   
472 O "O5'" . DT E 3 ? 0.97293 0.74643 1.05297 -0.00827 0.01318  0.04426  3 DT E "O5'" 
473 C "C5'" . DT E 3 ? 0.83689 0.61640 0.89671 -0.01033 0.01324  0.05653  3 DT E "C5'" 
474 C "C4'" . DT E 3 ? 0.77672 0.53436 0.78227 -0.00665 0.00745  0.05980  3 DT E "C4'" 
475 O "O4'" . DT E 3 ? 0.74842 0.49823 0.74782 -0.00906 0.01004  0.06069  3 DT E "O4'" 
476 C "C3'" . DT E 3 ? 0.82584 0.56592 0.81440 -0.00111 0.00031  0.05492  3 DT E "C3'" 
477 O "O3'" . DT E 3 ? 0.91019 0.66280 0.87946 0.00170  -0.01059 0.05881  3 DT E "O3'" 
478 C "C2'" . DT E 3 ? 0.76000 0.49028 0.75066 -0.00173 0.00205  0.05407  3 DT E "C2'" 
479 C "C1'" . DT E 3 ? 0.69212 0.43049 0.68427 -0.00453 0.00954  0.06165  3 DT E "C1'" 
480 N N1    . DT E 3 ? 0.70829 0.43842 0.70932 -0.00378 0.02720  0.06235  3 DT E N1    
481 C C2    . DT E 3 ? 0.70740 0.43784 0.70198 -0.00264 0.03520  0.06793  3 DT E C2    
482 O O2    . DT E 3 ? 0.69331 0.43145 0.67853 -0.00252 0.02800  0.07197  3 DT E O2    
483 N N3    . DT E 3 ? 0.68844 0.40898 0.68842 -0.00145 0.05286  0.06800  3 DT E N3    
484 C C4    . DT E 3 ? 0.61246 0.32448 0.62625 -0.00191 0.06285  0.06421  3 DT E C4    
485 O O4    . DT E 3 ? 0.55489 0.25839 0.57334 -0.00089 0.07920  0.06554  3 DT E O4    
486 C C5    . DT E 3 ? 0.66264 0.37593 0.68575 -0.00354 0.05336  0.05798  3 DT E C5    
487 C C7    . DT E 3 ? 0.75569 0.46082 0.79798 -0.00451 0.06337  0.05235  3 DT E C7    
488 C C6    . DT E 3 ? 0.71950 0.44104 0.73468 -0.00406 0.03632  0.05672  3 DT E C6    
489 P P     . DG E 4 ? 0.84955 0.61031 0.82594 0.01354  0.00252  0.06136  4 DG E P     
490 O OP1   . DG E 4 ? 0.77705 0.52835 0.76727 0.01793  0.00799  0.05272  4 DG E OP1   
491 O OP2   . DG E 4 ? 0.91177 0.70019 0.89079 0.01658  -0.00153 0.07327  4 DG E OP2   
492 O "O5'" . DG E 4 ? 0.77594 0.56206 0.79867 0.00549  -0.01864 0.06430  4 DG E "O5'" 
493 C "C5'" . DG E 4 ? 0.82483 0.63076 0.87440 0.00589  -0.02931 0.04775  4 DG E "C5'" 
494 C "C4'" . DG E 4 ? 0.80377 0.67259 0.85615 0.00548  -0.04977 0.04382  4 DG E "C4'" 
495 O "O4'" . DG E 4 ? 0.81535 0.71563 0.88781 0.00715  -0.05774 0.01959  4 DG E "O4'" 
496 C "C3'" . DG E 4 ? 0.82006 0.73166 0.89515 -0.00197 -0.05436 0.05289  4 DG E "C3'" 
497 O "O3'" . DG E 4 ? 0.87549 0.83197 0.94033 -0.00126 -0.07067 0.05964  4 DG E "O3'" 
498 C "C2'" . DG E 4 ? 0.82977 0.77324 0.94313 -0.00548 -0.05526 0.03224  4 DG E "C2'" 
499 C "C1'" . DG E 4 ? 0.87622 0.83113 0.98199 0.00083  -0.06453 0.01230  4 DG E "C1'" 
500 N N9    . DG E 4 ? 0.93302 0.89284 1.07077 -0.00019 -0.06091 -0.01248 4 DG E N9    
501 C C8    . DG E 4 ? 0.95839 0.87120 1.11261 -0.00201 -0.04356 -0.01772 4 DG E C8    
502 N N7    . DG E 4 ? 0.98299 0.91383 1.17051 -0.00329 -0.04450 -0.04273 4 DG E N7    
503 C C5    . DG E 4 ? 0.89646 0.89265 1.08808 -0.00180 -0.06406 -0.05582 4 DG E C5    
504 C C6    . DG E 4 ? 0.80838 0.85244 1.03090 -0.00187 -0.07413 -0.08567 4 DG E C6    
505 O O6    . DG E 4 ? 0.78979 0.82674 1.04598 -0.00381 -0.06802 -0.10781 4 DG E O6    
506 N N1    . DG E 4 ? 0.80295 0.90974 1.01612 0.00052  -0.09283 -0.08938 4 DG E N1    
507 C C2    . DG E 4 ? 0.86495 0.98527 1.04544 0.00216  -0.10050 -0.06584 4 DG E C2    
508 N N2    . DG E 4 ? 0.89598 1.08171 1.07324 0.00416  -0.11773 -0.07207 4 DG E N2    
509 N N3    . DG E 4 ? 0.87405 0.94849 1.02834 0.00178  -0.09164 -0.03878 4 DG E N3    
510 C C4    . DG E 4 ? 0.88258 0.89708 1.04319 0.00007  -0.07379 -0.03608 4 DG E C4    
511 P P     . DG E 5 ? 0.99305 0.98733 1.07217 -0.00742 -0.07594 0.07854  5 DG E P     
512 O OP1   . DG E 5 ? 1.03850 1.02941 1.09040 -0.00557 -0.08234 0.09657  5 DG E OP1   
513 O OP2   . DG E 5 ? 0.93252 0.90114 1.03383 -0.01238 -0.06101 0.08242  5 DG E OP2   
514 O "O5'" . DG E 5 ? 0.80473 0.87414 0.90742 -0.00892 -0.09143 0.06652  5 DG E "O5'" 
515 C "C5'" . DG E 5 ? 0.82350 0.91920 0.91920 -0.00407 -0.10207 0.04759  5 DG E "C5'" 
516 C "C4'" . DG E 5 ? 0.79578 0.96797 0.91485 -0.00605 -0.11588 0.03897  5 DG E "C4'" 
517 O "O4'" . DG E 5 ? 0.71961 0.90484 0.86370 -0.00576 -0.11504 0.01027  5 DG E "O4'" 
518 C "C3'" . DG E 5 ? 0.75857 0.95941 0.89736 -0.01179 -0.11584 0.05687  5 DG E "C3'" 
519 O "O3'" . DG E 5 ? 0.74801 0.97910 0.87310 -0.00690 -0.11462 0.04502  5 DG E "O3'" 
520 C "C2'" . DG E 5 ? 0.75398 0.94688 0.92490 -0.01526 -0.10725 0.04142  5 DG E "C2'" 
521 C "C1'" . DG E 5 ? 0.75193 0.96216 0.92839 -0.01147 -0.11273 0.01012  5 DG E "C1'" 
522 N N9    . DG E 5 ? 0.78597 0.95908 0.98366 -0.01292 -0.10008 -0.00928 5 DG E N9    
523 C C8    . DG E 5 ? 0.84912 0.95552 1.04603 -0.01496 -0.08195 -0.00125 5 DG E C8    
524 N N7    . DG E 5 ? 0.83684 0.92354 1.05775 -0.01627 -0.07295 -0.02185 5 DG E N7    
525 C C5    . DG E 5 ? 0.75195 0.89531 0.99145 -0.01492 -0.08666 -0.04704 5 DG E C5    
526 C C6    . DG E 5 ? 0.74944 0.90160 1.02141 -0.01566 -0.08539 -0.07795 5 DG E C6    
527 O O6    . DG E 5 ? 0.80250 0.91166 1.09508 -0.01818 -0.07089 -0.08779 5 DG E O6    
528 N N1    . DG E 5 ? 0.72187 0.94213 1.00398 -0.01325 -0.10283 -0.09910 5 DG E N1    
529 C C2    . DG E 5 ? 0.70387 0.97700 0.96533 -0.01044 -0.11848 -0.08904 5 DG E C2    
530 N N2    . DG E 5 ? 0.71206 1.01646 0.95851 -0.00830 -0.12054 -0.09925 5 DG E N2    
531 N N3    . DG E 5 ? 0.71298 0.97712 0.94564 -0.01023 -0.11925 -0.05818 5 DG E N3    
532 C C4    . DG E 5 ? 0.72280 0.92069 0.94667 -0.01256 -0.10329 -0.03961 5 DG E C4    
533 P P     . DA E 6 ? 0.77776 1.02655 0.90860 -0.00935 -0.10927 0.05616  6 DA E P     
534 O OP1   . DA E 6 ? 0.75757 0.99044 0.86380 -0.01003 -0.10308 0.07467  6 DA E OP1   
535 O OP2   . DA E 6 ? 0.72373 0.97555 0.88463 -0.01493 -0.10649 0.06378  6 DA E OP2   
536 O "O5'" . DA E 6 ? 0.75158 1.03068 0.88650 -0.00582 -0.11533 0.03527  6 DA E "O5'" 
537 C "C5'" . DA E 6 ? 0.65171 0.93456 0.79288 -0.00433 -0.12247 0.01444  6 DA E "C5'" 
538 C "C4'" . DA E 6 ? 0.65133 0.96438 0.80955 -0.00600 -0.12557 0.00217  6 DA E "C4'" 
539 O "O4'" . DA E 6 ? 0.66002 0.97912 0.84855 -0.01001 -0.12708 -0.01182 6 DA E "O4'" 
540 C "C3'" . DA E 6 ? 0.72681 1.05760 0.88994 -0.00656 -0.12288 0.01285  6 DA E "C3'" 
541 O "O3'" . DA E 6 ? 0.91754 1.27755 1.07818 -0.00581 -0.12518 0.00555  6 DA E "O3'" 
542 C "C2'" . DA E 6 ? 0.69538 1.02738 0.89150 -0.00997 -0.12245 0.00967  6 DA E "C2'" 
543 C "C1'" . DA E 6 ? 0.67949 1.01313 0.89308 -0.01282 -0.12586 -0.00937 6 DA E "C1'" 
544 N N9    . DA E 6 ? 0.71388 1.03815 0.95878 -0.01808 -0.12209 -0.01201 6 DA E N9    
545 C C8    . DA E 6 ? 0.74301 1.05174 0.99379 -0.01904 -0.11523 0.00061  6 DA E C8    
546 N N7    . DA E 6 ? 0.65853 0.94677 0.93996 -0.02593 -0.10764 -0.00330 6 DA E N7    
547 C C5    . DA E 6 ? 0.59722 0.90348 0.89399 -0.02525 -0.10948 -0.03450 6 DA E C5    
548 C C6    . DA E 6 ? 0.62516 0.90418 0.95283 -0.02757 -0.10020 -0.05928 6 DA E C6    
549 N N6    . DA E 6 ? 0.68520 0.90178 1.01897 -0.03118 -0.08180 -0.05035 6 DA E N6    
550 N N1    . DA E 6 ? 0.68147 0.98355 1.01505 -0.02572 -0.10361 -0.08709 6 DA E N1    
551 C C2    . DA E 6 ? 0.64741 0.98251 0.94826 -0.02166 -0.11208 -0.08425 6 DA E C2    
552 N N3    . DA E 6 ? 0.62159 0.96866 0.89038 -0.01998 -0.11853 -0.05823 6 DA E N3    
553 C C4    . DA E 6 ? 0.64166 0.97360 0.91000 -0.02210 -0.11741 -0.03366 6 DA E C4    
554 P P     . DT F 1 ? 0.94794 1.23295 1.55904 -0.04084 -0.05451 -0.29282 1 DT F P     
555 O OP1   . DT F 1 ? 0.71987 1.04239 1.34615 -0.03695 -0.06083 -0.32448 1 DT F OP1   
556 O OP2   . DT F 1 ? 0.84441 1.06556 1.48535 -0.04534 -0.03529 -0.28787 1 DT F OP2   
557 O "O5'" . DT F 1 ? 0.81817 1.11628 1.38535 -0.03522 -0.06609 -0.28225 1 DT F "O5'" 
558 C "C5'" . DT F 1 ? 0.73443 1.05831 1.26021 -0.03502 -0.07550 -0.25085 1 DT F "C5'" 
559 C "C4'" . DT F 1 ? 0.69342 1.05212 1.18017 -0.02757 -0.08852 -0.25189 1 DT F "C4'" 
560 O "O4'" . DT F 1 ? 0.61787 0.98253 1.06624 -0.02742 -0.09404 -0.21704 1 DT F "O4'" 
561 C "C3'" . DT F 1 ? 0.75797 1.09501 1.24952 -0.02250 -0.08730 -0.27380 1 DT F "C3'" 
562 O "O3'" . DT F 1 ? 0.94823 1.32426 1.41087 -0.01505 -0.09743 -0.28238 1 DT F "O3'" 
563 C "C2'" . DT F 1 ? 0.72727 1.02906 1.20340 -0.02442 -0.08488 -0.24904 1 DT F "C2'" 
564 C "C1'" . DT F 1 ? 0.67515 1.00900 1.11324 -0.02500 -0.09285 -0.21574 1 DT F "C1'" 
565 N N1    . DT F 1 ? 0.66616 0.96852 1.10298 -0.02984 -0.08742 -0.18786 1 DT F N1    
566 C C2    . DT F 1 ? 0.61181 0.93253 1.01275 -0.02873 -0.09452 -0.15650 1 DT F C2    
567 O O2    . DT F 1 ? 0.51023 0.86898 0.87929 -0.02497 -0.10413 -0.14674 1 DT F O2    
568 N N3    . DT F 1 ? 0.62217 0.90932 1.02942 -0.03272 -0.08810 -0.13513 1 DT F N3    
569 C C4    . DT F 1 ? 0.58352 0.81440 1.02349 -0.03851 -0.07265 -0.13760 1 DT F C4    
570 O O4    . DT F 1 ? 0.56245 0.74630 0.97945 -0.03922 -0.06119 -0.10862 1 DT F O4    
571 C C5    . DT F 1 ? 0.58448 0.79783 1.06127 -0.04111 -0.06475 -0.16825 1 DT F C5    
572 C C7    . DT F 1 ? 0.61239 0.74963 1.10082 -0.04508 -0.04140 -0.16283 1 DT F C7    
573 C C6    . DT F 1 ? 0.64011 0.89046 1.11395 -0.03584 -0.07317 -0.19254 1 DT F C6    
574 P P     . DC F 2 ? 1.18938 1.55773 1.65749 -0.00715 -0.09802 -0.31109 2 DC F P     
575 O OP1   . DC F 2 ? 1.01840 1.41433 1.51059 -0.00337 -0.09835 -0.34490 2 DC F OP1   
576 O OP2   . DC F 2 ? 0.93713 1.25071 1.42801 -0.00929 -0.09000 -0.31160 2 DC F OP2   
577 O "O5'" . DC F 2 ? 0.94304 1.33824 1.35815 -0.00148 -0.10731 -0.29195 2 DC F "O5'" 
578 C "C5'" . DC F 2 ? 0.84508 1.27187 1.22780 -0.00368 -0.11274 -0.26297 2 DC F "C5'" 
579 C "C4'" . DC F 2 ? 0.83514 1.25942 1.17601 -0.00148 -0.11676 -0.23500 2 DC F "C4'" 
580 O "O4'" . DC F 2 ? 0.76198 1.15509 1.10078 -0.00694 -0.11448 -0.20859 2 DC F "O4'" 
581 C "C3'" . DC F 2 ? 0.89256 1.30556 1.22457 0.00585  -0.11729 -0.25117 2 DC F "C3'" 
582 O "O3'" . DC F 2 ? 0.91761 1.35453 1.20954 0.00977  -0.12147 -0.23424 2 DC F "O3'" 
583 C "C2'" . DC F 2 ? 0.82059 1.18624 1.16080 0.00336  -0.11441 -0.24243 2 DC F "C2'" 
584 C "C1'" . DC F 2 ? 0.75079 1.11532 1.07791 -0.00359 -0.11457 -0.20745 2 DC F "C1'" 
585 N N1    . DC F 2 ? 0.67886 1.00003 1.02969 -0.00892 -0.10882 -0.20094 2 DC F N1    
586 C C2    . DC F 2 ? 0.63663 0.94754 0.96857 -0.01194 -0.10977 -0.16862 2 DC F C2    
587 O O2    . DC F 2 ? 0.65495 0.99056 0.95110 -0.01050 -0.11536 -0.14513 2 DC F O2    
588 N N3    . DC F 2 ? 0.58490 0.85379 0.94205 -0.01687 -0.10317 -0.16316 2 DC F N3    
589 C C4    . DC F 2 ? 0.59231 0.82239 0.98717 -0.02035 -0.09262 -0.18344 2 DC F C4    
590 N N4    . DC F 2 ? 0.60491 0.76505 0.99064 -0.02290 -0.07406 -0.16140 2 DC F N4    
591 C C5    . DC F 2 ? 0.65452 0.89709 1.07363 -0.01809 -0.09259 -0.21719 2 DC F C5    
592 C C6    . DC F 2 ? 0.67698 0.96604 1.07149 -0.01135 -0.10109 -0.22556 2 DC F C6    
593 P P     . DC F 3 ? 0.97001 1.40624 1.24683 0.01847  -0.12212 -0.24819 3 DC F P     
594 O OP1   . DC F 3 ? 0.80403 1.28160 1.06081 0.02295  -0.12342 -0.25034 3 DC F OP1   
595 O OP2   . DC F 3 ? 1.04265 1.45461 1.35486 0.02221  -0.11967 -0.28117 3 DC F OP2   
596 O "O5'" . DC F 3 ? 0.86716 1.27649 1.11488 0.01665  -0.12339 -0.21603 3 DC F "O5'" 
597 C "C5'" . DC F 3 ? 0.86225 1.26706 1.09765 0.00952  -0.12418 -0.18274 3 DC F "C5'" 
598 C "C4'" . DC F 3 ? 0.92635 1.31192 1.13083 0.00977  -0.12554 -0.15585 3 DC F "C4'" 
599 O "O4'" . DC F 3 ? 0.84539 1.19675 1.05813 0.00623  -0.12516 -0.14506 3 DC F "O4'" 
600 C "C3'" . DC F 3 ? 0.90366 1.28261 1.09493 0.01720  -0.12580 -0.16888 3 DC F "C3'" 
601 O "O3'" . DC F 3 ? 0.95799 1.33015 1.11750 0.01656  -0.12647 -0.14124 3 DC F "O3'" 
602 C "C2'" . DC F 3 ? 0.85193 1.19438 1.06498 0.01881  -0.12599 -0.18471 3 DC F "C2'" 
603 C "C1'" . DC F 3 ? 0.80487 1.12875 1.01656 0.01167  -0.12602 -0.15827 3 DC F "C1'" 
604 N N1    . DC F 3 ? 0.72881 1.02045 0.97550 0.00949  -0.12430 -0.17212 3 DC F N1    
605 C C2    . DC F 3 ? 0.63239 0.89653 0.87783 0.00598  -0.12483 -0.15151 3 DC F C2    
606 O O2    . DC F 3 ? 0.60946 0.88089 0.82188 0.00560  -0.12709 -0.12291 3 DC F O2    
607 N N3    . DC F 3 ? 0.64416 0.85745 0.91514 0.00275  -0.11509 -0.15595 3 DC F N3    
608 C C4    . DC F 3 ? 0.69273 0.89324 0.99962 0.00182  -0.10929 -0.18440 3 DC F C4    
609 N N4    . DC F 3 ? 0.75305 0.88817 1.07130 -0.00138 -0.09087 -0.17812 3 DC F N4    
610 C C5    . DC F 3 ? 0.68763 0.93336 1.01093 0.00549  -0.11671 -0.21526 3 DC F C5    
611 C C6    . DC F 3 ? 0.73777 1.02262 1.02247 0.01040  -0.12126 -0.20487 3 DC F C6    
612 P P     . DT F 4 ? 1.09436 1.46706 1.23393 0.02333  -0.12589 -0.14635 4 DT F P     
613 O OP1   . DT F 4 ? 1.06163 1.47306 1.19675 0.02497  -0.12398 -0.15110 4 DT F OP1   
614 O OP2   . DT F 4 ? 0.84645 1.19870 0.99968 0.03005  -0.12710 -0.17155 4 DT F OP2   
615 O "O5'" . DT F 4 ? 1.00753 1.35539 1.12029 0.01968  -0.12639 -0.11290 4 DT F "O5'" 
616 C "C5'" . DT F 4 ? 0.96116 1.28450 1.07543 0.01428  -0.12798 -0.09406 4 DT F "C5'" 
617 C "C4'" . DT F 4 ? 0.90163 1.18992 1.00345 0.01703  -0.12975 -0.08940 4 DT F "C4'" 
618 O "O4'" . DT F 4 ? 0.80484 1.07353 0.92832 0.01875  -0.13187 -0.10416 4 DT F "O4'" 
619 C "C3'" . DT F 4 ? 0.90920 1.19366 0.99962 0.02443  -0.12974 -0.10302 4 DT F "C3'" 
620 O "O3'" . DT F 4 ? 0.97027 1.23120 1.03510 0.02342  -0.12994 -0.08085 4 DT F "O3'" 
621 C "C2'" . DT F 4 ? 0.82018 1.08708 0.93255 0.03136  -0.13287 -0.13186 4 DT F "C2'" 
622 C "C1'" . DT F 4 ? 0.76879 1.01300 0.89101 0.02719  -0.13497 -0.12197 4 DT F "C1'" 
623 N N1    . DT F 4 ? 0.74307 0.97060 0.90355 0.02884  -0.13707 -0.14946 4 DT F N1    
624 C C2    . DT F 4 ? 0.73838 0.91709 0.90484 0.02654  -0.13308 -0.13919 4 DT F C2    
625 O O2    . DT F 4 ? 0.71695 0.86975 0.85447 0.02559  -0.12942 -0.10993 4 DT F O2    
626 N N3    . DT F 4 ? 0.74181 0.88475 0.93829 0.02449  -0.12116 -0.15476 4 DT F N3    
627 C C4    . DT F 4 ? 0.77519 0.94134 1.00954 0.02490  -0.12385 -0.18927 4 DT F C4    
628 O O4    . DT F 4 ? 0.75023 0.87879 1.01310 0.02221  -0.11152 -0.20019 4 DT F O4    
629 C C5    . DT F 4 ? 0.80851 1.03570 1.03758 0.02943  -0.13388 -0.20420 4 DT F C5    
630 C C7    . DT F 4 ? 0.76763 1.01531 1.02600 0.03250  -0.13056 -0.23598 4 DT F C7    
631 C C6    . DT F 4 ? 0.79659 1.04248 0.98306 0.03082  -0.13479 -0.17834 4 DT F C6    
632 P P     . DC F 5 ? 0.97110 1.23107 1.01867 0.02785  -0.12848 -0.08218 5 DC F P     
633 O OP1   . DC F 5 ? 0.88712 1.16459 0.92377 0.02465  -0.12499 -0.06589 5 DC F OP1   
634 O OP2   . DC F 5 ? 0.79892 1.07160 0.86038 0.03703  -0.12920 -0.11318 5 DC F OP2   
635 O "O5'" . DC F 5 ? 0.95285 1.17385 0.98397 0.03000  -0.13085 -0.07215 5 DC F "O5'" 
636 C "C5'" . DC F 5 ? 0.90115 1.10152 0.94198 0.03579  -0.13518 -0.08494 5 DC F "C5'" 
637 C "C4'" . DC F 5 ? 0.87090 1.03551 0.89258 0.03604  -0.13704 -0.06512 5 DC F "C4'" 
638 O "O4'" . DC F 5 ? 0.88028 1.01540 0.91644 0.04396  -0.14515 -0.08049 5 DC F "O4'" 
639 C "C3'" . DC F 5 ? 0.92384 1.06154 0.92225 0.04297  -0.13760 -0.06232 5 DC F "C3'" 
640 O "O3'" . DC F 5 ? 1.00477 1.10664 0.98256 0.04392  -0.13772 -0.04258 5 DC F "O3'" 
641 C "C2'" . DC F 5 ? 0.86276 0.98323 0.87604 0.05658  -0.14602 -0.09400 5 DC F "C2'" 
642 C "C1'" . DC F 5 ? 0.90885 1.01220 0.94364 0.05480  -0.14917 -0.09983 5 DC F "C1'" 
643 N N1    . DC F 5 ? 0.87896 0.99025 0.95227 0.05430  -0.14612 -0.12882 5 DC F N1    
644 C C2    . DC F 5 ? 0.87380 0.93887 0.96514 0.04977  -0.13070 -0.12654 5 DC F C2    
645 O O2    . DC F 5 ? 0.83519 0.85504 0.90812 0.04703  -0.11992 -0.10113 5 DC F O2    
646 N N3    . DC F 5 ? 0.87970 0.95153 1.00978 0.04845  -0.12763 -0.15320 5 DC F N3    
647 C C4    . DC F 5 ? 0.83020 0.95357 0.98048 0.05184  -0.13981 -0.18296 5 DC F C4    
648 N N4    . DC F 5 ? 0.78597 0.91426 0.97780 0.05009  -0.13642 -0.21093 5 DC F N4    
649 C C5    . DC F 5 ? 0.78909 0.95545 0.91580 0.05668  -0.14906 -0.18056 5 DC F C5    
650 C C6    . DC F 5 ? 0.81159 0.96764 0.90040 0.05661  -0.14932 -0.15129 5 DC F C6    
# 
loop_
_pdbx_poly_seq_scheme.asym_id 
_pdbx_poly_seq_scheme.entity_id 
_pdbx_poly_seq_scheme.seq_id 
_pdbx_poly_seq_scheme.mon_id 
_pdbx_poly_seq_scheme.ndb_seq_num 
_pdbx_poly_seq_scheme.pdb_seq_num 
_pdbx_poly_seq_scheme.auth_seq_num 
_pdbx_poly_seq_scheme.pdb_mon_id 
_pdbx_poly_seq_scheme.auth_mon_id 
_pdbx_poly_seq_scheme.pdb_strand_id 
_pdbx_poly_seq_scheme.pdb_ins_code 
_pdbx_poly_seq_scheme.hetero 
A 1 1 DA 1 1 1 DA DA A . n 
A 1 2 DG 2 2 2 DG DG A . n 
A 1 3 DA 3 3 3 DA DA A . n 
A 1 4 DC 4 4 4 DC DC A . n 
A 1 5 DG 5 5 5 DG DG A . n 
B 2 1 DC 1 1 1 DC DC B . n 
B 2 2 DG 2 2 2 DG DG B . n 
B 2 3 DT 3 3 3 DT DT B . n 
B 2 4 DG 4 4 4 DG DG B . n 
B 2 5 DG 5 5 5 DG DG B . n 
B 2 6 DA 6 6 6 DA DA B . n 
C 3 1 DT 1 1 1 DT DT C . n 
C 3 2 DC 2 2 2 DC DC C . n 
C 3 3 DC 3 3 3 DC DC C . n 
C 3 4 DG 4 4 4 DG DG C . n 
C 3 5 DA 5 5 5 DA DA C . n 
D 4 1 DC 1 1 1 DC DC D . n 
D 4 2 DT 2 2 2 DT DT D . n 
D 4 3 DA 3 3 3 DA DA D . n 
D 4 4 DC 4 4 4 DC DC D . n 
D 4 5 DG 5 5 5 DG DG D . n 
E 2 1 DC 1 1 1 DC DC E . n 
E 2 2 DG 2 2 2 DG DG E . n 
E 2 3 DT 3 3 3 DT DT E . n 
E 2 4 DG 4 4 4 DG DG E . n 
E 2 5 DG 5 5 5 DG DG E . n 
E 2 6 DA 6 6 6 DA DA E . n 
F 5 1 DT 1 1 1 DT DT F . n 
F 5 2 DC 2 2 2 DC DC F . n 
F 5 3 DC 3 3 3 DC DC F . n 
F 5 4 DT 4 4 4 DT DT F . n 
F 5 5 DC 5 5 5 DC DC F . n 
# 
_pdbx_contact_author.id                 2 
_pdbx_contact_author.email              mao@purdue.edu 
_pdbx_contact_author.name_first         Chengde 
_pdbx_contact_author.name_last          Mao 
_pdbx_contact_author.name_mi            ? 
_pdbx_contact_author.role               'principal investigator/group leader' 
_pdbx_contact_author.identifier_ORCID   0000-0001-7516-8666 
# 
_pdbx_struct_assembly.id                   1 
_pdbx_struct_assembly.details              author_defined_assembly 
_pdbx_struct_assembly.method_details       ? 
_pdbx_struct_assembly.oligomeric_details   hexameric 
_pdbx_struct_assembly.oligomeric_count     6 
# 
_pdbx_struct_assembly_gen.assembly_id       1 
_pdbx_struct_assembly_gen.oper_expression   1 
_pdbx_struct_assembly_gen.asym_id_list      A,B,C,D,E,F 
# 
loop_
_pdbx_struct_assembly_prop.biol_id 
_pdbx_struct_assembly_prop.type 
_pdbx_struct_assembly_prop.value 
_pdbx_struct_assembly_prop.details 
1 'ABSA (A^2)' 1910 ? 
1 MORE         -6   ? 
1 'SSA (A^2)'  6480 ? 
# 
_pdbx_struct_oper_list.id                   1 
_pdbx_struct_oper_list.type                 'identity operation' 
_pdbx_struct_oper_list.name                 1_555 
_pdbx_struct_oper_list.symmetry_operation   x,y,z 
_pdbx_struct_oper_list.matrix[1][1]         1.0000000000 
_pdbx_struct_oper_list.matrix[1][2]         0.0000000000 
_pdbx_struct_oper_list.matrix[1][3]         0.0000000000 
_pdbx_struct_oper_list.vector[1]            0.0000000000 
_pdbx_struct_oper_list.matrix[2][1]         0.0000000000 
_pdbx_struct_oper_list.matrix[2][2]         1.0000000000 
_pdbx_struct_oper_list.matrix[2][3]         0.0000000000 
_pdbx_struct_oper_list.vector[2]            0.0000000000 
_pdbx_struct_oper_list.matrix[3][1]         0.0000000000 
_pdbx_struct_oper_list.matrix[3][2]         0.0000000000 
_pdbx_struct_oper_list.matrix[3][3]         1.0000000000 
_pdbx_struct_oper_list.vector[3]            0.0000000000 
# 
loop_
_pdbx_audit_revision_history.ordinal 
_pdbx_audit_revision_history.data_content_type 
_pdbx_audit_revision_history.major_revision 
_pdbx_audit_revision_history.minor_revision 
_pdbx_audit_revision_history.revision_date 
1 'Structure model' 1 0 2023-06-07 
2 'Structure model' 1 1 2023-08-30 
3 'Structure model' 1 2 2023-10-25 
# 
_pdbx_audit_revision_details.ordinal             1 
_pdbx_audit_revision_details.revision_ordinal    1 
_pdbx_audit_revision_details.data_content_type   'Structure model' 
_pdbx_audit_revision_details.provider            repository 
_pdbx_audit_revision_details.type                'Initial release' 
_pdbx_audit_revision_details.description         ? 
_pdbx_audit_revision_details.details             ? 
# 
loop_
_pdbx_audit_revision_group.ordinal 
_pdbx_audit_revision_group.revision_ordinal 
_pdbx_audit_revision_group.data_content_type 
_pdbx_audit_revision_group.group 
1 2 'Structure model' 'Data collection'        
2 2 'Structure model' 'Database references'    
3 3 'Structure model' 'Refinement description' 
# 
loop_
_pdbx_audit_revision_category.ordinal 
_pdbx_audit_revision_category.revision_ordinal 
_pdbx_audit_revision_category.data_content_type 
_pdbx_audit_revision_category.category 
1 2 'Structure model' chem_comp_atom                
2 2 'Structure model' chem_comp_bond                
3 2 'Structure model' citation                      
4 3 'Structure model' pdbx_initial_refinement_model 
# 
loop_
_pdbx_audit_revision_item.ordinal 
_pdbx_audit_revision_item.revision_ordinal 
_pdbx_audit_revision_item.data_content_type 
_pdbx_audit_revision_item.item 
1 2 'Structure model' '_citation.journal_volume'               
2 3 'Structure model' '_pdbx_initial_refinement_model.details' 
# 
loop_
_space_group_symop.id 
_space_group_symop.operation_xyz 
1 x,y,z               
2 x,-y,-z             
3 -x,y,-z+1/2         
4 -x,-y,z+1/2         
5 x+1/2,y+1/2,z       
6 x+1/2,-y+1/2,-z     
7 -x+1/2,y+1/2,-z+1/2 
8 -x+1/2,-y+1/2,z+1/2 
# 
_pdbx_refine_tls.id               1 
_pdbx_refine_tls.pdbx_refine_id   'X-RAY DIFFRACTION' 
_pdbx_refine_tls.details          ? 
_pdbx_refine_tls.method           refined 
_pdbx_refine_tls.origin_x         -0.01861745721 
_pdbx_refine_tls.origin_y         -0.0214258072 
_pdbx_refine_tls.origin_z         -0.0066987187 
_pdbx_refine_tls.T[1][1]          0.304145832217 
_pdbx_refine_tls.T[1][1]_esd      ? 
_pdbx_refine_tls.T[1][2]          0.038356387914 
_pdbx_refine_tls.T[1][2]_esd      ? 
_pdbx_refine_tls.T[1][3]          -0.098761239200 
_pdbx_refine_tls.T[1][3]_esd      ? 
_pdbx_refine_tls.T[2][2]          0.239461517367 
_pdbx_refine_tls.T[2][2]_esd      ? 
_pdbx_refine_tls.T[2][3]          -0.030126435724 
_pdbx_refine_tls.T[2][3]_esd      ? 
_pdbx_refine_tls.T[3][3]          0.320350323724 
_pdbx_refine_tls.T[3][3]_esd      ? 
_pdbx_refine_tls.L[1][1]          3.10650514519 
_pdbx_refine_tls.L[1][1]_esd      ? 
_pdbx_refine_tls.L[1][2]          -0.415728338574 
_pdbx_refine_tls.L[1][2]_esd      ? 
_pdbx_refine_tls.L[1][3]          -0.146048706252 
_pdbx_refine_tls.L[1][3]_esd      ? 
_pdbx_refine_tls.L[2][2]          1.03523895962 
_pdbx_refine_tls.L[2][2]_esd      ? 
_pdbx_refine_tls.L[2][3]          0.29687495161 
_pdbx_refine_tls.L[2][3]_esd      ? 
_pdbx_refine_tls.L[3][3]          0.74866778340 
_pdbx_refine_tls.L[3][3]_esd      ? 
_pdbx_refine_tls.S[1][1]          0.580612711448 
_pdbx_refine_tls.S[1][1]_esd      ? 
_pdbx_refine_tls.S[1][2]          0.164262776921 
_pdbx_refine_tls.S[1][2]_esd      ? 
_pdbx_refine_tls.S[1][3]          -0.101235992241 
_pdbx_refine_tls.S[1][3]_esd      ? 
_pdbx_refine_tls.S[2][1]          -0.255824720986 
_pdbx_refine_tls.S[2][1]_esd      ? 
_pdbx_refine_tls.S[2][2]          0.85939092774 
_pdbx_refine_tls.S[2][2]_esd      ? 
_pdbx_refine_tls.S[2][3]          -0.047720818376 
_pdbx_refine_tls.S[2][3]_esd      ? 
_pdbx_refine_tls.S[3][1]          0.837957259572 
_pdbx_refine_tls.S[3][1]_esd      ? 
_pdbx_refine_tls.S[3][2]          -0.379964462258 
_pdbx_refine_tls.S[3][2]_esd      ? 
_pdbx_refine_tls.S[3][3]          0.45438838562 
_pdbx_refine_tls.S[3][3]_esd      ? 
# 
_pdbx_refine_tls_group.id                  1 
_pdbx_refine_tls_group.pdbx_refine_id      'X-RAY DIFFRACTION' 
_pdbx_refine_tls_group.refine_tls_id       1 
_pdbx_refine_tls_group.beg_label_asym_id   A 
_pdbx_refine_tls_group.beg_label_seq_id    ? 
_pdbx_refine_tls_group.beg_auth_asym_id    A 
_pdbx_refine_tls_group.beg_auth_seq_id     1 
_pdbx_refine_tls_group.beg_PDB_ins_code    ? 
_pdbx_refine_tls_group.end_label_asym_id   F 
_pdbx_refine_tls_group.end_label_seq_id    ? 
_pdbx_refine_tls_group.end_auth_asym_id    F 
_pdbx_refine_tls_group.end_auth_seq_id     5 
_pdbx_refine_tls_group.end_PDB_ins_code    ? 
_pdbx_refine_tls_group.selection           ? 
_pdbx_refine_tls_group.selection_details   all 
# 
loop_
_software.citation_id 
_software.classification 
_software.compiler_name 
_software.compiler_version 
_software.contact_author 
_software.contact_author_email 
_software.date 
_software.description 
_software.dependencies 
_software.hardware 
_software.language 
_software.location 
_software.mods 
_software.name 
_software.os 
_software.os_version 
_software.type 
_software.version 
_software.pdbx_ordinal 
? refinement       ? ? ? ? ? ? ? ? ? ? ? PHENIX    ? ? ? 1.20.1_4487 1 
? 'data reduction' ? ? ? ? ? ? ? ? ? ? ? autoPROC  ? ? ? .           2 
? 'data scaling'   ? ? ? ? ? ? ? ? ? ? ? STARANISO ? ? ? .           3 
? phasing          ? ? ? ? ? ? ? ? ? ? ? PHASER    ? ? ? .           4 
# 
loop_
_pdbx_validate_symm_contact.id 
_pdbx_validate_symm_contact.PDB_model_num 
_pdbx_validate_symm_contact.auth_atom_id_1 
_pdbx_validate_symm_contact.auth_asym_id_1 
_pdbx_validate_symm_contact.auth_comp_id_1 
_pdbx_validate_symm_contact.auth_seq_id_1 
_pdbx_validate_symm_contact.PDB_ins_code_1 
_pdbx_validate_symm_contact.label_alt_id_1 
_pdbx_validate_symm_contact.site_symmetry_1 
_pdbx_validate_symm_contact.auth_atom_id_2 
_pdbx_validate_symm_contact.auth_asym_id_2 
_pdbx_validate_symm_contact.auth_comp_id_2 
_pdbx_validate_symm_contact.auth_seq_id_2 
_pdbx_validate_symm_contact.PDB_ins_code_2 
_pdbx_validate_symm_contact.label_alt_id_2 
_pdbx_validate_symm_contact.site_symmetry_2 
_pdbx_validate_symm_contact.dist 
1 1 "O3'" B DA 6 ? ? 1_555 OP2 C DT 1 ? ? 3_555 1.26 
2 1 "O3'" B DA 6 ? ? 1_555 P   C DT 1 ? ? 3_555 1.60 
3 1 "O3'" E DA 6 ? ? 1_555 P   F DT 1 ? ? 4_545 1.61 
4 1 "O3'" A DG 5 ? ? 1_555 P   B DC 1 ? ? 3_555 1.61 
5 1 "O3'" D DG 5 ? ? 1_555 P   E DC 1 ? ? 4_545 1.62 
6 1 "O3'" E DA 6 ? ? 1_555 OP2 F DT 1 ? ? 4_545 1.64 
7 1 "O3'" D DG 5 ? ? 1_555 OP1 E DC 1 ? ? 4_545 1.66 
# 
loop_
_pdbx_validate_rmsd_bond.id 
_pdbx_validate_rmsd_bond.PDB_model_num 
_pdbx_validate_rmsd_bond.auth_atom_id_1 
_pdbx_validate_rmsd_bond.auth_asym_id_1 
_pdbx_validate_rmsd_bond.auth_comp_id_1 
_pdbx_validate_rmsd_bond.auth_seq_id_1 
_pdbx_validate_rmsd_bond.PDB_ins_code_1 
_pdbx_validate_rmsd_bond.label_alt_id_1 
_pdbx_validate_rmsd_bond.auth_atom_id_2 
_pdbx_validate_rmsd_bond.auth_asym_id_2 
_pdbx_validate_rmsd_bond.auth_comp_id_2 
_pdbx_validate_rmsd_bond.auth_seq_id_2 
_pdbx_validate_rmsd_bond.PDB_ins_code_2 
_pdbx_validate_rmsd_bond.label_alt_id_2 
_pdbx_validate_rmsd_bond.bond_value 
_pdbx_validate_rmsd_bond.bond_target_value 
_pdbx_validate_rmsd_bond.bond_deviation 
_pdbx_validate_rmsd_bond.bond_standard_deviation 
_pdbx_validate_rmsd_bond.linker_flag 
1 1 "O3'" A DG 2 ? ? "C3'" A DG 2 ? ? 1.371 1.419 -0.048 0.006 N 
2 1 "O3'" E DG 4 ? ? "C3'" E DG 4 ? ? 1.368 1.419 -0.051 0.006 N 
# 
loop_
_pdbx_validate_rmsd_angle.id 
_pdbx_validate_rmsd_angle.PDB_model_num 
_pdbx_validate_rmsd_angle.auth_atom_id_1 
_pdbx_validate_rmsd_angle.auth_asym_id_1 
_pdbx_validate_rmsd_angle.auth_comp_id_1 
_pdbx_validate_rmsd_angle.auth_seq_id_1 
_pdbx_validate_rmsd_angle.PDB_ins_code_1 
_pdbx_validate_rmsd_angle.label_alt_id_1 
_pdbx_validate_rmsd_angle.auth_atom_id_2 
_pdbx_validate_rmsd_angle.auth_asym_id_2 
_pdbx_validate_rmsd_angle.auth_comp_id_2 
_pdbx_validate_rmsd_angle.auth_seq_id_2 
_pdbx_validate_rmsd_angle.PDB_ins_code_2 
_pdbx_validate_rmsd_angle.label_alt_id_2 
_pdbx_validate_rmsd_angle.auth_atom_id_3 
_pdbx_validate_rmsd_angle.auth_asym_id_3 
_pdbx_validate_rmsd_angle.auth_comp_id_3 
_pdbx_validate_rmsd_angle.auth_seq_id_3 
_pdbx_validate_rmsd_angle.PDB_ins_code_3 
_pdbx_validate_rmsd_angle.label_alt_id_3 
_pdbx_validate_rmsd_angle.angle_value 
_pdbx_validate_rmsd_angle.angle_target_value 
_pdbx_validate_rmsd_angle.angle_deviation 
_pdbx_validate_rmsd_angle.angle_standard_deviation 
_pdbx_validate_rmsd_angle.linker_flag 
1 1 "O4'" D DT 2 ? ? "C4'" D DT 2 ? ? "C3'" D DT 2 ? ? 101.99 104.50 -2.51 0.40 N 
2 1 "O4'" D DT 2 ? ? "C1'" D DT 2 ? ? N1    D DT 2 ? ? 112.10 108.30 3.80  0.30 N 
3 1 "O4'" F DC 5 ? ? "C4'" F DC 5 ? ? "C3'" F DC 5 ? ? 101.27 104.50 -3.23 0.40 N 
# 
loop_
_chem_comp_atom.comp_id 
_chem_comp_atom.atom_id 
_chem_comp_atom.type_symbol 
_chem_comp_atom.pdbx_aromatic_flag 
_chem_comp_atom.pdbx_stereo_config 
_chem_comp_atom.pdbx_ordinal 
DA OP3    O N N 1   
DA P      P N N 2   
DA OP1    O N N 3   
DA OP2    O N N 4   
DA "O5'"  O N N 5   
DA "C5'"  C N N 6   
DA "C4'"  C N R 7   
DA "O4'"  O N N 8   
DA "C3'"  C N S 9   
DA "O3'"  O N N 10  
DA "C2'"  C N N 11  
DA "C1'"  C N R 12  
DA N9     N Y N 13  
DA C8     C Y N 14  
DA N7     N Y N 15  
DA C5     C Y N 16  
DA C6     C Y N 17  
DA N6     N N N 18  
DA N1     N Y N 19  
DA C2     C Y N 20  
DA N3     N Y N 21  
DA C4     C Y N 22  
DA HOP3   H N N 23  
DA HOP2   H N N 24  
DA "H5'"  H N N 25  
DA "H5''" H N N 26  
DA "H4'"  H N N 27  
DA "H3'"  H N N 28  
DA "HO3'" H N N 29  
DA "H2'"  H N N 30  
DA "H2''" H N N 31  
DA "H1'"  H N N 32  
DA H8     H N N 33  
DA H61    H N N 34  
DA H62    H N N 35  
DA H2     H N N 36  
DC OP3    O N N 37  
DC P      P N N 38  
DC OP1    O N N 39  
DC OP2    O N N 40  
DC "O5'"  O N N 41  
DC "C5'"  C N N 42  
DC "C4'"  C N R 43  
DC "O4'"  O N N 44  
DC "C3'"  C N S 45  
DC "O3'"  O N N 46  
DC "C2'"  C N N 47  
DC "C1'"  C N R 48  
DC N1     N N N 49  
DC C2     C N N 50  
DC O2     O N N 51  
DC N3     N N N 52  
DC C4     C N N 53  
DC N4     N N N 54  
DC C5     C N N 55  
DC C6     C N N 56  
DC HOP3   H N N 57  
DC HOP2   H N N 58  
DC "H5'"  H N N 59  
DC "H5''" H N N 60  
DC "H4'"  H N N 61  
DC "H3'"  H N N 62  
DC "HO3'" H N N 63  
DC "H2'"  H N N 64  
DC "H2''" H N N 65  
DC "H1'"  H N N 66  
DC H41    H N N 67  
DC H42    H N N 68  
DC H5     H N N 69  
DC H6     H N N 70  
DG OP3    O N N 71  
DG P      P N N 72  
DG OP1    O N N 73  
DG OP2    O N N 74  
DG "O5'"  O N N 75  
DG "C5'"  C N N 76  
DG "C4'"  C N R 77  
DG "O4'"  O N N 78  
DG "C3'"  C N S 79  
DG "O3'"  O N N 80  
DG "C2'"  C N N 81  
DG "C1'"  C N R 82  
DG N9     N Y N 83  
DG C8     C Y N 84  
DG N7     N Y N 85  
DG C5     C Y N 86  
DG C6     C N N 87  
DG O6     O N N 88  
DG N1     N N N 89  
DG C2     C N N 90  
DG N2     N N N 91  
DG N3     N N N 92  
DG C4     C Y N 93  
DG HOP3   H N N 94  
DG HOP2   H N N 95  
DG "H5'"  H N N 96  
DG "H5''" H N N 97  
DG "H4'"  H N N 98  
DG "H3'"  H N N 99  
DG "HO3'" H N N 100 
DG "H2'"  H N N 101 
DG "H2''" H N N 102 
DG "H1'"  H N N 103 
DG H8     H N N 104 
DG H1     H N N 105 
DG H21    H N N 106 
DG H22    H N N 107 
DT OP3    O N N 108 
DT P      P N N 109 
DT OP1    O N N 110 
DT OP2    O N N 111 
DT "O5'"  O N N 112 
DT "C5'"  C N N 113 
DT "C4'"  C N R 114 
DT "O4'"  O N N 115 
DT "C3'"  C N S 116 
DT "O3'"  O N N 117 
DT "C2'"  C N N 118 
DT "C1'"  C N R 119 
DT N1     N N N 120 
DT C2     C N N 121 
DT O2     O N N 122 
DT N3     N N N 123 
DT C4     C N N 124 
DT O4     O N N 125 
DT C5     C N N 126 
DT C7     C N N 127 
DT C6     C N N 128 
DT HOP3   H N N 129 
DT HOP2   H N N 130 
DT "H5'"  H N N 131 
DT "H5''" H N N 132 
DT "H4'"  H N N 133 
DT "H3'"  H N N 134 
DT "HO3'" H N N 135 
DT "H2'"  H N N 136 
DT "H2''" H N N 137 
DT "H1'"  H N N 138 
DT H3     H N N 139 
DT H71    H N N 140 
DT H72    H N N 141 
DT H73    H N N 142 
DT H6     H N N 143 
# 
loop_
_chem_comp_bond.comp_id 
_chem_comp_bond.atom_id_1 
_chem_comp_bond.atom_id_2 
_chem_comp_bond.value_order 
_chem_comp_bond.pdbx_aromatic_flag 
_chem_comp_bond.pdbx_stereo_config 
_chem_comp_bond.pdbx_ordinal 
DA OP3   P      sing N N 1   
DA OP3   HOP3   sing N N 2   
DA P     OP1    doub N N 3   
DA P     OP2    sing N N 4   
DA P     "O5'"  sing N N 5   
DA OP2   HOP2   sing N N 6   
DA "O5'" "C5'"  sing N N 7   
DA "C5'" "C4'"  sing N N 8   
DA "C5'" "H5'"  sing N N 9   
DA "C5'" "H5''" sing N N 10  
DA "C4'" "O4'"  sing N N 11  
DA "C4'" "C3'"  sing N N 12  
DA "C4'" "H4'"  sing N N 13  
DA "O4'" "C1'"  sing N N 14  
DA "C3'" "O3'"  sing N N 15  
DA "C3'" "C2'"  sing N N 16  
DA "C3'" "H3'"  sing N N 17  
DA "O3'" "HO3'" sing N N 18  
DA "C2'" "C1'"  sing N N 19  
DA "C2'" "H2'"  sing N N 20  
DA "C2'" "H2''" sing N N 21  
DA "C1'" N9     sing N N 22  
DA "C1'" "H1'"  sing N N 23  
DA N9    C8     sing Y N 24  
DA N9    C4     sing Y N 25  
DA C8    N7     doub Y N 26  
DA C8    H8     sing N N 27  
DA N7    C5     sing Y N 28  
DA C5    C6     sing Y N 29  
DA C5    C4     doub Y N 30  
DA C6    N6     sing N N 31  
DA C6    N1     doub Y N 32  
DA N6    H61    sing N N 33  
DA N6    H62    sing N N 34  
DA N1    C2     sing Y N 35  
DA C2    N3     doub Y N 36  
DA C2    H2     sing N N 37  
DA N3    C4     sing Y N 38  
DC OP3   P      sing N N 39  
DC OP3   HOP3   sing N N 40  
DC P     OP1    doub N N 41  
DC P     OP2    sing N N 42  
DC P     "O5'"  sing N N 43  
DC OP2   HOP2   sing N N 44  
DC "O5'" "C5'"  sing N N 45  
DC "C5'" "C4'"  sing N N 46  
DC "C5'" "H5'"  sing N N 47  
DC "C5'" "H5''" sing N N 48  
DC "C4'" "O4'"  sing N N 49  
DC "C4'" "C3'"  sing N N 50  
DC "C4'" "H4'"  sing N N 51  
DC "O4'" "C1'"  sing N N 52  
DC "C3'" "O3'"  sing N N 53  
DC "C3'" "C2'"  sing N N 54  
DC "C3'" "H3'"  sing N N 55  
DC "O3'" "HO3'" sing N N 56  
DC "C2'" "C1'"  sing N N 57  
DC "C2'" "H2'"  sing N N 58  
DC "C2'" "H2''" sing N N 59  
DC "C1'" N1     sing N N 60  
DC "C1'" "H1'"  sing N N 61  
DC N1    C2     sing N N 62  
DC N1    C6     sing N N 63  
DC C2    O2     doub N N 64  
DC C2    N3     sing N N 65  
DC N3    C4     doub N N 66  
DC C4    N4     sing N N 67  
DC C4    C5     sing N N 68  
DC N4    H41    sing N N 69  
DC N4    H42    sing N N 70  
DC C5    C6     doub N N 71  
DC C5    H5     sing N N 72  
DC C6    H6     sing N N 73  
DG OP3   P      sing N N 74  
DG OP3   HOP3   sing N N 75  
DG P     OP1    doub N N 76  
DG P     OP2    sing N N 77  
DG P     "O5'"  sing N N 78  
DG OP2   HOP2   sing N N 79  
DG "O5'" "C5'"  sing N N 80  
DG "C5'" "C4'"  sing N N 81  
DG "C5'" "H5'"  sing N N 82  
DG "C5'" "H5''" sing N N 83  
DG "C4'" "O4'"  sing N N 84  
DG "C4'" "C3'"  sing N N 85  
DG "C4'" "H4'"  sing N N 86  
DG "O4'" "C1'"  sing N N 87  
DG "C3'" "O3'"  sing N N 88  
DG "C3'" "C2'"  sing N N 89  
DG "C3'" "H3'"  sing N N 90  
DG "O3'" "HO3'" sing N N 91  
DG "C2'" "C1'"  sing N N 92  
DG "C2'" "H2'"  sing N N 93  
DG "C2'" "H2''" sing N N 94  
DG "C1'" N9     sing N N 95  
DG "C1'" "H1'"  sing N N 96  
DG N9    C8     sing Y N 97  
DG N9    C4     sing Y N 98  
DG C8    N7     doub Y N 99  
DG C8    H8     sing N N 100 
DG N7    C5     sing Y N 101 
DG C5    C6     sing N N 102 
DG C5    C4     doub Y N 103 
DG C6    O6     doub N N 104 
DG C6    N1     sing N N 105 
DG N1    C2     sing N N 106 
DG N1    H1     sing N N 107 
DG C2    N2     sing N N 108 
DG C2    N3     doub N N 109 
DG N2    H21    sing N N 110 
DG N2    H22    sing N N 111 
DG N3    C4     sing N N 112 
DT OP3   P      sing N N 113 
DT OP3   HOP3   sing N N 114 
DT P     OP1    doub N N 115 
DT P     OP2    sing N N 116 
DT P     "O5'"  sing N N 117 
DT OP2   HOP2   sing N N 118 
DT "O5'" "C5'"  sing N N 119 
DT "C5'" "C4'"  sing N N 120 
DT "C5'" "H5'"  sing N N 121 
DT "C5'" "H5''" sing N N 122 
DT "C4'" "O4'"  sing N N 123 
DT "C4'" "C3'"  sing N N 124 
DT "C4'" "H4'"  sing N N 125 
DT "O4'" "C1'"  sing N N 126 
DT "C3'" "O3'"  sing N N 127 
DT "C3'" "C2'"  sing N N 128 
DT "C3'" "H3'"  sing N N 129 
DT "O3'" "HO3'" sing N N 130 
DT "C2'" "C1'"  sing N N 131 
DT "C2'" "H2'"  sing N N 132 
DT "C2'" "H2''" sing N N 133 
DT "C1'" N1     sing N N 134 
DT "C1'" "H1'"  sing N N 135 
DT N1    C2     sing N N 136 
DT N1    C6     sing N N 137 
DT C2    O2     doub N N 138 
DT C2    N3     sing N N 139 
DT N3    C4     sing N N 140 
DT N3    H3     sing N N 141 
DT C4    O4     doub N N 142 
DT C4    C5     sing N N 143 
DT C5    C7     sing N N 144 
DT C5    C6     doub N N 145 
DT C7    H71    sing N N 146 
DT C7    H72    sing N N 147 
DT C7    H73    sing N N 148 
DT C6    H6     sing N N 149 
# 
_ndb_struct_conf_na.entry_id   8GH5 
_ndb_struct_conf_na.feature    'b-form double helix' 
# 
loop_
_ndb_struct_na_base_pair.model_number 
_ndb_struct_na_base_pair.i_label_asym_id 
_ndb_struct_na_base_pair.i_label_comp_id 
_ndb_struct_na_base_pair.i_label_seq_id 
_ndb_struct_na_base_pair.i_symmetry 
_ndb_struct_na_base_pair.j_label_asym_id 
_ndb_struct_na_base_pair.j_label_comp_id 
_ndb_struct_na_base_pair.j_label_seq_id 
_ndb_struct_na_base_pair.j_symmetry 
_ndb_struct_na_base_pair.shear 
_ndb_struct_na_base_pair.stretch 
_ndb_struct_na_base_pair.stagger 
_ndb_struct_na_base_pair.buckle 
_ndb_struct_na_base_pair.propeller 
_ndb_struct_na_base_pair.opening 
_ndb_struct_na_base_pair.pair_number 
_ndb_struct_na_base_pair.pair_name 
_ndb_struct_na_base_pair.i_auth_asym_id 
_ndb_struct_na_base_pair.i_auth_seq_id 
_ndb_struct_na_base_pair.i_PDB_ins_code 
_ndb_struct_na_base_pair.j_auth_asym_id 
_ndb_struct_na_base_pair.j_auth_seq_id 
_ndb_struct_na_base_pair.j_PDB_ins_code 
_ndb_struct_na_base_pair.hbond_type_28 
_ndb_struct_na_base_pair.hbond_type_12 
1 A DA 3 1_555 B DT 3 1_555 -0.201 0.130  -0.447 -13.012 -17.141 4.146  1  A_DA3:DT3_B A 3 ? B 3 ? 20 1 
1 A DC 4 1_555 B DG 2 1_555 0.327  0.051  -0.315 -1.521  -0.546  6.227  2  A_DC4:DG2_B A 4 ? B 2 ? 19 1 
1 A DG 5 1_555 B DC 1 1_555 -0.234 -0.060 0.065  2.510   -2.653  1.846  3  A_DG5:DC1_B A 5 ? B 1 ? 19 1 
1 C DT 1 1_555 B DA 6 1_555 0.119  -0.441 -1.282 9.724   -9.537  -0.331 4  C_DT1:DA6_B C 1 ? B 6 ? 20 1 
1 C DC 2 1_555 B DG 5 1_555 0.235  -0.072 -0.654 -0.102  -6.580  5.752  5  C_DC2:DG5_B C 2 ? B 5 ? 19 1 
1 C DC 3 1_555 B DG 4 1_555 0.427  0.080  -0.129 3.701   -5.560  9.129  6  C_DC3:DG4_B C 3 ? B 4 ? 19 1 
1 C DG 4 1_555 F DC 5 1_555 -0.359 -0.075 -0.347 -13.738 -14.378 7.279  7  C_DG4:DC5_F C 4 ? F 5 ? 19 1 
1 C DA 5 1_555 F DT 4 1_555 0.251  -0.293 -0.155 -1.362  -2.557  9.743  8  C_DA5:DT4_F C 5 ? F 4 ? 20 1 
1 E DG 4 1_555 F DC 3 1_555 -0.342 -0.175 -0.109 -7.039  -6.557  0.818  9  E_DG4:DC3_F E 4 ? F 3 ? 19 1 
1 E DG 5 1_555 F DC 2 1_555 -0.315 -0.211 -0.980 -5.396  -8.753  7.657  10 E_DG5:DC2_F E 5 ? F 2 ? 19 1 
1 E DA 6 1_555 F DT 1 1_555 -0.113 -0.350 -1.117 -3.310  -14.440 9.920  11 E_DA6:DT1_F E 6 ? F 1 ? 20 1 
1 D DA 3 1_555 E DT 3 1_555 0.678  0.237  -0.085 -7.334  -11.032 17.118 12 D_DA3:DT3_E D 3 ? E 3 ? ?  1 
1 D DC 4 1_555 E DG 2 1_555 0.330  -0.049 -0.069 0.396   -4.393  -0.629 13 D_DC4:DG2_E D 4 ? E 2 ? 19 1 
1 D DG 5 1_555 E DC 1 1_555 -0.311 0.030  0.046  0.954   -4.864  5.277  14 D_DG5:DC1_E D 5 ? E 1 ? 19 1 
# 
loop_
_ndb_struct_na_base_pair_step.model_number 
_ndb_struct_na_base_pair_step.i_label_asym_id_1 
_ndb_struct_na_base_pair_step.i_label_comp_id_1 
_ndb_struct_na_base_pair_step.i_label_seq_id_1 
_ndb_struct_na_base_pair_step.i_symmetry_1 
_ndb_struct_na_base_pair_step.j_label_asym_id_1 
_ndb_struct_na_base_pair_step.j_label_comp_id_1 
_ndb_struct_na_base_pair_step.j_label_seq_id_1 
_ndb_struct_na_base_pair_step.j_symmetry_1 
_ndb_struct_na_base_pair_step.i_label_asym_id_2 
_ndb_struct_na_base_pair_step.i_label_comp_id_2 
_ndb_struct_na_base_pair_step.i_label_seq_id_2 
_ndb_struct_na_base_pair_step.i_symmetry_2 
_ndb_struct_na_base_pair_step.j_label_asym_id_2 
_ndb_struct_na_base_pair_step.j_label_comp_id_2 
_ndb_struct_na_base_pair_step.j_label_seq_id_2 
_ndb_struct_na_base_pair_step.j_symmetry_2 
_ndb_struct_na_base_pair_step.shift 
_ndb_struct_na_base_pair_step.slide 
_ndb_struct_na_base_pair_step.rise 
_ndb_struct_na_base_pair_step.tilt 
_ndb_struct_na_base_pair_step.roll 
_ndb_struct_na_base_pair_step.twist 
_ndb_struct_na_base_pair_step.x_displacement 
_ndb_struct_na_base_pair_step.y_displacement 
_ndb_struct_na_base_pair_step.helical_rise 
_ndb_struct_na_base_pair_step.inclination 
_ndb_struct_na_base_pair_step.tip 
_ndb_struct_na_base_pair_step.helical_twist 
_ndb_struct_na_base_pair_step.step_number 
_ndb_struct_na_base_pair_step.step_name 
_ndb_struct_na_base_pair_step.i_auth_asym_id_1 
_ndb_struct_na_base_pair_step.i_auth_seq_id_1 
_ndb_struct_na_base_pair_step.i_PDB_ins_code_1 
_ndb_struct_na_base_pair_step.j_auth_asym_id_1 
_ndb_struct_na_base_pair_step.j_auth_seq_id_1 
_ndb_struct_na_base_pair_step.j_PDB_ins_code_1 
_ndb_struct_na_base_pair_step.i_auth_asym_id_2 
_ndb_struct_na_base_pair_step.i_auth_seq_id_2 
_ndb_struct_na_base_pair_step.i_PDB_ins_code_2 
_ndb_struct_na_base_pair_step.j_auth_asym_id_2 
_ndb_struct_na_base_pair_step.j_auth_seq_id_2 
_ndb_struct_na_base_pair_step.j_PDB_ins_code_2 
1 A DA 3 1_555 B DT 3 1_555 A DC 4 1_555 B DG 2 1_555 0.234  -0.380 3.017 -2.253 2.404  29.328 -1.215 -0.897 2.951 4.730  4.433  
29.509 1  AA_DA3DC4:DG2DT3_BB A 3 ? B 3 ? A 4 ? B 2 ? 
1 A DC 4 1_555 B DG 2 1_555 A DG 5 1_555 B DC 1 1_555 0.069  1.588  3.218 -2.055 5.699  39.982 1.648  -0.334 3.395 8.277  2.985  
40.420 2  AA_DC4DG5:DC1DG2_BB A 4 ? B 2 ? A 5 ? B 1 ? 
1 C DT 1 1_555 B DA 6 1_555 C DC 2 1_555 B DG 5 1_555 0.484  0.200  3.726 -1.157 4.664  33.377 -0.521 -1.050 3.701 8.068  2.002  
33.711 3  CC_DT1DC2:DG5DA6_BB C 1 ? B 6 ? C 2 ? B 5 ? 
1 C DC 2 1_555 B DG 5 1_555 C DC 3 1_555 B DG 4 1_555 0.276  -0.141 3.360 -0.335 3.625  33.581 -0.845 -0.530 3.324 6.252  0.578  
33.772 4  CC_DC2DC3:DG4DG5_BB C 2 ? B 5 ? C 3 ? B 4 ? 
1 C DC 3 1_555 B DG 4 1_555 C DG 4 1_555 F DC 5 1_555 -0.224 0.806  3.702 2.840  15.719 27.885 -1.933 1.019  3.599 29.732 -5.371 
32.057 5  CC_DC3DG4:DC5DG4_FB C 3 ? B 4 ? C 4 ? F 5 ? 
1 C DG 4 1_555 F DC 5 1_555 C DA 5 1_555 F DT 4 1_555 -0.373 1.239  3.007 -5.878 8.709  41.845 0.858  -0.052 3.212 11.968 8.078  
43.086 6  CC_DG4DA5:DT4DC5_FF C 4 ? F 5 ? C 5 ? F 4 ? 
1 C DA 5 1_555 F DT 4 1_555 E DG 4 1_555 F DC 3 1_555 -0.407 0.445  3.562 -3.712 5.573  27.137 -0.551 -0.137 3.603 11.652 7.762  
27.936 7  CE_DA5DG4:DC3DT4_FF C 5 ? F 4 ? E 4 ? F 3 ? 
1 E DG 4 1_555 F DC 3 1_555 E DG 5 1_555 F DC 2 1_555 0.042  -0.330 3.411 2.550  5.354  33.286 -1.465 0.354  3.314 9.256  -4.407 
33.795 8  EE_DG4DG5:DC2DC3_FF E 4 ? F 3 ? E 5 ? F 2 ? 
1 E DG 5 1_555 F DC 2 1_555 E DA 6 1_555 F DT 1 1_555 -0.097 0.752  3.448 2.237  -2.602 36.669 1.559  0.471  3.377 -4.125 -3.545 
36.824 9  EE_DG5DA6:DT1DC2_FF E 5 ? F 2 ? E 6 ? F 1 ? 
1 D DA 3 1_555 E DT 3 1_555 D DC 4 1_555 E DG 2 1_555 -0.785 -0.731 3.135 -1.975 3.781  22.785 -3.066 1.302  3.031 9.465  4.944  
23.176 10 DD_DA3DC4:DG2DT3_EE D 3 ? E 3 ? D 4 ? E 2 ? 
1 D DC 4 1_555 E DG 2 1_555 D DG 5 1_555 E DC 1 1_555 0.423  1.151  3.275 0.904  5.891  37.558 0.995  -0.531 3.419 9.080  -1.393 
38.011 11 DD_DC4DG5:DC1DG2_EE D 4 ? E 2 ? D 5 ? E 1 ? 
# 
loop_
_pdbx_audit_support.funding_organization 
_pdbx_audit_support.country 
_pdbx_audit_support.grant_number 
_pdbx_audit_support.ordinal 
'National Science Foundation (NSF, United States)' 'United States' CCF-2107393  1 
'National Science Foundation (NSF, United States)' 'United States' CCMI-2025187 2 
'National Science Foundation (NSF, United States)' 'United States' 2106790      3 
'National Science Foundation (NSF, United States)' 'United States' 2107267      4 
# 
_pdbx_initial_refinement_model.id               1 
_pdbx_initial_refinement_model.entity_id_list   ? 
_pdbx_initial_refinement_model.type             'experimental model' 
_pdbx_initial_refinement_model.source_name      PDB 
_pdbx_initial_refinement_model.accession_code   8EP8 
_pdbx_initial_refinement_model.details          'PDB entry 8EP8' 
# 
_pdbx_struct_assembly_auth_evidence.id                     1 
_pdbx_struct_assembly_auth_evidence.assembly_id            1 
_pdbx_struct_assembly_auth_evidence.experimental_support   'native gel electrophoresis' 
_pdbx_struct_assembly_auth_evidence.details                ? 
# 
_space_group.name_H-M_alt     'C 2 2 21' 
_space_group.name_Hall        'C 2c 2' 
_space_group.IT_number        20 
_space_group.crystal_system   orthorhombic 
_space_group.id               1 
# 
